data_9QAU
#
_entry.id   9QAU
#
_cell.length_a   73.288
_cell.length_b   77.627
_cell.length_c   83.151
_cell.angle_alpha   88.64
_cell.angle_beta   64.172
_cell.angle_gamma   74.828
#
_symmetry.space_group_name_H-M   'P 1'
#
loop_
_entity.id
_entity.type
_entity.pdbx_description
1 polymer 'Angiotensin-converting enzyme, soluble form'
2 branched 2-acetamido-2-deoxy-beta-D-glucopyranose-(1-4)-[alpha-L-fucopyranose-(1-6)]2-acetamido-2-deoxy-beta-D-glucopyranose
3 branched 2-acetamido-2-deoxy-beta-D-glucopyranose-(1-4)-2-acetamido-2-deoxy-beta-D-glucopyranose
4 non-polymer 'ZINC ION'
5 non-polymer 2-acetamido-2-deoxy-beta-D-glucopyranose
6 non-polymer 'TETRAETHYLENE GLYCOL'
7 non-polymer 1,2-ETHANEDIOL
8 non-polymer 'TRIETHYLENE GLYCOL'
9 non-polymer DI(HYDROXYETHYL)ETHER
10 non-polymer PERINDOPRILAT
11 non-polymer 'CHLORIDE ION'
12 water water
#
_entity_poly.entity_id   1
_entity_poly.type   'polypeptide(L)'
_entity_poly.pdbx_seq_one_letter_code
;LDPGLQPGQFSADEAGAQLFAQSYQSSAEQVLFQSVAASWAHDTNITAENARRQEEAALLSQEFAEAWGQKAKELYEPIW
QQFTDPQLRRIIGAVRTLGSANLPLAKRQQYNALLSQMSRIYSTAKVCLPNKTATCWSLDPDLTNILASSRSYAMLLFAW
EGWHNAAGIPLKPLYEDFTALSNEAYKQDGFTDTGAYWRSWYNSPTFEDDLEHLYQQLEPLYLNLHAFVRRALHRRYGDR
YINLRGPIPAHLLGDMWAQSWENIYDMVVPFPDKPNLDVTSTMLQQGWQATHMFRVAEEFFTSLELSPMPPEFWEGSMLE
KPADGREVVCHASAWDFYNRADFRIKQCTRVTMDQLSTVHHEMGHIQYYLQYKDLPVSLRRGANPGFHEAIGDVLALSVS
TPEHLHKIGLLDRVTNDTESDINYLLKMALEKIAFLPFGYLVDQWRWGVFSGRTPPSRYNFDWWYLRTKYQGICPPVTRN
ETHFDAGAKFHVPNVTPYIRYFVSFVLQFQFHEALCKEAGYEGPLHQCDIYRSTKAGAKLRKVLRAGSSRPWQEVLKDMV
GLDALDAQPLLKYFQLVTQWLQEQNQQNGEVLGWPEYQWHPPLPDNYP
;
_entity_poly.pdbx_strand_id   A,B
#
loop_
_chem_comp.id
_chem_comp.type
_chem_comp.name
_chem_comp.formula
CL non-polymer 'CHLORIDE ION' 'Cl -1'
EDO non-polymer 1,2-ETHANEDIOL 'C2 H6 O2'
FUC L-saccharide, alpha linking alpha-L-fucopyranose 'C6 H12 O5'
NAG D-saccharide, beta linking 2-acetamido-2-deoxy-beta-D-glucopyranose 'C8 H15 N O6'
PEG non-polymer DI(HYDROXYETHYL)ETHER 'C4 H10 O3'
PG4 non-polymer 'TETRAETHYLENE GLYCOL' 'C8 H18 O5'
PGE non-polymer 'TRIETHYLENE GLYCOL' 'C6 H14 O4'
X94 non-polymer PERINDOPRILAT 'C17 H28 N2 O5'
ZN non-polymer 'ZINC ION' 'Zn 2'
#
# COMPACT_ATOMS: atom_id res chain seq x y z
N LEU A 1 -6.25 -11.73 43.06
CA LEU A 1 -6.63 -10.32 43.23
C LEU A 1 -7.11 -10.20 44.67
N ASP A 2 -6.43 -9.34 45.43
CA ASP A 2 -6.84 -8.93 46.77
C ASP A 2 -8.36 -8.79 46.86
N PRO A 3 -9.00 -9.34 47.91
CA PRO A 3 -10.46 -9.24 48.08
C PRO A 3 -11.09 -7.86 47.90
N GLY A 4 -10.50 -6.82 48.53
CA GLY A 4 -10.98 -5.44 48.43
C GLY A 4 -10.96 -4.88 47.01
N LEU A 5 -10.26 -5.55 46.08
CA LEU A 5 -10.14 -5.06 44.72
C LEU A 5 -11.10 -5.80 43.77
N GLN A 6 -11.79 -6.82 44.28
CA GLN A 6 -12.59 -7.68 43.42
C GLN A 6 -14.01 -7.17 43.35
N PRO A 7 -14.74 -7.35 42.22
CA PRO A 7 -16.10 -6.84 42.08
C PRO A 7 -17.14 -7.62 42.87
N GLY A 8 -18.09 -6.91 43.46
CA GLY A 8 -19.20 -7.56 44.14
C GLY A 8 -20.36 -7.77 43.17
N GLN A 9 -21.54 -7.69 43.73
CA GLN A 9 -22.77 -7.89 43.00
C GLN A 9 -23.41 -6.55 42.67
N PHE A 10 -24.05 -6.49 41.50
CA PHE A 10 -24.77 -5.33 41.00
C PHE A 10 -25.92 -5.84 40.13
N SER A 11 -27.07 -5.18 40.21
CA SER A 11 -28.22 -5.56 39.40
C SER A 11 -27.89 -5.27 37.94
N ALA A 12 -28.63 -5.92 37.02
CA ALA A 12 -28.34 -5.86 35.59
C ALA A 12 -29.18 -4.79 34.86
N ASP A 13 -28.84 -3.51 35.11
CA ASP A 13 -29.64 -2.36 34.73
C ASP A 13 -28.78 -1.12 34.99
N GLU A 14 -29.24 0.04 34.52
CA GLU A 14 -28.39 1.22 34.50
C GLU A 14 -28.04 1.66 35.93
N ALA A 15 -28.95 1.39 36.87
CA ALA A 15 -28.80 1.86 38.24
C ALA A 15 -27.66 1.09 38.92
N GLY A 16 -27.63 -0.23 38.74
CA GLY A 16 -26.51 -1.06 39.16
C GLY A 16 -25.18 -0.67 38.51
N ALA A 17 -25.21 -0.38 37.20
CA ALA A 17 -23.99 0.00 36.48
C ALA A 17 -23.37 1.30 37.07
N GLN A 18 -24.22 2.22 37.55
CA GLN A 18 -23.72 3.43 38.20
C GLN A 18 -23.00 3.04 39.49
N LEU A 19 -23.59 2.14 40.30
CA LEU A 19 -22.94 1.66 41.52
C LEU A 19 -21.67 0.89 41.12
N PHE A 20 -21.74 0.09 40.05
CA PHE A 20 -20.58 -0.66 39.59
C PHE A 20 -19.41 0.27 39.27
N ALA A 21 -19.70 1.32 38.50
CA ALA A 21 -18.67 2.22 38.05
C ALA A 21 -18.03 2.92 39.27
N GLN A 22 -18.81 3.24 40.29
CA GLN A 22 -18.28 3.87 41.49
C GLN A 22 -17.41 2.89 42.30
N SER A 23 -17.87 1.67 42.52
CA SER A 23 -17.04 0.67 43.14
C SER A 23 -15.74 0.45 42.34
N TYR A 24 -15.84 0.42 41.00
CA TYR A 24 -14.68 0.23 40.14
C TYR A 24 -13.61 1.29 40.40
N GLN A 25 -14.09 2.54 40.56
CA GLN A 25 -13.24 3.71 40.64
C GLN A 25 -12.53 3.74 42.00
N SER A 26 -13.17 3.25 43.06
CA SER A 26 -12.44 3.06 44.30
C SER A 26 -11.17 2.22 44.04
N SER A 27 -11.35 1.07 43.40
CA SER A 27 -10.29 0.08 43.38
C SER A 27 -9.34 0.33 42.21
N ALA A 28 -9.83 0.92 41.13
CA ALA A 28 -9.02 1.19 39.96
C ALA A 28 -7.87 2.14 40.28
N GLU A 29 -8.07 3.14 41.17
CA GLU A 29 -7.05 4.15 41.37
C GLU A 29 -5.83 3.51 42.05
N GLN A 30 -6.12 2.58 42.94
CA GLN A 30 -5.09 1.87 43.67
C GLN A 30 -4.25 1.04 42.70
N VAL A 31 -4.95 0.47 41.71
CA VAL A 31 -4.35 -0.49 40.79
C VAL A 31 -3.54 0.29 39.75
N LEU A 32 -4.13 1.33 39.18
CA LEU A 32 -3.39 2.25 38.33
C LEU A 32 -2.16 2.82 39.07
N PHE A 33 -2.35 3.28 40.31
CA PHE A 33 -1.25 3.89 41.04
C PHE A 33 -0.09 2.89 41.10
N GLN A 34 -0.35 1.63 41.52
CA GLN A 34 0.75 0.70 41.74
C GLN A 34 1.47 0.41 40.41
N SER A 35 0.73 0.40 39.33
CA SER A 35 1.27 0.13 38.02
C SER A 35 2.17 1.29 37.56
N VAL A 36 1.63 2.50 37.61
CA VAL A 36 2.39 3.69 37.25
C VAL A 36 3.62 3.82 38.15
N ALA A 37 3.47 3.51 39.45
CA ALA A 37 4.57 3.68 40.38
C ALA A 37 5.71 2.72 40.05
N ALA A 38 5.38 1.48 39.75
CA ALA A 38 6.38 0.50 39.33
C ALA A 38 7.00 0.87 37.99
N SER A 39 6.22 1.37 37.03
CA SER A 39 6.81 1.85 35.78
C SER A 39 7.77 3.03 36.01
N TRP A 40 7.39 3.91 36.93
CA TRP A 40 8.24 5.06 37.22
C TRP A 40 9.55 4.59 37.78
N ALA A 41 9.48 3.64 38.73
CA ALA A 41 10.64 3.14 39.41
C ALA A 41 11.56 2.47 38.42
N HIS A 42 11.00 1.79 37.43
CA HIS A 42 11.81 1.18 36.38
C HIS A 42 12.44 2.24 35.48
N ASP A 43 11.60 3.10 34.93
CA ASP A 43 12.03 4.04 33.90
C ASP A 43 13.00 5.12 34.43
N THR A 44 13.07 5.38 35.75
CA THR A 44 14.03 6.31 36.29
C THR A 44 15.23 5.56 36.87
N ASN A 45 15.31 4.24 36.65
CA ASN A 45 16.31 3.37 37.30
C ASN A 45 16.18 1.97 36.69
N ILE A 46 16.69 1.79 35.47
CA ILE A 46 16.52 0.54 34.74
C ILE A 46 17.44 -0.51 35.36
N THR A 47 16.84 -1.43 36.12
CA THR A 47 17.52 -2.62 36.62
C THR A 47 16.63 -3.84 36.39
N ALA A 48 17.27 -5.01 36.45
CA ALA A 48 16.57 -6.28 36.30
C ALA A 48 15.47 -6.40 37.36
N GLU A 49 15.77 -5.97 38.57
CA GLU A 49 14.84 -6.09 39.68
C GLU A 49 13.65 -5.16 39.48
N ASN A 50 13.88 -3.95 38.97
CA ASN A 50 12.79 -3.03 38.77
C ASN A 50 11.90 -3.56 37.65
N ALA A 51 12.49 -4.18 36.62
CA ALA A 51 11.69 -4.73 35.53
C ALA A 51 10.78 -5.84 36.06
N ARG A 52 11.34 -6.67 36.96
CA ARG A 52 10.58 -7.74 37.58
C ARG A 52 9.38 -7.16 38.33
N ARG A 53 9.59 -6.12 39.14
CA ARG A 53 8.49 -5.50 39.88
C ARG A 53 7.43 -4.95 38.94
N GLN A 54 7.88 -4.38 37.84
CA GLN A 54 6.98 -3.76 36.91
C GLN A 54 6.12 -4.84 36.27
N GLU A 55 6.74 -5.98 35.94
CA GLU A 55 6.04 -7.11 35.35
C GLU A 55 4.96 -7.61 36.29
N GLU A 56 5.29 -7.73 37.60
CA GLU A 56 4.33 -8.16 38.60
C GLU A 56 3.17 -7.17 38.70
N ALA A 57 3.46 -5.87 38.64
CA ALA A 57 2.42 -4.86 38.73
C ALA A 57 1.51 -4.92 37.51
N ALA A 58 2.11 -5.11 36.33
CA ALA A 58 1.31 -5.18 35.12
C ALA A 58 0.38 -6.37 35.21
N LEU A 59 0.89 -7.48 35.77
CA LEU A 59 0.15 -8.72 35.93
C LEU A 59 -1.05 -8.50 36.84
N LEU A 60 -0.83 -7.77 37.94
CA LEU A 60 -1.91 -7.40 38.84
C LEU A 60 -2.95 -6.54 38.08
N SER A 61 -2.51 -5.59 37.24
CA SER A 61 -3.45 -4.79 36.48
C SER A 61 -4.32 -5.68 35.62
N GLN A 62 -3.72 -6.69 35.00
CA GLN A 62 -4.47 -7.59 34.13
C GLN A 62 -5.51 -8.39 34.91
N GLU A 63 -5.14 -8.84 36.10
CA GLU A 63 -6.07 -9.62 36.91
C GLU A 63 -7.27 -8.74 37.26
N PHE A 64 -6.95 -7.49 37.66
CA PHE A 64 -7.95 -6.47 37.93
C PHE A 64 -8.88 -6.31 36.72
N ALA A 65 -8.30 -6.03 35.55
CA ALA A 65 -9.10 -5.70 34.37
C ALA A 65 -9.93 -6.88 33.93
N GLU A 66 -9.40 -8.09 34.08
CA GLU A 66 -10.15 -9.28 33.76
C GLU A 66 -11.35 -9.42 34.70
N ALA A 67 -11.14 -9.30 36.00
CA ALA A 67 -12.24 -9.55 36.91
C ALA A 67 -13.38 -8.53 36.66
N TRP A 68 -13.02 -7.25 36.51
CA TRP A 68 -14.01 -6.17 36.38
C TRP A 68 -14.58 -6.14 34.97
N GLY A 69 -13.73 -6.40 33.96
CA GLY A 69 -14.17 -6.64 32.59
C GLY A 69 -15.20 -7.74 32.43
N GLN A 70 -14.93 -8.93 32.96
CA GLN A 70 -15.84 -10.07 32.84
C GLN A 70 -17.10 -9.86 33.65
N LYS A 71 -17.05 -9.09 34.74
CA LYS A 71 -18.27 -8.79 35.47
C LYS A 71 -19.10 -7.79 34.65
N ALA A 72 -18.44 -6.80 34.04
CA ALA A 72 -19.14 -5.80 33.24
C ALA A 72 -19.89 -6.49 32.10
N LYS A 73 -19.22 -7.42 31.43
CA LYS A 73 -19.84 -8.24 30.39
C LYS A 73 -20.98 -9.06 30.95
N GLU A 74 -20.75 -9.79 32.03
CA GLU A 74 -21.76 -10.68 32.62
C GLU A 74 -23.09 -9.95 32.84
N LEU A 75 -23.03 -8.69 33.28
CA LEU A 75 -24.20 -7.94 33.77
C LEU A 75 -24.75 -6.95 32.73
N TYR A 76 -23.89 -6.41 31.85
CA TYR A 76 -24.28 -5.27 31.04
C TYR A 76 -23.99 -5.47 29.55
N GLU A 77 -23.68 -6.71 29.12
CA GLU A 77 -23.30 -6.93 27.73
C GLU A 77 -24.42 -6.45 26.83
N PRO A 78 -25.68 -6.85 27.05
CA PRO A 78 -26.74 -6.54 26.10
C PRO A 78 -27.30 -5.11 26.12
N ILE A 79 -26.86 -4.26 27.05
CA ILE A 79 -27.70 -3.15 27.47
C ILE A 79 -26.90 -1.89 27.75
N TRP A 80 -25.56 -1.96 27.78
CA TRP A 80 -24.78 -0.79 28.14
C TRP A 80 -24.91 0.27 27.05
N GLN A 81 -25.21 -0.16 25.82
CA GLN A 81 -25.13 0.73 24.68
C GLN A 81 -26.37 1.62 24.65
N GLN A 82 -27.45 1.19 25.35
CA GLN A 82 -28.71 1.91 25.43
C GLN A 82 -28.87 2.69 26.75
N PHE A 83 -27.80 2.77 27.57
CA PHE A 83 -27.84 3.57 28.80
C PHE A 83 -28.09 5.05 28.47
N THR A 84 -28.94 5.69 29.26
CA THR A 84 -29.32 7.10 29.10
C THR A 84 -28.12 8.01 29.40
N ASP A 85 -27.25 7.54 30.29
CA ASP A 85 -26.16 8.36 30.78
C ASP A 85 -24.99 8.19 29.85
N PRO A 86 -24.62 9.23 29.07
CA PRO A 86 -23.50 9.09 28.12
C PRO A 86 -22.15 8.83 28.78
N GLN A 87 -21.90 9.45 29.93
CA GLN A 87 -20.66 9.29 30.64
C GLN A 87 -20.53 7.84 31.10
N LEU A 88 -21.62 7.30 31.65
CA LEU A 88 -21.67 5.91 32.09
C LEU A 88 -21.46 4.91 30.94
N ARG A 89 -22.04 5.15 29.75
CA ARG A 89 -21.74 4.26 28.62
C ARG A 89 -20.25 4.29 28.29
N ARG A 90 -19.63 5.46 28.38
CA ARG A 90 -18.19 5.56 28.09
C ARG A 90 -17.38 4.80 29.13
N ILE A 91 -17.84 4.86 30.40
CA ILE A 91 -17.12 4.16 31.46
C ILE A 91 -17.26 2.65 31.23
N ILE A 92 -18.49 2.19 30.99
CA ILE A 92 -18.71 0.74 30.87
C ILE A 92 -18.00 0.21 29.64
N GLY A 93 -18.05 0.95 28.55
CA GLY A 93 -17.38 0.59 27.30
C GLY A 93 -15.87 0.41 27.50
N ALA A 94 -15.21 1.27 28.28
CA ALA A 94 -13.79 1.15 28.58
C ALA A 94 -13.53 -0.10 29.43
N VAL A 95 -14.30 -0.31 30.51
CA VAL A 95 -14.05 -1.39 31.46
C VAL A 95 -14.20 -2.77 30.79
N ARG A 96 -15.14 -2.87 29.84
CA ARG A 96 -15.45 -4.11 29.10
C ARG A 96 -14.33 -4.50 28.11
N THR A 97 -13.46 -3.56 27.72
CA THR A 97 -12.36 -3.86 26.81
C THR A 97 -11.20 -4.39 27.64
N LEU A 98 -10.81 -5.65 27.41
CA LEU A 98 -9.88 -6.32 28.31
C LEU A 98 -8.45 -6.15 27.83
N GLY A 99 -8.26 -6.00 26.53
CA GLY A 99 -6.91 -5.93 25.98
C GLY A 99 -6.09 -7.20 26.28
N SER A 100 -4.85 -6.96 26.73
CA SER A 100 -3.90 -7.98 27.08
C SER A 100 -4.41 -8.87 28.21
N ALA A 101 -5.46 -8.43 28.92
CA ALA A 101 -6.06 -9.25 29.97
C ALA A 101 -6.90 -10.37 29.39
N ASN A 102 -7.17 -10.36 28.09
CA ASN A 102 -7.83 -11.48 27.44
C ASN A 102 -6.87 -12.63 27.25
N LEU A 103 -5.56 -12.37 27.28
CA LEU A 103 -4.62 -13.47 27.09
C LEU A 103 -4.63 -14.40 28.31
N PRO A 104 -4.48 -15.73 28.13
CA PRO A 104 -4.25 -16.62 29.28
C PRO A 104 -2.93 -16.27 29.98
N LEU A 105 -2.78 -16.69 31.23
CA LEU A 105 -1.71 -16.22 32.13
C LEU A 105 -0.32 -16.36 31.50
N ALA A 106 0.01 -17.51 30.94
CA ALA A 106 1.35 -17.73 30.38
C ALA A 106 1.61 -16.71 29.26
N LYS A 107 0.61 -16.37 28.47
CA LYS A 107 0.82 -15.41 27.41
C LYS A 107 0.83 -13.99 27.95
N ARG A 108 0.11 -13.72 29.04
CA ARG A 108 0.24 -12.45 29.73
C ARG A 108 1.66 -12.23 30.19
N GLN A 109 2.31 -13.23 30.79
CA GLN A 109 3.68 -13.09 31.22
C GLN A 109 4.59 -12.84 30.02
N GLN A 110 4.41 -13.58 28.94
CA GLN A 110 5.23 -13.39 27.74
C GLN A 110 5.06 -11.97 27.21
N TYR A 111 3.82 -11.45 27.18
CA TYR A 111 3.52 -10.12 26.68
C TYR A 111 4.21 -9.04 27.54
N ASN A 112 4.04 -9.17 28.86
CA ASN A 112 4.60 -8.26 29.84
C ASN A 112 6.12 -8.25 29.75
N ALA A 113 6.75 -9.42 29.57
CA ALA A 113 8.20 -9.52 29.41
C ALA A 113 8.68 -8.95 28.09
N LEU A 114 7.88 -9.08 27.01
CA LEU A 114 8.30 -8.48 25.76
C LEU A 114 8.30 -6.95 25.90
N LEU A 115 7.24 -6.36 26.47
CA LEU A 115 7.21 -4.93 26.64
C LEU A 115 8.45 -4.47 27.41
N SER A 116 8.78 -5.20 28.46
CA SER A 116 9.87 -4.85 29.36
C SER A 116 11.21 -5.00 28.67
N GLN A 117 11.42 -6.07 27.88
CA GLN A 117 12.67 -6.28 27.18
C GLN A 117 12.83 -5.30 26.03
N MET A 118 11.74 -5.00 25.30
CA MET A 118 11.84 -4.04 24.20
C MET A 118 12.20 -2.64 24.73
N SER A 119 11.61 -2.24 25.84
CA SER A 119 11.89 -0.97 26.49
C SER A 119 13.37 -0.88 26.85
N ARG A 120 13.89 -1.94 27.45
CA ARG A 120 15.26 -2.01 27.90
C ARG A 120 16.20 -1.86 26.70
N ILE A 121 15.93 -2.56 25.59
CA ILE A 121 16.87 -2.55 24.49
C ILE A 121 16.97 -1.14 23.92
N TYR A 122 15.84 -0.45 23.83
CA TYR A 122 15.81 0.86 23.23
C TYR A 122 16.61 1.83 24.12
N SER A 123 16.32 1.80 25.43
CA SER A 123 16.79 2.83 26.33
C SER A 123 18.23 2.57 26.80
N THR A 124 18.77 1.36 26.58
CA THR A 124 20.13 1.10 26.98
C THR A 124 21.07 0.94 25.78
N ALA A 125 20.57 1.04 24.54
CA ALA A 125 21.44 0.78 23.39
C ALA A 125 22.53 1.85 23.33
N LYS A 126 23.71 1.47 22.83
CA LYS A 126 24.89 2.31 22.78
C LYS A 126 25.54 2.22 21.41
N VAL A 127 26.21 3.29 20.99
CA VAL A 127 27.12 3.21 19.84
C VAL A 127 28.55 3.32 20.36
N CYS A 128 29.42 2.41 19.94
CA CYS A 128 30.74 2.33 20.54
C CYS A 128 31.84 2.71 19.55
N LEU A 129 33.08 2.88 20.06
CA LEU A 129 34.31 2.89 19.27
C LEU A 129 34.29 4.15 18.40
N THR A 135 34.32 3.06 25.39
CA THR A 135 33.87 4.47 25.24
C THR A 135 32.68 4.50 24.27
N CYS A 136 31.48 4.81 24.81
CA CYS A 136 30.23 4.49 24.14
C CYS A 136 29.28 5.67 24.22
N TRP A 137 28.65 6.03 23.10
CA TRP A 137 27.71 7.14 23.08
C TRP A 137 26.30 6.64 23.35
N SER A 138 25.56 7.42 24.13
CA SER A 138 24.15 7.19 24.36
C SER A 138 23.33 8.02 23.36
N LEU A 139 22.05 7.69 23.22
CA LEU A 139 21.20 8.43 22.31
C LEU A 139 21.07 9.86 22.79
N ASP A 140 20.78 9.99 24.08
CA ASP A 140 20.51 11.25 24.72
C ASP A 140 21.48 11.39 25.89
N PRO A 141 22.47 12.32 25.87
CA PRO A 141 22.58 13.36 24.85
C PRO A 141 23.49 13.21 23.63
N ASP A 142 24.37 12.20 23.63
CA ASP A 142 25.51 12.19 22.74
C ASP A 142 25.13 12.18 21.25
N LEU A 143 24.30 11.22 20.83
CA LEU A 143 23.97 11.10 19.42
C LEU A 143 23.03 12.24 19.03
N THR A 144 22.10 12.59 19.93
CA THR A 144 21.21 13.71 19.71
C THR A 144 22.05 14.93 19.34
N ASN A 145 23.10 15.20 20.14
CA ASN A 145 23.91 16.39 19.98
C ASN A 145 24.64 16.33 18.64
N ILE A 146 25.18 15.17 18.30
CA ILE A 146 25.85 15.01 17.02
C ILE A 146 24.89 15.26 15.84
N LEU A 147 23.70 14.67 15.86
CA LEU A 147 22.75 14.83 14.77
C LEU A 147 22.36 16.30 14.65
N ALA A 148 22.29 17.01 15.80
CA ALA A 148 21.87 18.41 15.86
C ALA A 148 22.93 19.37 15.29
N SER A 149 24.21 19.14 15.55
CA SER A 149 25.20 20.19 15.42
C SER A 149 26.45 19.79 14.61
N SER A 150 26.70 18.49 14.39
CA SER A 150 27.74 18.09 13.47
C SER A 150 27.30 18.36 12.03
N ARG A 151 28.23 18.91 11.24
CA ARG A 151 28.02 19.16 9.82
C ARG A 151 29.05 18.37 9.02
N SER A 152 29.55 17.31 9.66
CA SER A 152 30.45 16.37 9.02
C SER A 152 29.65 15.18 8.50
N TYR A 153 29.65 14.99 7.18
CA TYR A 153 28.87 13.93 6.58
C TYR A 153 29.20 12.59 7.25
N ALA A 154 30.50 12.31 7.47
CA ALA A 154 30.98 11.03 7.99
C ALA A 154 30.58 10.81 9.45
N MET A 155 30.63 11.88 10.24
CA MET A 155 30.31 11.80 11.66
C MET A 155 28.82 11.54 11.85
N LEU A 156 28.01 12.24 11.05
CA LEU A 156 26.57 12.09 11.11
C LEU A 156 26.18 10.68 10.68
N LEU A 157 26.91 10.11 9.72
CA LEU A 157 26.60 8.81 9.20
C LEU A 157 26.94 7.78 10.28
N PHE A 158 28.10 7.93 10.90
CA PHE A 158 28.51 7.03 11.96
C PHE A 158 27.44 6.98 13.05
N ALA A 159 26.91 8.15 13.45
CA ALA A 159 25.89 8.18 14.49
C ALA A 159 24.57 7.54 14.02
N TRP A 160 24.13 7.89 12.79
CA TRP A 160 22.88 7.40 12.22
C TRP A 160 22.87 5.87 12.09
N GLU A 161 23.88 5.33 11.44
CA GLU A 161 24.02 3.90 11.21
C GLU A 161 24.22 3.17 12.53
N GLY A 162 25.09 3.74 13.38
CA GLY A 162 25.38 3.13 14.67
C GLY A 162 24.10 2.97 15.50
N TRP A 163 23.29 4.04 15.57
CA TRP A 163 22.07 3.98 16.34
C TRP A 163 21.05 3.00 15.73
N HIS A 164 20.81 3.11 14.41
CA HIS A 164 19.83 2.23 13.74
C HIS A 164 20.22 0.78 13.93
N ASN A 165 21.50 0.46 13.80
CA ASN A 165 21.99 -0.90 13.99
C ASN A 165 21.83 -1.35 15.45
N ALA A 166 22.24 -0.51 16.40
CA ALA A 166 22.29 -0.91 17.79
C ALA A 166 20.88 -1.14 18.34
N ALA A 167 19.93 -0.28 18.00
CA ALA A 167 18.60 -0.37 18.59
C ALA A 167 17.71 -1.30 17.78
N GLY A 168 17.79 -1.24 16.45
CA GLY A 168 16.81 -1.91 15.59
C GLY A 168 16.98 -3.42 15.53
N ILE A 169 18.22 -3.86 15.29
CA ILE A 169 18.51 -5.25 14.98
C ILE A 169 18.03 -6.17 16.09
N PRO A 170 18.40 -5.98 17.37
CA PRO A 170 17.94 -6.89 18.44
C PRO A 170 16.44 -6.81 18.77
N LEU A 171 15.77 -5.72 18.38
CA LEU A 171 14.35 -5.59 18.63
C LEU A 171 13.53 -6.50 17.72
N LYS A 172 14.07 -6.85 16.54
CA LYS A 172 13.20 -7.40 15.50
C LYS A 172 12.47 -8.65 16.01
N PRO A 173 13.16 -9.70 16.52
CA PRO A 173 12.46 -10.92 16.93
C PRO A 173 11.41 -10.66 17.99
N LEU A 174 11.66 -9.74 18.92
CA LEU A 174 10.72 -9.42 19.98
C LEU A 174 9.46 -8.73 19.44
N TYR A 175 9.63 -7.84 18.47
CA TYR A 175 8.51 -7.09 17.95
C TYR A 175 7.53 -7.99 17.20
N GLU A 176 8.06 -9.00 16.51
CA GLU A 176 7.24 -9.98 15.83
C GLU A 176 6.35 -10.72 16.84
N ASP A 177 6.93 -11.13 17.98
CA ASP A 177 6.20 -11.89 18.98
C ASP A 177 5.16 -11.01 19.68
N PHE A 178 5.54 -9.75 19.92
CA PHE A 178 4.65 -8.77 20.50
C PHE A 178 3.44 -8.58 19.58
N THR A 179 3.65 -8.41 18.28
CA THR A 179 2.56 -8.12 17.36
C THR A 179 1.52 -9.24 17.37
N ALA A 180 2.01 -10.49 17.31
CA ALA A 180 1.13 -11.65 17.36
C ALA A 180 0.31 -11.69 18.66
N LEU A 181 0.94 -11.43 19.82
CA LEU A 181 0.24 -11.48 21.10
C LEU A 181 -0.76 -10.33 21.20
N SER A 182 -0.38 -9.16 20.75
CA SER A 182 -1.25 -8.00 20.85
C SER A 182 -2.51 -8.24 20.04
N ASN A 183 -2.36 -8.80 18.83
CA ASN A 183 -3.47 -9.06 17.93
C ASN A 183 -4.39 -10.09 18.53
N GLU A 184 -3.84 -11.17 19.09
CA GLU A 184 -4.61 -12.21 19.74
C GLU A 184 -5.43 -11.64 20.89
N ALA A 185 -4.85 -10.74 21.66
CA ALA A 185 -5.54 -10.08 22.76
C ALA A 185 -6.75 -9.27 22.27
N TYR A 186 -6.54 -8.35 21.32
CA TYR A 186 -7.58 -7.44 20.90
C TYR A 186 -8.61 -8.13 20.02
N LYS A 187 -8.28 -9.29 19.43
CA LYS A 187 -9.24 -9.98 18.60
C LYS A 187 -10.37 -10.54 19.45
N GLN A 188 -10.11 -10.83 20.74
CA GLN A 188 -11.12 -11.27 21.70
C GLN A 188 -12.02 -10.12 22.15
N ASP A 189 -11.59 -8.89 21.97
CA ASP A 189 -12.45 -7.74 22.22
C ASP A 189 -13.28 -7.42 20.97
N GLY A 190 -13.14 -8.18 19.89
CA GLY A 190 -13.94 -7.96 18.69
C GLY A 190 -13.26 -7.14 17.59
N PHE A 191 -12.01 -6.71 17.75
CA PHE A 191 -11.30 -5.99 16.71
C PHE A 191 -10.56 -6.93 15.78
N THR A 192 -10.49 -6.54 14.50
CA THR A 192 -9.81 -7.34 13.49
C THR A 192 -8.30 -7.42 13.80
N ASP A 193 -7.74 -6.35 14.40
CA ASP A 193 -6.35 -6.32 14.76
C ASP A 193 -6.13 -5.13 15.68
N THR A 194 -4.96 -5.08 16.29
CA THR A 194 -4.65 -4.05 17.26
C THR A 194 -4.82 -2.63 16.67
N GLY A 195 -4.41 -2.45 15.42
CA GLY A 195 -4.50 -1.18 14.73
C GLY A 195 -5.94 -0.67 14.65
N ALA A 196 -6.88 -1.58 14.45
CA ALA A 196 -8.28 -1.27 14.39
C ALA A 196 -8.76 -0.78 15.74
N TYR A 197 -8.21 -1.35 16.82
CA TYR A 197 -8.54 -0.83 18.16
C TYR A 197 -7.98 0.58 18.33
N TRP A 198 -6.73 0.79 17.95
CA TRP A 198 -6.10 2.10 18.10
C TRP A 198 -6.90 3.18 17.37
N ARG A 199 -7.35 2.87 16.17
CA ARG A 199 -8.14 3.77 15.36
C ARG A 199 -9.53 4.03 15.96
N SER A 200 -10.09 3.07 16.72
CA SER A 200 -11.42 3.23 17.26
C SER A 200 -11.49 4.43 18.23
N TRP A 201 -10.35 4.85 18.81
CA TRP A 201 -10.32 6.01 19.70
C TRP A 201 -10.82 7.30 19.06
N TYR A 202 -10.82 7.42 17.73
CA TYR A 202 -11.19 8.65 17.06
C TYR A 202 -12.68 8.66 16.76
N ASN A 203 -13.32 7.50 16.96
CA ASN A 203 -14.75 7.37 16.84
C ASN A 203 -15.29 8.02 15.55
N SER A 204 -14.64 7.69 14.44
CA SER A 204 -14.95 8.27 13.15
C SER A 204 -14.92 7.16 12.09
N PRO A 205 -16.03 6.88 11.40
CA PRO A 205 -15.99 5.79 10.41
C PRO A 205 -15.05 6.09 9.24
N THR A 206 -14.84 7.35 8.86
CA THR A 206 -14.00 7.65 7.70
C THR A 206 -12.63 8.22 8.13
N PHE A 207 -12.08 7.78 9.27
CA PHE A 207 -10.83 8.32 9.81
C PHE A 207 -9.70 8.30 8.78
N GLU A 208 -9.47 7.13 8.16
CA GLU A 208 -8.34 6.98 7.25
C GLU A 208 -8.45 7.88 6.01
N ASP A 209 -9.66 7.98 5.46
CA ASP A 209 -9.92 8.86 4.33
C ASP A 209 -9.77 10.34 4.72
N ASP A 210 -10.30 10.70 5.89
CA ASP A 210 -10.22 12.07 6.36
C ASP A 210 -8.76 12.51 6.49
N LEU A 211 -7.89 11.62 7.00
CA LEU A 211 -6.48 11.90 7.18
C LEU A 211 -5.80 12.03 5.84
N GLU A 212 -6.15 11.14 4.88
CA GLU A 212 -5.58 11.20 3.55
C GLU A 212 -5.97 12.51 2.87
N HIS A 213 -7.18 13.04 3.14
CA HIS A 213 -7.63 14.29 2.50
C HIS A 213 -6.88 15.48 3.08
N LEU A 214 -6.56 15.44 4.38
CA LEU A 214 -5.75 16.46 5.03
C LEU A 214 -4.36 16.47 4.44
N TYR A 215 -3.76 15.28 4.34
CA TYR A 215 -2.41 15.16 3.84
C TYR A 215 -2.31 15.72 2.40
N GLN A 216 -3.33 15.47 1.56
CA GLN A 216 -3.35 16.01 0.20
C GLN A 216 -3.24 17.53 0.19
N GLN A 217 -3.93 18.25 1.09
CA GLN A 217 -3.83 19.70 1.16
C GLN A 217 -2.45 20.19 1.62
N LEU A 218 -1.79 19.38 2.45
CA LEU A 218 -0.57 19.80 3.13
C LEU A 218 0.67 19.45 2.32
N GLU A 219 0.53 18.43 1.47
CA GLU A 219 1.68 17.88 0.78
C GLU A 219 2.44 18.94 -0.01
N PRO A 220 1.80 19.83 -0.79
CA PRO A 220 2.55 20.85 -1.55
C PRO A 220 3.48 21.69 -0.66
N LEU A 221 3.06 21.96 0.57
CA LEU A 221 3.84 22.79 1.50
C LEU A 221 5.13 22.05 1.81
N TYR A 222 4.96 20.76 2.10
CA TYR A 222 6.10 19.91 2.38
C TYR A 222 7.01 19.81 1.18
N LEU A 223 6.46 19.60 -0.02
CA LEU A 223 7.29 19.40 -1.20
C LEU A 223 8.16 20.64 -1.43
N ASN A 224 7.59 21.83 -1.26
CA ASN A 224 8.34 23.07 -1.43
C ASN A 224 9.40 23.28 -0.35
N LEU A 225 9.08 22.94 0.89
CA LEU A 225 10.07 23.08 1.95
C LEU A 225 11.25 22.14 1.67
N HIS A 226 10.90 20.87 1.36
CA HIS A 226 11.89 19.86 1.02
C HIS A 226 12.84 20.33 -0.06
N ALA A 227 12.30 20.83 -1.14
CA ALA A 227 13.13 21.27 -2.27
C ALA A 227 14.11 22.38 -1.86
N PHE A 228 13.61 23.32 -1.06
CA PHE A 228 14.38 24.50 -0.67
C PHE A 228 15.53 24.06 0.22
N VAL A 229 15.21 23.20 1.18
CA VAL A 229 16.21 22.65 2.08
C VAL A 229 17.21 21.78 1.31
N ARG A 230 16.72 20.98 0.34
CA ARG A 230 17.64 20.12 -0.39
C ARG A 230 18.70 20.96 -1.08
N ARG A 231 18.27 22.09 -1.65
CA ARG A 231 19.17 23.00 -2.32
C ARG A 231 20.25 23.54 -1.38
N ALA A 232 19.84 23.87 -0.14
CA ALA A 232 20.78 24.45 0.81
C ALA A 232 21.82 23.40 1.16
N LEU A 233 21.36 22.15 1.32
CA LEU A 233 22.24 21.04 1.66
C LEU A 233 23.21 20.78 0.53
N HIS A 234 22.73 20.94 -0.71
CA HIS A 234 23.55 20.71 -1.89
C HIS A 234 24.72 21.71 -1.87
N ARG A 235 24.42 22.99 -1.60
CA ARG A 235 25.44 24.02 -1.50
C ARG A 235 26.47 23.67 -0.42
N ARG A 236 26.08 22.96 0.63
CA ARG A 236 27.01 22.61 1.70
C ARG A 236 27.77 21.34 1.37
N TYR A 237 27.06 20.30 0.93
CA TYR A 237 27.59 18.95 1.00
C TYR A 237 28.11 18.51 -0.36
N GLY A 238 27.65 19.17 -1.43
CA GLY A 238 28.13 18.88 -2.77
C GLY A 238 27.27 17.82 -3.48
N ASP A 239 27.61 17.66 -4.75
CA ASP A 239 26.84 16.92 -5.73
C ASP A 239 27.00 15.42 -5.51
N ARG A 240 28.05 15.00 -4.83
CA ARG A 240 28.27 13.59 -4.56
C ARG A 240 27.27 13.08 -3.51
N TYR A 241 26.95 13.91 -2.52
CA TYR A 241 26.16 13.43 -1.40
C TYR A 241 24.73 13.92 -1.45
N ILE A 242 24.45 14.89 -2.32
CA ILE A 242 23.11 15.46 -2.46
C ILE A 242 22.74 15.46 -3.93
N ASN A 243 21.58 14.86 -4.19
CA ASN A 243 21.01 14.75 -5.52
C ASN A 243 19.81 15.68 -5.55
N LEU A 244 19.91 16.69 -6.42
CA LEU A 244 18.89 17.68 -6.58
C LEU A 244 17.59 17.13 -7.18
N ARG A 245 17.57 15.88 -7.64
CA ARG A 245 16.32 15.28 -8.10
C ARG A 245 15.98 14.02 -7.34
N GLY A 246 16.70 13.78 -6.23
CA GLY A 246 16.56 12.56 -5.48
C GLY A 246 16.21 12.82 -4.02
N PRO A 247 15.95 11.76 -3.24
CA PRO A 247 15.65 11.93 -1.83
C PRO A 247 16.89 12.42 -1.08
N ILE A 248 16.64 13.06 0.07
CA ILE A 248 17.70 13.62 0.89
C ILE A 248 18.21 12.52 1.80
N PRO A 249 19.54 12.30 1.90
CA PRO A 249 20.08 11.35 2.88
C PRO A 249 19.57 11.62 4.28
N ALA A 250 19.10 10.55 4.98
CA ALA A 250 18.22 10.70 6.14
C ALA A 250 18.94 11.22 7.40
N HIS A 251 20.25 11.38 7.33
CA HIS A 251 21.04 11.75 8.49
C HIS A 251 21.44 13.23 8.47
N LEU A 252 20.92 14.04 7.53
CA LEU A 252 21.44 15.38 7.32
C LEU A 252 20.46 16.46 7.79
N LEU A 253 19.36 16.10 8.46
CA LEU A 253 18.31 17.07 8.68
C LEU A 253 18.19 17.47 10.16
N GLY A 254 19.17 17.11 11.01
CA GLY A 254 19.31 17.71 12.33
C GLY A 254 18.77 16.84 13.46
N ASP A 255 18.28 15.66 13.09
CA ASP A 255 17.50 14.82 13.98
C ASP A 255 17.63 13.36 13.48
N MET A 256 17.66 12.43 14.44
CA MET A 256 17.92 11.04 14.15
C MET A 256 16.87 10.47 13.17
N TRP A 257 15.63 10.99 13.24
CA TRP A 257 14.54 10.44 12.46
C TRP A 257 14.16 11.34 11.29
N ALA A 258 14.92 12.43 11.09
CA ALA A 258 14.65 13.44 10.10
C ALA A 258 13.24 13.99 10.29
N GLN A 259 12.77 14.01 11.55
CA GLN A 259 11.37 14.25 11.80
C GLN A 259 11.08 15.73 12.07
N SER A 260 12.06 16.47 12.56
CA SER A 260 11.89 17.89 12.46
C SER A 260 13.25 18.50 12.19
N TRP A 261 13.23 19.57 11.40
CA TRP A 261 14.44 20.06 10.77
C TRP A 261 14.91 21.37 11.40
N GLU A 262 14.37 21.74 12.56
CA GLU A 262 14.77 22.96 13.27
C GLU A 262 16.28 23.15 13.38
N ASN A 263 17.04 22.09 13.64
CA ASN A 263 18.47 22.17 13.87
C ASN A 263 19.29 22.59 12.66
N ILE A 264 18.73 22.54 11.45
CA ILE A 264 19.51 23.01 10.31
C ILE A 264 19.06 24.41 9.93
N TYR A 265 18.29 25.08 10.82
CA TYR A 265 17.85 26.46 10.58
C TYR A 265 19.00 27.37 10.13
N ASP A 266 20.18 27.25 10.75
CA ASP A 266 21.28 28.18 10.43
C ASP A 266 21.76 28.01 8.99
N MET A 267 21.52 26.85 8.37
CA MET A 267 21.95 26.64 7.00
C MET A 267 20.92 27.13 6.00
N VAL A 268 19.66 27.32 6.40
CA VAL A 268 18.60 27.58 5.45
C VAL A 268 17.96 28.95 5.66
N VAL A 269 18.45 29.72 6.62
CA VAL A 269 17.80 30.98 7.00
C VAL A 269 17.83 31.92 5.79
N PRO A 270 16.66 32.37 5.31
CA PRO A 270 16.60 33.25 4.15
C PRO A 270 17.33 34.60 4.24
N PHE A 271 17.19 35.31 5.39
CA PHE A 271 17.69 36.67 5.58
C PHE A 271 18.51 36.70 6.87
N PRO A 272 19.79 36.25 6.80
CA PRO A 272 20.66 36.23 7.98
C PRO A 272 21.00 37.56 8.66
N ASP A 273 20.70 38.71 8.04
CA ASP A 273 20.93 40.01 8.67
C ASP A 273 19.85 40.40 9.69
N LYS A 274 18.74 39.67 9.73
CA LYS A 274 17.64 39.98 10.62
C LYS A 274 17.92 39.35 11.99
N PRO A 275 17.08 39.57 13.02
CA PRO A 275 17.36 39.00 14.36
C PRO A 275 17.55 37.49 14.30
N ASN A 276 18.48 36.98 15.12
CA ASN A 276 18.74 35.56 15.15
C ASN A 276 17.64 34.86 15.96
N LEU A 277 16.82 34.02 15.31
CA LEU A 277 15.60 33.54 15.94
C LEU A 277 15.80 32.27 16.75
N ASP A 278 16.99 31.69 16.66
CA ASP A 278 17.29 30.54 17.49
C ASP A 278 18.08 31.06 18.66
N VAL A 279 17.45 31.02 19.83
CA VAL A 279 17.90 31.68 21.03
C VAL A 279 18.66 30.72 21.95
N THR A 280 19.00 29.51 21.45
CA THR A 280 19.81 28.57 22.22
C THR A 280 21.09 29.26 22.74
N SER A 281 21.83 29.95 21.88
CA SER A 281 23.10 30.53 22.31
C SER A 281 22.88 31.57 23.40
N THR A 282 21.73 32.29 23.36
CA THR A 282 21.38 33.23 24.40
C THR A 282 21.03 32.52 25.71
N MET A 283 20.32 31.38 25.61
CA MET A 283 19.99 30.62 26.80
C MET A 283 21.27 30.14 27.54
N LEU A 284 22.25 29.65 26.77
CA LEU A 284 23.53 29.21 27.33
C LEU A 284 24.28 30.40 27.91
N GLN A 285 24.43 31.44 27.06
CA GLN A 285 25.08 32.69 27.45
C GLN A 285 24.51 33.21 28.77
N GLN A 286 23.20 33.06 29.01
CA GLN A 286 22.55 33.54 30.23
C GLN A 286 22.53 32.50 31.36
N GLY A 287 22.88 31.23 31.09
CA GLY A 287 22.97 30.23 32.16
C GLY A 287 21.64 29.63 32.58
N TRP A 288 20.74 29.49 31.60
CA TRP A 288 19.49 28.77 31.79
C TRP A 288 19.81 27.31 32.14
N GLN A 289 19.01 26.77 33.06
CA GLN A 289 19.06 25.37 33.45
C GLN A 289 17.67 24.76 33.27
N ALA A 290 17.61 23.44 33.46
CA ALA A 290 16.36 22.73 33.34
C ALA A 290 15.29 23.40 34.17
N THR A 291 15.62 23.69 35.42
CA THR A 291 14.59 24.11 36.36
C THR A 291 13.98 25.47 35.93
N HIS A 292 14.78 26.39 35.37
CA HIS A 292 14.30 27.66 34.85
C HIS A 292 13.33 27.42 33.67
N MET A 293 13.69 26.47 32.81
CA MET A 293 12.88 26.16 31.66
C MET A 293 11.49 25.76 32.13
N PHE A 294 11.40 24.96 33.21
CA PHE A 294 10.11 24.44 33.65
C PHE A 294 9.32 25.55 34.34
N ARG A 295 10.03 26.44 35.05
CA ARG A 295 9.40 27.57 35.72
C ARG A 295 8.85 28.56 34.70
N VAL A 296 9.59 28.81 33.63
CA VAL A 296 9.13 29.73 32.61
C VAL A 296 7.88 29.16 31.97
N ALA A 297 7.86 27.86 31.68
CA ALA A 297 6.66 27.24 31.10
C ALA A 297 5.47 27.33 32.06
N GLU A 298 5.71 27.04 33.33
CA GLU A 298 4.65 27.09 34.31
C GLU A 298 4.02 28.48 34.29
N GLU A 299 4.85 29.52 34.23
CA GLU A 299 4.38 30.88 34.41
C GLU A 299 3.49 31.27 33.23
N PHE A 300 3.77 30.70 32.04
CA PHE A 300 2.83 30.87 30.92
C PHE A 300 1.46 30.32 31.31
N PHE A 301 1.43 29.13 31.89
CA PHE A 301 0.18 28.52 32.26
C PHE A 301 -0.55 29.38 33.28
N THR A 302 0.15 29.84 34.33
CA THR A 302 -0.52 30.60 35.36
C THR A 302 -0.92 31.96 34.79
N SER A 303 -0.22 32.47 33.77
CA SER A 303 -0.63 33.73 33.18
C SER A 303 -2.05 33.64 32.61
N LEU A 304 -2.48 32.42 32.24
CA LEU A 304 -3.79 32.16 31.66
C LEU A 304 -4.82 31.83 32.72
N GLU A 305 -4.38 31.88 33.99
CA GLU A 305 -5.16 31.42 35.12
C GLU A 305 -5.45 29.94 34.99
N LEU A 306 -4.52 29.18 34.42
CA LEU A 306 -4.50 27.74 34.58
C LEU A 306 -3.68 27.39 35.82
N SER A 307 -3.59 26.10 36.15
CA SER A 307 -3.03 25.71 37.42
C SER A 307 -1.50 25.76 37.38
N PRO A 308 -0.90 26.10 38.55
CA PRO A 308 0.54 25.89 38.74
C PRO A 308 0.78 24.38 38.85
N MET A 309 2.03 23.97 38.62
CA MET A 309 2.50 22.67 39.05
C MET A 309 2.44 22.53 40.57
N PRO A 310 1.80 21.48 41.12
CA PRO A 310 1.76 21.27 42.55
C PRO A 310 3.12 20.88 43.15
N PRO A 311 3.27 20.99 44.49
CA PRO A 311 4.46 20.57 45.20
C PRO A 311 4.97 19.21 44.77
N GLU A 312 4.05 18.24 44.68
CA GLU A 312 4.39 16.87 44.33
C GLU A 312 5.08 16.78 42.98
N PHE A 313 4.76 17.67 42.03
CA PHE A 313 5.47 17.67 40.76
C PHE A 313 6.94 18.06 40.91
N TRP A 314 7.23 19.10 41.70
CA TRP A 314 8.61 19.57 41.87
C TRP A 314 9.42 18.59 42.68
N GLU A 315 8.80 17.93 43.65
CA GLU A 315 9.55 17.01 44.51
C GLU A 315 9.84 15.70 43.79
N GLY A 316 8.94 15.26 42.90
CA GLY A 316 8.98 13.90 42.34
C GLY A 316 9.60 13.79 40.96
N SER A 317 9.56 14.88 40.19
CA SER A 317 9.92 14.86 38.79
C SER A 317 11.40 14.60 38.63
N MET A 318 11.80 14.13 37.44
CA MET A 318 13.20 14.00 37.05
C MET A 318 13.38 14.89 35.82
N LEU A 319 14.10 16.02 36.01
CA LEU A 319 14.14 17.07 35.02
C LEU A 319 15.53 17.17 34.40
N GLU A 320 16.49 16.39 34.90
CA GLU A 320 17.79 16.26 34.30
C GLU A 320 18.14 14.77 34.22
N LYS A 321 19.00 14.43 33.25
CA LYS A 321 19.67 13.14 33.26
C LYS A 321 20.53 12.99 34.53
N PRO A 322 20.29 11.96 35.38
CA PRO A 322 21.12 11.72 36.59
C PRO A 322 22.62 11.56 36.33
N ALA A 323 23.45 12.20 37.15
CA ALA A 323 24.90 12.27 36.96
C ALA A 323 25.64 11.07 37.55
N ASP A 324 24.89 10.14 38.18
CA ASP A 324 25.51 8.98 38.81
C ASP A 324 25.52 7.78 37.85
N GLY A 325 25.44 8.03 36.54
CA GLY A 325 25.61 6.99 35.53
C GLY A 325 24.34 6.15 35.29
N ARG A 326 23.65 5.75 36.39
CA ARG A 326 22.40 5.01 36.41
C ARG A 326 21.61 5.17 35.12
N GLU A 327 21.09 4.04 34.62
CA GLU A 327 20.35 3.98 33.38
C GLU A 327 18.94 4.49 33.61
N VAL A 328 18.45 5.33 32.67
CA VAL A 328 17.10 5.85 32.71
C VAL A 328 16.57 5.84 31.29
N VAL A 329 15.24 5.89 31.15
CA VAL A 329 14.57 6.17 29.88
C VAL A 329 14.59 7.68 29.65
N CYS A 330 15.47 8.17 28.78
CA CYS A 330 15.63 9.59 28.57
C CYS A 330 14.48 10.22 27.79
N HIS A 331 13.76 9.44 26.98
CA HIS A 331 12.68 10.00 26.17
C HIS A 331 11.69 10.69 27.10
N ALA A 332 11.38 11.95 26.83
CA ALA A 332 10.55 12.78 27.71
C ALA A 332 9.13 12.24 27.82
N SER A 333 8.56 12.27 29.04
CA SER A 333 7.19 11.85 29.25
C SER A 333 6.59 12.49 30.51
N ALA A 334 5.25 12.56 30.48
CA ALA A 334 4.38 13.18 31.47
C ALA A 334 3.45 12.14 32.06
N TRP A 335 3.41 12.10 33.41
CA TRP A 335 2.91 10.98 34.14
C TRP A 335 1.79 11.39 35.08
N ASP A 336 0.68 10.68 34.94
CA ASP A 336 -0.43 10.71 35.86
C ASP A 336 -0.36 9.43 36.73
N PHE A 337 -0.26 9.57 38.05
CA PHE A 337 -0.31 8.41 38.94
C PHE A 337 -1.72 7.98 39.33
N TYR A 338 -2.78 8.66 38.87
CA TYR A 338 -4.18 8.30 39.09
C TYR A 338 -4.60 8.34 40.57
N ASN A 339 -3.90 9.12 41.40
CA ASN A 339 -4.33 9.32 42.77
C ASN A 339 -4.71 10.77 43.02
N ARG A 340 -4.74 11.61 42.00
CA ARG A 340 -5.28 12.96 42.10
C ARG A 340 -4.29 13.90 42.81
N ALA A 341 -3.05 13.45 43.05
CA ALA A 341 -2.08 14.12 43.90
C ALA A 341 -0.72 14.13 43.18
N ASP A 342 -0.31 12.97 42.64
CA ASP A 342 1.02 12.84 42.05
C ASP A 342 0.95 12.91 40.53
N PHE A 343 1.78 13.83 40.01
CA PHE A 343 1.94 14.11 38.59
C PHE A 343 3.40 14.53 38.38
N ARG A 344 4.05 14.02 37.33
CA ARG A 344 5.47 14.25 37.19
C ARG A 344 5.88 14.24 35.74
N ILE A 345 7.02 14.84 35.51
CA ILE A 345 7.68 14.78 34.23
C ILE A 345 9.03 14.10 34.45
N LYS A 346 9.34 13.23 33.48
CA LYS A 346 10.63 12.57 33.39
C LYS A 346 11.26 13.03 32.07
N GLN A 347 12.31 13.85 32.15
CA GLN A 347 12.93 14.38 30.95
C GLN A 347 14.41 14.61 31.22
N CYS A 348 15.26 14.17 30.27
CA CYS A 348 16.68 14.39 30.32
C CYS A 348 16.96 15.72 29.67
N THR A 349 16.56 16.79 30.37
CA THR A 349 16.40 18.10 29.76
C THR A 349 17.75 18.66 29.36
N ARG A 350 17.85 19.19 28.14
CA ARG A 350 19.01 19.96 27.73
C ARG A 350 18.61 21.41 27.49
N VAL A 351 19.59 22.31 27.54
CA VAL A 351 19.36 23.74 27.40
C VAL A 351 19.46 24.16 25.94
N THR A 352 18.32 24.06 25.25
CA THR A 352 18.17 24.42 23.85
C THR A 352 16.77 25.00 23.69
N MET A 353 16.59 25.77 22.62
CA MET A 353 15.28 26.26 22.25
C MET A 353 14.28 25.11 21.97
N ASP A 354 14.67 24.06 21.24
CA ASP A 354 13.72 22.96 20.94
C ASP A 354 13.30 22.22 22.22
N GLN A 355 14.19 22.13 23.22
CA GLN A 355 13.87 21.56 24.51
C GLN A 355 12.87 22.42 25.25
N LEU A 356 12.99 23.73 25.12
CA LEU A 356 12.02 24.61 25.73
C LEU A 356 10.62 24.29 25.22
N SER A 357 10.49 24.04 23.91
CA SER A 357 9.21 23.65 23.36
C SER A 357 8.79 22.28 23.88
N THR A 358 9.74 21.35 24.01
CA THR A 358 9.41 20.03 24.53
C THR A 358 8.94 20.14 25.97
N VAL A 359 9.60 21.01 26.77
CA VAL A 359 9.14 21.25 28.14
C VAL A 359 7.67 21.71 28.15
N HIS A 360 7.30 22.61 27.24
CA HIS A 360 5.91 23.09 27.18
C HIS A 360 4.95 21.96 26.73
N HIS A 361 5.39 21.13 25.80
CA HIS A 361 4.63 19.97 25.32
C HIS A 361 4.28 19.05 26.49
N GLU A 362 5.29 18.67 27.27
CA GLU A 362 5.10 17.81 28.43
C GLU A 362 4.27 18.49 29.53
N MET A 363 4.48 19.80 29.76
CA MET A 363 3.68 20.49 30.76
C MET A 363 2.22 20.59 30.32
N GLY A 364 1.95 20.71 29.01
CA GLY A 364 0.61 20.54 28.45
C GLY A 364 -0.12 19.29 28.94
N HIS A 365 0.58 18.14 28.93
CA HIS A 365 0.04 16.88 29.40
C HIS A 365 -0.33 17.01 30.86
N ILE A 366 0.62 17.55 31.65
CA ILE A 366 0.39 17.68 33.08
C ILE A 366 -0.84 18.54 33.31
N GLN A 367 -0.95 19.65 32.58
CA GLN A 367 -2.05 20.57 32.78
C GLN A 367 -3.38 19.85 32.54
N TYR A 368 -3.42 19.01 31.48
CA TYR A 368 -4.60 18.18 31.23
C TYR A 368 -4.92 17.31 32.45
N TYR A 369 -3.91 16.62 32.97
CA TYR A 369 -4.08 15.77 34.14
C TYR A 369 -4.62 16.55 35.32
N LEU A 370 -4.17 17.82 35.53
CA LEU A 370 -4.61 18.60 36.67
C LEU A 370 -6.06 18.99 36.50
N GLN A 371 -6.48 19.31 35.28
CA GLN A 371 -7.83 19.83 35.12
C GLN A 371 -8.93 18.74 35.20
N TYR A 372 -8.60 17.48 34.86
CA TYR A 372 -9.61 16.43 34.79
C TYR A 372 -9.46 15.40 35.91
N LYS A 373 -8.62 15.73 36.91
CA LYS A 373 -8.26 14.78 37.95
C LYS A 373 -9.50 14.31 38.72
N ASP A 374 -10.58 15.09 38.74
CA ASP A 374 -11.75 14.77 39.51
C ASP A 374 -12.80 13.99 38.71
N LEU A 375 -12.47 13.59 37.48
CA LEU A 375 -13.38 12.76 36.70
C LEU A 375 -13.20 11.30 37.10
N PRO A 376 -14.17 10.41 36.78
CA PRO A 376 -13.96 8.97 36.89
C PRO A 376 -12.74 8.56 36.11
N VAL A 377 -11.93 7.64 36.69
CA VAL A 377 -10.66 7.23 36.12
C VAL A 377 -10.78 6.96 34.61
N SER A 378 -11.88 6.34 34.15
CA SER A 378 -11.96 5.90 32.76
C SER A 378 -12.00 7.10 31.82
N LEU A 379 -12.51 8.22 32.34
CA LEU A 379 -12.62 9.46 31.57
C LEU A 379 -11.41 10.39 31.73
N ARG A 380 -10.33 9.96 32.38
CA ARG A 380 -9.15 10.81 32.53
C ARG A 380 -8.24 10.64 31.32
N ARG A 381 -8.69 11.20 30.20
CA ARG A 381 -7.89 11.17 28.97
C ARG A 381 -8.35 12.32 28.12
N GLY A 382 -7.66 12.59 27.03
CA GLY A 382 -8.05 13.71 26.21
C GLY A 382 -9.33 13.37 25.45
N ALA A 383 -9.97 14.37 24.86
CA ALA A 383 -11.18 14.11 24.09
C ALA A 383 -10.86 13.08 22.98
N ASN A 384 -9.68 13.20 22.39
CA ASN A 384 -9.03 12.10 21.72
C ASN A 384 -7.54 12.25 22.02
N PRO A 385 -6.70 11.26 21.68
CA PRO A 385 -5.27 11.38 21.93
C PRO A 385 -4.54 12.56 21.29
N GLY A 386 -5.02 13.02 20.13
CA GLY A 386 -4.47 14.19 19.47
C GLY A 386 -4.67 15.48 20.27
N PHE A 387 -5.77 15.57 21.01
CA PHE A 387 -6.01 16.71 21.90
C PHE A 387 -4.93 16.77 22.97
N HIS A 388 -4.59 15.62 23.57
CA HIS A 388 -3.62 15.62 24.66
C HIS A 388 -2.27 16.08 24.11
N GLU A 389 -1.95 15.64 22.89
CA GLU A 389 -0.70 16.05 22.25
C GLU A 389 -0.66 17.53 21.84
N ALA A 390 -1.79 18.24 21.75
CA ALA A 390 -1.81 19.57 21.15
C ALA A 390 -1.72 20.69 22.20
N ILE A 391 -2.04 20.41 23.47
CA ILE A 391 -2.18 21.47 24.47
C ILE A 391 -0.91 22.31 24.62
N GLY A 392 0.20 21.65 24.99
CA GLY A 392 1.46 22.35 25.22
C GLY A 392 2.04 23.02 23.97
N ASP A 393 1.83 22.40 22.82
CA ASP A 393 2.28 22.87 21.51
C ASP A 393 1.59 24.20 21.17
N VAL A 394 0.32 24.34 21.55
CA VAL A 394 -0.43 25.55 21.28
C VAL A 394 0.19 26.70 22.08
N LEU A 395 0.47 26.51 23.38
CA LEU A 395 1.15 27.53 24.14
C LEU A 395 2.51 27.86 23.52
N ALA A 396 3.30 26.83 23.15
CA ALA A 396 4.62 27.03 22.59
C ALA A 396 4.58 27.83 21.29
N LEU A 397 3.46 27.76 20.57
CA LEU A 397 3.30 28.63 19.39
C LEU A 397 3.38 30.11 19.77
N SER A 398 2.81 30.49 20.90
CA SER A 398 2.90 31.88 21.37
C SER A 398 4.30 32.20 21.86
N VAL A 399 4.91 31.26 22.60
CA VAL A 399 6.20 31.47 23.22
C VAL A 399 7.28 31.74 22.17
N SER A 400 7.23 31.07 21.04
CA SER A 400 8.32 31.15 20.07
C SER A 400 8.21 32.42 19.23
N THR A 401 7.14 33.19 19.37
CA THR A 401 7.02 34.44 18.64
C THR A 401 8.16 35.36 19.07
N PRO A 402 8.80 36.11 18.14
CA PRO A 402 9.85 37.05 18.51
C PRO A 402 9.37 38.02 19.58
N GLU A 403 8.13 38.48 19.46
CA GLU A 403 7.54 39.36 20.46
C GLU A 403 7.63 38.71 21.83
N HIS A 404 7.23 37.45 21.95
CA HIS A 404 7.23 36.83 23.26
C HIS A 404 8.65 36.62 23.80
N LEU A 405 9.52 36.18 22.91
CA LEU A 405 10.91 35.93 23.26
C LEU A 405 11.54 37.20 23.76
N HIS A 406 11.12 38.35 23.21
CA HIS A 406 11.62 39.63 23.68
C HIS A 406 11.18 39.84 25.12
N LYS A 407 9.94 39.51 25.44
CA LYS A 407 9.40 39.78 26.78
C LYS A 407 10.08 38.91 27.85
N ILE A 408 10.61 37.74 27.50
CA ILE A 408 11.22 36.89 28.51
C ILE A 408 12.75 37.02 28.40
N GLY A 409 13.23 38.06 27.72
CA GLY A 409 14.64 38.42 27.72
C GLY A 409 15.54 37.53 26.86
N LEU A 410 14.98 36.83 25.85
CA LEU A 410 15.75 35.94 25.00
C LEU A 410 15.99 36.50 23.59
N LEU A 411 15.46 37.68 23.29
CA LEU A 411 15.65 38.24 21.96
C LEU A 411 15.65 39.74 22.11
N ASP A 412 16.83 40.34 22.07
CA ASP A 412 16.96 41.76 22.39
C ASP A 412 16.30 42.61 21.30
N ARG A 413 16.56 42.27 20.03
CA ARG A 413 16.14 43.08 18.91
C ARG A 413 14.71 42.74 18.50
N VAL A 414 13.95 43.80 18.26
CA VAL A 414 12.54 43.80 17.86
C VAL A 414 12.52 44.23 16.40
N THR A 415 11.81 43.53 15.52
CA THR A 415 11.64 43.98 14.14
C THR A 415 10.25 43.54 13.69
N ASN A 416 9.62 44.29 12.78
CA ASN A 416 8.36 43.86 12.22
C ASN A 416 8.34 44.12 10.73
N ASP A 417 9.01 43.27 9.94
CA ASP A 417 9.14 43.52 8.52
C ASP A 417 8.97 42.21 7.77
N THR A 418 8.86 42.26 6.44
CA THR A 418 8.57 41.06 5.67
C THR A 418 9.71 40.05 5.77
N GLU A 419 10.98 40.50 5.83
CA GLU A 419 12.09 39.56 5.87
C GLU A 419 12.08 38.78 7.18
N SER A 420 11.89 39.50 8.30
CA SER A 420 11.82 38.91 9.63
C SER A 420 10.69 37.89 9.72
N ASP A 421 9.53 38.22 9.13
CA ASP A 421 8.38 37.33 9.08
C ASP A 421 8.70 36.03 8.34
N ILE A 422 9.35 36.14 7.19
CA ILE A 422 9.75 34.97 6.43
C ILE A 422 10.72 34.08 7.22
N ASN A 423 11.73 34.68 7.87
CA ASN A 423 12.66 33.93 8.69
C ASN A 423 11.88 33.13 9.74
N TYR A 424 10.95 33.78 10.42
CA TYR A 424 10.21 33.15 11.52
C TYR A 424 9.36 32.01 10.97
N LEU A 425 8.63 32.28 9.88
CA LEU A 425 7.73 31.28 9.34
C LEU A 425 8.53 30.09 8.80
N LEU A 426 9.74 30.33 8.29
CA LEU A 426 10.53 29.24 7.76
C LEU A 426 11.00 28.40 8.93
N LYS A 427 11.47 29.03 9.99
CA LYS A 427 11.87 28.29 11.18
C LYS A 427 10.71 27.43 11.68
N MET A 428 9.50 27.98 11.75
CA MET A 428 8.36 27.23 12.25
C MET A 428 7.98 26.12 11.29
N ALA A 429 8.16 26.35 9.97
CA ALA A 429 7.96 25.30 8.98
C ALA A 429 8.94 24.14 9.17
N LEU A 430 10.19 24.44 9.53
CA LEU A 430 11.18 23.41 9.81
C LEU A 430 10.70 22.48 10.93
N GLU A 431 9.93 23.03 11.85
CA GLU A 431 9.48 22.29 13.01
C GLU A 431 8.17 21.58 12.69
N LYS A 432 7.25 22.24 12.01
CA LYS A 432 5.87 21.82 11.94
C LYS A 432 5.56 21.15 10.61
N ILE A 433 5.96 21.76 9.49
N ILE A 433 5.96 21.76 9.49
CA ILE A 433 5.61 21.20 8.19
CA ILE A 433 5.62 21.21 8.18
C ILE A 433 6.47 19.98 7.91
C ILE A 433 6.47 19.97 7.92
N ALA A 434 7.77 20.07 8.21
CA ALA A 434 8.67 18.94 7.98
C ALA A 434 8.19 17.67 8.68
N PHE A 435 7.57 17.79 9.86
CA PHE A 435 7.11 16.68 10.66
C PHE A 435 5.89 15.96 10.07
N LEU A 436 5.07 16.65 9.26
CA LEU A 436 3.76 16.16 8.83
C LEU A 436 3.88 14.79 8.17
N PRO A 437 4.73 14.60 7.13
CA PRO A 437 4.89 13.28 6.49
C PRO A 437 5.29 12.21 7.48
N PHE A 438 6.17 12.52 8.43
CA PHE A 438 6.61 11.53 9.40
C PHE A 438 5.48 11.18 10.36
N GLY A 439 4.74 12.20 10.83
CA GLY A 439 3.62 11.94 11.71
C GLY A 439 2.57 11.03 11.07
N TYR A 440 2.37 11.18 9.75
CA TYR A 440 1.36 10.41 9.03
C TYR A 440 1.84 8.98 8.74
N LEU A 441 3.13 8.82 8.41
CA LEU A 441 3.63 7.54 7.94
C LEU A 441 3.82 6.50 9.03
N VAL A 442 4.16 6.88 10.26
CA VAL A 442 4.57 5.90 11.25
C VAL A 442 3.46 4.88 11.48
N ASP A 443 2.24 5.32 11.66
CA ASP A 443 1.19 4.38 11.95
C ASP A 443 0.62 3.73 10.68
N GLN A 444 0.81 4.31 9.49
CA GLN A 444 0.56 3.58 8.27
C GLN A 444 1.43 2.32 8.25
N TRP A 445 2.71 2.47 8.63
CA TRP A 445 3.58 1.32 8.78
C TRP A 445 2.99 0.32 9.77
N ARG A 446 2.64 0.81 10.96
CA ARG A 446 2.27 -0.10 12.02
C ARG A 446 0.91 -0.75 11.77
N TRP A 447 -0.05 -0.02 11.21
CA TRP A 447 -1.33 -0.58 10.80
C TRP A 447 -1.14 -1.73 9.83
N GLY A 448 -0.19 -1.60 8.90
CA GLY A 448 0.15 -2.68 8.00
C GLY A 448 0.73 -3.90 8.71
N VAL A 449 1.59 -3.67 9.70
CA VAL A 449 2.17 -4.76 10.46
C VAL A 449 1.04 -5.45 11.24
N PHE A 450 0.16 -4.70 11.90
CA PHE A 450 -0.86 -5.36 12.69
C PHE A 450 -1.85 -6.12 11.81
N SER A 451 -2.20 -5.57 10.65
CA SER A 451 -3.18 -6.23 9.81
C SER A 451 -2.57 -7.47 9.13
N GLY A 452 -1.24 -7.57 9.07
CA GLY A 452 -0.59 -8.66 8.36
C GLY A 452 -0.21 -8.28 6.93
N ARG A 453 -0.52 -7.07 6.44
CA ARG A 453 -0.07 -6.66 5.11
C ARG A 453 1.46 -6.58 5.04
N THR A 454 2.10 -6.19 6.16
CA THR A 454 3.54 -6.16 6.30
C THR A 454 4.00 -7.24 7.29
N PRO A 455 4.41 -8.42 6.76
CA PRO A 455 4.90 -9.52 7.60
C PRO A 455 6.34 -9.19 7.98
N PRO A 456 6.93 -9.91 8.93
CA PRO A 456 8.35 -9.69 9.27
C PRO A 456 9.31 -9.59 8.09
N SER A 457 9.03 -10.35 7.05
CA SER A 457 9.92 -10.41 5.90
C SER A 457 9.93 -9.09 5.10
N ARG A 458 8.99 -8.18 5.38
CA ARG A 458 8.96 -6.91 4.68
C ARG A 458 8.98 -5.70 5.61
N TYR A 459 9.35 -5.88 6.90
CA TYR A 459 9.31 -4.78 7.86
C TYR A 459 10.12 -3.55 7.41
N ASN A 460 11.36 -3.79 6.94
CA ASN A 460 12.26 -2.70 6.57
C ASN A 460 11.96 -2.20 5.17
N PHE A 461 11.62 -3.12 4.28
CA PHE A 461 11.26 -2.74 2.94
C PHE A 461 10.04 -1.83 2.96
N ASP A 462 9.04 -2.11 3.78
CA ASP A 462 7.84 -1.30 3.81
C ASP A 462 8.09 -0.01 4.58
N TRP A 463 8.98 -0.05 5.57
CA TRP A 463 9.36 1.16 6.29
C TRP A 463 9.96 2.18 5.33
N TRP A 464 10.96 1.74 4.58
CA TRP A 464 11.66 2.66 3.70
C TRP A 464 10.81 3.05 2.50
N TYR A 465 9.87 2.19 2.08
CA TYR A 465 8.90 2.53 1.06
C TYR A 465 8.18 3.82 1.51
N LEU A 466 7.70 3.81 2.75
CA LEU A 466 6.91 4.88 3.30
C LEU A 466 7.77 6.12 3.61
N ARG A 467 8.99 5.90 4.07
CA ARG A 467 9.90 7.00 4.33
C ARG A 467 10.20 7.77 3.06
N THR A 468 10.49 7.04 1.99
CA THR A 468 10.78 7.67 0.72
C THR A 468 9.50 8.32 0.20
N LYS A 469 8.38 7.59 0.18
CA LYS A 469 7.13 8.07 -0.40
C LYS A 469 6.69 9.38 0.24
N TYR A 470 6.75 9.48 1.57
CA TYR A 470 6.24 10.64 2.30
C TYR A 470 7.31 11.68 2.61
N GLN A 471 8.46 11.26 3.15
CA GLN A 471 9.45 12.24 3.58
C GLN A 471 10.43 12.57 2.44
N GLY A 472 10.59 11.71 1.44
CA GLY A 472 11.57 11.99 0.40
C GLY A 472 12.98 11.97 0.95
N ILE A 473 13.24 10.97 1.80
CA ILE A 473 14.55 10.66 2.31
C ILE A 473 14.92 9.23 1.94
N CYS A 474 16.23 8.99 2.00
CA CYS A 474 16.79 7.68 1.73
C CYS A 474 17.79 7.32 2.82
N PRO A 475 18.05 6.03 3.07
CA PRO A 475 19.04 5.59 4.03
C PRO A 475 20.40 5.85 3.44
N PRO A 476 21.32 6.42 4.26
CA PRO A 476 22.66 6.78 3.79
C PRO A 476 23.67 5.65 3.73
N VAL A 477 23.27 4.47 4.22
CA VAL A 477 23.92 3.20 3.95
C VAL A 477 22.86 2.18 3.55
N THR A 478 23.31 1.12 2.87
CA THR A 478 22.43 0.01 2.48
C THR A 478 21.76 -0.62 3.70
N ARG A 479 20.48 -0.95 3.53
CA ARG A 479 19.72 -1.67 4.54
C ARG A 479 19.15 -2.93 3.92
N ASN A 480 18.93 -3.96 4.75
CA ASN A 480 18.34 -5.23 4.34
C ASN A 480 17.39 -5.65 5.45
N GLU A 481 16.73 -6.79 5.32
CA GLU A 481 15.72 -7.16 6.32
C GLU A 481 16.32 -7.67 7.63
N THR A 482 17.64 -7.72 7.79
CA THR A 482 18.19 -7.91 9.11
C THR A 482 18.02 -6.62 9.91
N HIS A 483 17.99 -5.48 9.22
CA HIS A 483 17.78 -4.20 9.87
C HIS A 483 16.30 -4.03 10.17
N PHE A 484 16.02 -3.27 11.22
CA PHE A 484 14.66 -3.03 11.68
C PHE A 484 14.61 -1.57 12.10
N ASP A 485 14.64 -0.70 11.09
CA ASP A 485 14.83 0.72 11.29
C ASP A 485 13.64 1.35 12.02
N ALA A 486 12.41 0.85 11.83
CA ALA A 486 11.29 1.31 12.63
C ALA A 486 11.55 1.16 14.13
N GLY A 487 12.26 0.10 14.49
CA GLY A 487 12.51 -0.23 15.88
C GLY A 487 13.44 0.79 16.53
N ALA A 488 14.13 1.61 15.74
CA ALA A 488 15.05 2.59 16.31
C ALA A 488 14.37 3.91 16.66
N LYS A 489 13.05 3.95 16.58
CA LYS A 489 12.23 5.09 16.92
C LYS A 489 11.48 4.72 18.20
N PHE A 490 11.58 5.55 19.27
CA PHE A 490 11.10 5.20 20.60
C PHE A 490 9.71 4.55 20.59
N HIS A 491 8.78 5.16 19.89
CA HIS A 491 7.38 4.81 20.03
C HIS A 491 7.04 3.39 19.53
N VAL A 492 7.96 2.77 18.77
CA VAL A 492 7.68 1.43 18.24
C VAL A 492 7.90 0.38 19.33
N PRO A 493 9.10 0.23 19.92
CA PRO A 493 9.29 -0.66 21.06
C PRO A 493 8.48 -0.28 22.32
N ASN A 494 8.16 1.00 22.49
CA ASN A 494 7.40 1.42 23.64
C ASN A 494 5.91 1.37 23.36
N VAL A 495 5.54 0.85 22.19
CA VAL A 495 4.13 0.67 21.87
C VAL A 495 3.31 1.93 22.18
N THR A 496 3.74 3.09 21.70
CA THR A 496 2.99 4.31 21.82
C THR A 496 2.46 4.64 20.45
N PRO A 497 1.15 4.79 20.26
CA PRO A 497 0.64 5.21 18.95
C PRO A 497 1.13 6.58 18.49
N TYR A 498 1.06 6.82 17.17
CA TYR A 498 1.78 7.90 16.53
C TYR A 498 0.84 8.84 15.76
N ILE A 499 -0.34 8.37 15.32
CA ILE A 499 -1.17 9.17 14.45
C ILE A 499 -1.63 10.40 15.24
N ARG A 500 -1.74 10.27 16.57
CA ARG A 500 -2.00 11.41 17.45
C ARG A 500 -1.17 12.65 17.12
N TYR A 501 0.09 12.48 16.74
CA TYR A 501 0.96 13.64 16.52
C TYR A 501 0.59 14.33 15.22
N PHE A 502 0.25 13.55 14.20
CA PHE A 502 -0.23 14.15 12.98
C PHE A 502 -1.52 14.95 13.27
N VAL A 503 -2.45 14.36 14.02
CA VAL A 503 -3.71 14.98 14.36
C VAL A 503 -3.41 16.26 15.13
N SER A 504 -2.49 16.15 16.08
CA SER A 504 -2.08 17.26 16.94
C SER A 504 -1.55 18.42 16.13
N PHE A 505 -0.79 18.13 15.07
CA PHE A 505 -0.08 19.16 14.33
C PHE A 505 -1.06 19.95 13.47
N VAL A 506 -2.20 19.34 13.11
CA VAL A 506 -3.26 20.08 12.47
C VAL A 506 -4.10 20.84 13.53
N LEU A 507 -4.53 20.10 14.55
CA LEU A 507 -5.43 20.63 15.58
C LEU A 507 -4.83 21.84 16.31
N GLN A 508 -3.53 21.81 16.59
CA GLN A 508 -2.94 22.90 17.38
C GLN A 508 -3.13 24.26 16.67
N PHE A 509 -3.22 24.27 15.33
CA PHE A 509 -3.40 25.53 14.63
C PHE A 509 -4.86 25.93 14.66
N GLN A 510 -5.80 24.96 14.67
CA GLN A 510 -7.19 25.29 14.89
C GLN A 510 -7.39 25.91 16.27
N PHE A 511 -6.74 25.33 17.29
CA PHE A 511 -6.81 25.86 18.64
C PHE A 511 -6.23 27.28 18.71
N HIS A 512 -5.06 27.44 18.08
CA HIS A 512 -4.34 28.69 18.10
C HIS A 512 -5.23 29.82 17.58
N GLU A 513 -5.80 29.57 16.39
CA GLU A 513 -6.70 30.51 15.78
C GLU A 513 -7.83 30.89 16.75
N ALA A 514 -8.47 29.87 17.35
CA ALA A 514 -9.61 30.15 18.22
C ALA A 514 -9.19 30.91 19.46
N LEU A 515 -8.05 30.53 20.05
CA LEU A 515 -7.61 31.18 21.28
C LEU A 515 -7.21 32.64 21.03
N CYS A 516 -6.54 32.88 19.91
CA CYS A 516 -6.14 34.22 19.50
C CYS A 516 -7.38 35.10 19.34
N LYS A 517 -8.40 34.58 18.68
CA LYS A 517 -9.62 35.35 18.46
C LYS A 517 -10.27 35.63 19.82
N GLU A 518 -10.30 34.66 20.70
CA GLU A 518 -10.86 34.85 22.02
C GLU A 518 -10.05 35.87 22.83
N ALA A 519 -8.74 35.94 22.58
CA ALA A 519 -7.86 36.86 23.28
C ALA A 519 -8.14 38.30 22.85
N GLY A 520 -8.89 38.49 21.77
CA GLY A 520 -9.14 39.78 21.16
C GLY A 520 -8.02 40.20 20.22
N TYR A 521 -7.16 39.28 19.81
CA TYR A 521 -6.06 39.69 18.95
C TYR A 521 -6.58 39.83 17.51
N GLU A 522 -5.98 40.78 16.78
CA GLU A 522 -6.51 41.24 15.50
C GLU A 522 -5.40 41.48 14.47
N GLY A 523 -4.22 40.87 14.61
CA GLY A 523 -3.18 40.94 13.60
C GLY A 523 -2.94 39.59 12.95
N PRO A 524 -1.81 39.40 12.23
CA PRO A 524 -1.48 38.13 11.60
C PRO A 524 -1.45 36.99 12.61
N LEU A 525 -1.94 35.83 12.19
CA LEU A 525 -2.11 34.71 13.07
C LEU A 525 -0.75 34.26 13.65
N HIS A 526 0.32 34.35 12.89
CA HIS A 526 1.63 33.89 13.32
C HIS A 526 2.33 34.87 14.28
N GLN A 527 1.76 36.06 14.52
CA GLN A 527 2.37 37.02 15.45
C GLN A 527 1.55 37.08 16.74
N CYS A 528 0.52 36.26 16.87
CA CYS A 528 -0.31 36.24 18.06
C CYS A 528 0.44 35.62 19.24
N ASP A 529 0.35 36.29 20.39
CA ASP A 529 0.81 35.74 21.67
C ASP A 529 -0.37 35.81 22.65
N ILE A 530 -0.88 34.67 23.16
CA ILE A 530 -1.99 34.66 24.09
C ILE A 530 -1.56 34.86 25.55
N TYR A 531 -0.25 35.08 25.78
CA TYR A 531 0.31 35.29 27.12
C TYR A 531 -0.55 36.27 27.90
N ARG A 532 -0.94 35.87 29.09
CA ARG A 532 -1.70 36.74 29.98
C ARG A 532 -3.17 36.90 29.59
N SER A 533 -3.68 36.16 28.60
CA SER A 533 -5.08 36.28 28.23
C SER A 533 -5.90 35.36 29.13
N THR A 534 -6.58 35.93 30.15
CA THR A 534 -7.44 35.16 31.03
C THR A 534 -8.62 34.57 30.22
N LYS A 535 -9.07 35.28 29.16
CA LYS A 535 -10.17 34.80 28.36
C LYS A 535 -9.78 33.57 27.54
N ALA A 536 -8.62 33.64 26.85
CA ALA A 536 -8.09 32.47 26.17
C ALA A 536 -7.97 31.29 27.14
N GLY A 537 -7.53 31.59 28.38
CA GLY A 537 -7.33 30.59 29.42
C GLY A 537 -8.63 29.87 29.79
N ALA A 538 -9.72 30.60 29.95
CA ALA A 538 -11.03 30.02 30.28
C ALA A 538 -11.51 29.10 29.16
N LYS A 539 -11.35 29.51 27.91
CA LYS A 539 -11.77 28.67 26.80
C LYS A 539 -10.95 27.37 26.76
N LEU A 540 -9.62 27.43 26.94
CA LEU A 540 -8.79 26.25 27.00
C LEU A 540 -9.17 25.39 28.20
N ARG A 541 -9.47 25.99 29.35
CA ARG A 541 -9.82 25.23 30.53
C ARG A 541 -11.05 24.35 30.26
N LYS A 542 -12.06 24.81 29.51
CA LYS A 542 -13.28 24.04 29.31
C LYS A 542 -12.93 22.72 28.57
N VAL A 543 -12.02 22.81 27.60
CA VAL A 543 -11.56 21.61 26.92
C VAL A 543 -10.93 20.66 27.94
N LEU A 544 -9.95 21.15 28.72
CA LEU A 544 -9.14 20.29 29.56
C LEU A 544 -9.99 19.60 30.61
N ARG A 545 -10.98 20.31 31.14
CA ARG A 545 -11.84 19.78 32.18
C ARG A 545 -12.75 18.67 31.65
N ALA A 546 -13.12 18.68 30.36
CA ALA A 546 -14.03 17.72 29.78
C ALA A 546 -13.45 16.30 29.71
N GLY A 547 -12.12 16.15 29.76
CA GLY A 547 -11.51 14.85 29.53
C GLY A 547 -12.14 14.17 28.30
N SER A 548 -12.41 12.87 28.44
CA SER A 548 -13.05 12.08 27.40
C SER A 548 -14.53 11.87 27.73
N SER A 549 -15.13 12.82 28.44
CA SER A 549 -16.47 12.59 28.96
C SER A 549 -17.48 12.82 27.84
N ARG A 550 -17.07 13.57 26.82
CA ARG A 550 -17.89 13.93 25.68
C ARG A 550 -17.19 13.60 24.36
N PRO A 551 -17.93 13.39 23.24
CA PRO A 551 -17.32 13.20 21.93
C PRO A 551 -16.40 14.37 21.56
N TRP A 552 -15.23 14.03 21.02
CA TRP A 552 -14.25 15.04 20.66
C TRP A 552 -14.78 16.02 19.62
N GLN A 553 -15.68 15.56 18.73
CA GLN A 553 -16.25 16.41 17.69
C GLN A 553 -17.07 17.57 18.30
N GLU A 554 -17.81 17.27 19.37
CA GLU A 554 -18.61 18.26 20.10
C GLU A 554 -17.70 19.23 20.87
N VAL A 555 -16.66 18.71 21.53
CA VAL A 555 -15.70 19.53 22.27
C VAL A 555 -15.02 20.51 21.31
N LEU A 556 -14.59 20.02 20.16
CA LEU A 556 -13.95 20.81 19.11
C LEU A 556 -14.91 21.89 18.62
N LYS A 557 -16.19 21.54 18.44
CA LYS A 557 -17.18 22.52 17.98
C LYS A 557 -17.36 23.68 18.99
N ASP A 558 -17.52 23.37 20.27
CA ASP A 558 -17.64 24.42 21.27
C ASP A 558 -16.40 25.30 21.23
N MET A 559 -15.21 24.72 21.04
CA MET A 559 -13.98 25.48 21.18
C MET A 559 -13.73 26.35 19.96
N VAL A 560 -13.75 25.76 18.76
CA VAL A 560 -13.25 26.41 17.56
C VAL A 560 -14.40 26.70 16.60
N GLY A 561 -15.60 26.17 16.85
CA GLY A 561 -16.78 26.46 16.03
C GLY A 561 -16.98 25.49 14.87
N LEU A 562 -16.18 24.42 14.80
CA LEU A 562 -16.25 23.44 13.71
C LEU A 562 -16.08 22.04 14.31
N ASP A 563 -16.71 21.02 13.72
CA ASP A 563 -16.72 19.72 14.38
C ASP A 563 -15.73 18.74 13.73
N ALA A 564 -14.76 19.25 12.99
CA ALA A 564 -13.87 18.39 12.23
C ALA A 564 -12.46 18.97 12.23
N LEU A 565 -11.46 18.08 12.08
CA LEU A 565 -10.12 18.47 11.72
C LEU A 565 -10.16 19.24 10.39
N ASP A 566 -9.35 20.29 10.32
CA ASP A 566 -9.37 21.26 9.23
C ASP A 566 -7.97 21.85 9.12
N ALA A 567 -7.41 21.78 7.91
CA ALA A 567 -6.07 22.29 7.62
C ALA A 567 -6.03 23.80 7.38
N GLN A 568 -7.18 24.45 7.22
CA GLN A 568 -7.20 25.86 6.84
C GLN A 568 -6.43 26.72 7.86
N PRO A 569 -6.58 26.58 9.18
CA PRO A 569 -5.79 27.39 10.12
C PRO A 569 -4.28 27.22 9.91
N LEU A 570 -3.81 25.98 9.69
CA LEU A 570 -2.39 25.75 9.44
C LEU A 570 -1.99 26.49 8.16
N LEU A 571 -2.82 26.41 7.12
CA LEU A 571 -2.49 27.01 5.83
C LEU A 571 -2.39 28.54 5.95
N LYS A 572 -3.33 29.11 6.69
CA LYS A 572 -3.39 30.55 6.91
C LYS A 572 -2.15 31.02 7.68
N TYR A 573 -1.81 30.28 8.75
CA TYR A 573 -0.64 30.63 9.55
C TYR A 573 0.60 30.74 8.63
N PHE A 574 0.79 29.76 7.72
CA PHE A 574 2.02 29.63 6.95
C PHE A 574 1.97 30.36 5.61
N GLN A 575 0.81 30.88 5.24
CA GLN A 575 0.53 31.50 3.94
C GLN A 575 1.68 32.31 3.32
N LEU A 576 2.34 33.20 4.06
CA LEU A 576 3.39 34.04 3.50
C LEU A 576 4.60 33.22 3.08
N VAL A 577 4.99 32.22 3.87
CA VAL A 577 6.18 31.46 3.52
C VAL A 577 5.84 30.37 2.48
N THR A 578 4.59 29.88 2.46
CA THR A 578 4.16 28.95 1.43
C THR A 578 4.37 29.61 0.07
N GLN A 579 3.84 30.84 -0.06
CA GLN A 579 3.96 31.62 -1.28
C GLN A 579 5.42 31.93 -1.57
N TRP A 580 6.18 32.34 -0.56
CA TRP A 580 7.58 32.68 -0.78
C TRP A 580 8.34 31.46 -1.29
N LEU A 581 8.16 30.30 -0.64
CA LEU A 581 8.95 29.11 -0.98
C LEU A 581 8.68 28.67 -2.42
N GLN A 582 7.42 28.75 -2.86
CA GLN A 582 7.05 28.40 -4.21
C GLN A 582 7.84 29.26 -5.21
N GLU A 583 7.78 30.57 -4.97
CA GLU A 583 8.52 31.55 -5.76
C GLU A 583 10.01 31.27 -5.76
N GLN A 584 10.61 31.02 -4.60
CA GLN A 584 12.05 30.73 -4.59
C GLN A 584 12.35 29.50 -5.45
N ASN A 585 11.50 28.46 -5.33
CA ASN A 585 11.79 27.18 -5.98
C ASN A 585 11.64 27.34 -7.48
N GLN A 586 10.62 28.07 -7.96
CA GLN A 586 10.45 28.31 -9.39
C GLN A 586 11.65 29.08 -9.95
N GLN A 587 12.03 30.20 -9.34
CA GLN A 587 13.16 30.97 -9.82
C GLN A 587 14.47 30.19 -9.77
N ASN A 588 14.61 29.21 -8.87
CA ASN A 588 15.83 28.41 -8.90
C ASN A 588 15.69 27.24 -9.87
N GLY A 589 14.53 27.05 -10.50
CA GLY A 589 14.27 25.91 -11.38
C GLY A 589 14.29 24.56 -10.66
N GLU A 590 13.77 24.51 -9.43
CA GLU A 590 13.85 23.27 -8.70
C GLU A 590 12.88 22.27 -9.33
N VAL A 591 13.20 20.99 -9.13
CA VAL A 591 12.24 19.92 -9.31
C VAL A 591 11.60 19.65 -7.95
N LEU A 592 10.27 19.77 -7.92
CA LEU A 592 9.47 19.40 -6.77
C LEU A 592 9.38 17.88 -6.71
N GLY A 593 9.77 17.30 -5.57
CA GLY A 593 9.72 15.87 -5.44
C GLY A 593 11.10 15.26 -5.69
N TRP A 594 11.10 13.93 -5.76
CA TRP A 594 12.34 13.18 -5.85
C TRP A 594 12.18 12.09 -6.91
N PRO A 595 12.12 12.46 -8.21
CA PRO A 595 11.92 11.48 -9.29
C PRO A 595 13.00 10.42 -9.42
N GLU A 596 14.23 10.69 -8.94
CA GLU A 596 15.24 9.65 -8.86
C GLU A 596 15.07 8.89 -7.53
N TYR A 597 13.95 8.15 -7.44
CA TYR A 597 13.52 7.49 -6.23
C TYR A 597 14.49 6.37 -5.82
N GLN A 598 15.33 5.89 -6.74
CA GLN A 598 16.25 4.80 -6.45
C GLN A 598 17.57 5.31 -5.87
N TRP A 599 17.82 6.62 -5.94
CA TRP A 599 19.14 7.12 -5.60
C TRP A 599 19.45 7.01 -4.10
N HIS A 600 20.69 6.57 -3.83
CA HIS A 600 21.30 6.61 -2.51
C HIS A 600 22.69 7.23 -2.61
N PRO A 601 23.17 7.92 -1.55
CA PRO A 601 24.50 8.51 -1.62
C PRO A 601 25.58 7.45 -1.52
N PRO A 602 26.81 7.68 -2.01
CA PRO A 602 27.90 6.71 -1.81
C PRO A 602 28.36 6.77 -0.37
N LEU A 603 29.23 5.81 0.00
CA LEU A 603 29.97 5.90 1.26
C LEU A 603 31.04 6.98 1.15
N PRO A 604 31.31 7.74 2.24
CA PRO A 604 32.46 8.65 2.30
C PRO A 604 33.78 7.92 2.13
N ASP A 605 34.85 8.66 1.81
CA ASP A 605 36.06 8.06 1.29
C ASP A 605 36.68 7.04 2.25
N ASN A 606 36.87 7.38 3.53
CA ASN A 606 37.53 6.48 4.48
C ASN A 606 36.57 6.04 5.58
N TYR A 607 35.51 5.32 5.20
CA TYR A 607 34.42 5.06 6.11
C TYR A 607 34.45 3.60 6.53
N PRO A 608 34.18 3.25 7.82
CA PRO A 608 34.12 4.21 8.92
C PRO A 608 35.44 4.94 9.20
N ASP B 2 -28.54 7.45 -36.11
CA ASP B 2 -29.56 6.83 -36.99
C ASP B 2 -30.88 6.63 -36.25
N PRO B 3 -32.01 7.12 -36.78
CA PRO B 3 -33.34 6.85 -36.23
C PRO B 3 -33.67 5.42 -35.82
N GLY B 4 -33.41 4.45 -36.71
CA GLY B 4 -33.66 3.03 -36.47
C GLY B 4 -32.84 2.45 -35.31
N LEU B 5 -31.82 3.18 -34.84
CA LEU B 5 -30.98 2.73 -33.74
C LEU B 5 -31.41 3.31 -32.40
N GLN B 6 -32.35 4.27 -32.42
CA GLN B 6 -32.73 4.97 -31.21
C GLN B 6 -33.95 4.32 -30.57
N PRO B 7 -34.10 4.42 -29.23
CA PRO B 7 -35.11 3.65 -28.50
C PRO B 7 -36.54 4.12 -28.70
N GLY B 8 -37.47 3.16 -28.77
CA GLY B 8 -38.87 3.47 -29.08
C GLY B 8 -39.63 4.01 -27.86
N GLN B 9 -40.73 3.35 -27.50
CA GLN B 9 -41.30 3.59 -26.18
C GLN B 9 -41.90 2.31 -25.63
N PHE B 10 -41.87 2.22 -24.29
CA PHE B 10 -42.18 1.02 -23.54
C PHE B 10 -42.71 1.44 -22.16
N SER B 11 -43.72 0.70 -21.67
CA SER B 11 -44.22 0.92 -20.33
C SER B 11 -43.11 0.70 -19.28
N ALA B 12 -43.30 1.34 -18.12
CA ALA B 12 -42.34 1.33 -17.02
C ALA B 12 -42.75 0.26 -15.98
N ASP B 13 -42.40 -0.99 -16.31
CA ASP B 13 -42.83 -2.19 -15.59
C ASP B 13 -42.06 -3.34 -16.22
N GLU B 14 -42.10 -4.53 -15.60
CA GLU B 14 -41.22 -5.62 -16.00
C GLU B 14 -41.51 -6.07 -17.43
N ALA B 15 -42.78 -5.97 -17.83
CA ALA B 15 -43.26 -6.45 -19.11
C ALA B 15 -42.67 -5.60 -20.24
N GLY B 16 -42.73 -4.28 -20.07
CA GLY B 16 -42.10 -3.33 -20.97
C GLY B 16 -40.59 -3.51 -21.03
N ALA B 17 -39.95 -3.73 -19.88
CA ALA B 17 -38.49 -3.90 -19.85
C ALA B 17 -38.06 -5.15 -20.63
N GLN B 18 -38.88 -6.20 -20.65
CA GLN B 18 -38.60 -7.38 -21.46
C GLN B 18 -38.58 -6.98 -22.95
N LEU B 19 -39.60 -6.23 -23.39
CA LEU B 19 -39.67 -5.74 -24.76
C LEU B 19 -38.49 -4.79 -24.99
N PHE B 20 -38.19 -3.93 -24.01
CA PHE B 20 -37.14 -2.94 -24.13
C PHE B 20 -35.82 -3.62 -24.41
N ALA B 21 -35.52 -4.63 -23.58
CA ALA B 21 -34.25 -5.33 -23.66
C ALA B 21 -34.12 -6.01 -25.02
N GLN B 22 -35.21 -6.56 -25.55
CA GLN B 22 -35.21 -7.18 -26.88
C GLN B 22 -34.94 -6.13 -27.97
N SER B 23 -35.66 -5.00 -27.97
CA SER B 23 -35.34 -3.92 -28.90
C SER B 23 -33.87 -3.47 -28.76
N TYR B 24 -33.36 -3.36 -27.53
CA TYR B 24 -31.97 -2.95 -27.30
C TYR B 24 -30.99 -3.84 -28.08
N GLN B 25 -31.25 -5.14 -28.00
CA GLN B 25 -30.29 -6.15 -28.43
C GLN B 25 -30.34 -6.26 -29.97
N SER B 26 -31.50 -6.00 -30.56
CA SER B 26 -31.56 -5.84 -32.00
C SER B 26 -30.52 -4.82 -32.47
N SER B 27 -30.49 -3.64 -31.86
CA SER B 27 -29.81 -2.53 -32.48
C SER B 27 -28.32 -2.53 -32.11
N ALA B 28 -28.01 -3.09 -30.94
CA ALA B 28 -26.64 -3.07 -30.44
C ALA B 28 -25.72 -3.91 -31.34
N GLU B 29 -26.23 -5.01 -31.92
CA GLU B 29 -25.44 -5.89 -32.78
C GLU B 29 -24.82 -5.14 -33.96
N GLN B 30 -25.61 -4.25 -34.53
CA GLN B 30 -25.19 -3.50 -35.70
C GLN B 30 -24.03 -2.59 -35.32
N VAL B 31 -24.15 -2.05 -34.10
CA VAL B 31 -23.27 -1.00 -33.60
C VAL B 31 -21.93 -1.63 -33.20
N LEU B 32 -22.00 -2.73 -32.45
CA LEU B 32 -20.81 -3.50 -32.12
C LEU B 32 -20.07 -3.94 -33.39
N PHE B 33 -20.80 -4.44 -34.39
CA PHE B 33 -20.17 -4.90 -35.62
C PHE B 33 -19.27 -3.80 -36.20
N GLN B 34 -19.78 -2.60 -36.38
CA GLN B 34 -19.02 -1.55 -37.08
C GLN B 34 -17.79 -1.16 -36.26
N SER B 35 -17.93 -1.20 -34.92
CA SER B 35 -16.81 -0.94 -34.01
C SER B 35 -15.70 -1.98 -34.19
N VAL B 36 -16.07 -3.24 -34.05
CA VAL B 36 -15.09 -4.32 -34.09
C VAL B 36 -14.41 -4.35 -35.46
N ALA B 37 -15.22 -4.09 -36.50
CA ALA B 37 -14.75 -4.08 -37.88
C ALA B 37 -13.64 -3.05 -38.07
N ALA B 38 -13.90 -1.84 -37.58
CA ALA B 38 -12.94 -0.75 -37.72
C ALA B 38 -11.69 -1.02 -36.88
N SER B 39 -11.88 -1.58 -35.68
CA SER B 39 -10.72 -1.95 -34.86
C SER B 39 -9.86 -2.99 -35.59
N TRP B 40 -10.53 -3.95 -36.26
CA TRP B 40 -9.80 -5.00 -36.93
C TRP B 40 -8.91 -4.38 -38.01
N ALA B 41 -9.55 -3.50 -38.80
CA ALA B 41 -8.90 -2.86 -39.93
C ALA B 41 -7.69 -2.06 -39.45
N HIS B 42 -7.81 -1.42 -38.29
CA HIS B 42 -6.66 -0.72 -37.70
C HIS B 42 -5.56 -1.67 -37.26
N ASP B 43 -5.93 -2.65 -36.42
CA ASP B 43 -4.92 -3.48 -35.75
C ASP B 43 -4.17 -4.41 -36.73
N THR B 44 -4.75 -4.71 -37.92
CA THR B 44 -4.04 -5.51 -38.90
C THR B 44 -3.35 -4.64 -39.95
N ASN B 45 -3.38 -3.31 -39.75
CA ASN B 45 -2.90 -2.31 -40.71
C ASN B 45 -2.88 -0.92 -40.04
N ILE B 46 -1.89 -0.67 -39.17
CA ILE B 46 -1.85 0.58 -38.42
C ILE B 46 -1.47 1.75 -39.33
N THR B 47 -2.47 2.59 -39.64
CA THR B 47 -2.26 3.88 -40.30
C THR B 47 -3.13 4.95 -39.63
N ALA B 48 -2.77 6.21 -39.91
CA ALA B 48 -3.53 7.38 -39.52
C ALA B 48 -5.00 7.24 -39.91
N GLU B 49 -5.24 6.78 -41.14
CA GLU B 49 -6.57 6.70 -41.70
C GLU B 49 -7.42 5.69 -40.94
N ASN B 50 -6.79 4.56 -40.62
CA ASN B 50 -7.51 3.47 -39.98
C ASN B 50 -7.88 3.92 -38.56
N ALA B 51 -6.97 4.65 -37.93
CA ALA B 51 -7.24 5.20 -36.60
C ALA B 51 -8.46 6.14 -36.62
N ARG B 52 -8.49 7.02 -37.64
CA ARG B 52 -9.58 7.96 -37.81
C ARG B 52 -10.92 7.23 -37.89
N ARG B 53 -11.00 6.18 -38.74
CA ARG B 53 -12.24 5.43 -38.89
C ARG B 53 -12.67 4.79 -37.58
N GLN B 54 -11.67 4.29 -36.85
CA GLN B 54 -11.94 3.58 -35.62
C GLN B 54 -12.51 4.57 -34.61
N GLU B 55 -11.94 5.78 -34.57
CA GLU B 55 -12.43 6.85 -33.70
C GLU B 55 -13.88 7.22 -34.01
N GLU B 56 -14.22 7.33 -35.31
CA GLU B 56 -15.58 7.64 -35.71
C GLU B 56 -16.55 6.54 -35.25
N ALA B 57 -16.12 5.27 -35.33
CA ALA B 57 -16.98 4.18 -34.93
C ALA B 57 -17.20 4.18 -33.41
N ALA B 58 -16.13 4.47 -32.66
CA ALA B 58 -16.23 4.52 -31.21
C ALA B 58 -17.20 5.63 -30.82
N LEU B 59 -17.12 6.76 -31.53
CA LEU B 59 -18.01 7.91 -31.32
C LEU B 59 -19.48 7.53 -31.54
N LEU B 60 -19.74 6.75 -32.61
CA LEU B 60 -21.07 6.22 -32.89
C LEU B 60 -21.55 5.31 -31.74
N SER B 61 -20.63 4.47 -31.21
N SER B 61 -20.62 4.51 -31.20
CA SER B 61 -21.00 3.57 -30.13
CA SER B 61 -20.96 3.57 -30.14
C SER B 61 -21.40 4.35 -28.90
C SER B 61 -21.38 4.33 -28.89
N GLN B 62 -20.65 5.42 -28.60
CA GLN B 62 -20.96 6.32 -27.48
C GLN B 62 -22.37 6.93 -27.65
N GLU B 63 -22.69 7.34 -28.87
CA GLU B 63 -23.99 7.97 -29.12
C GLU B 63 -25.10 6.95 -28.82
N PHE B 64 -24.89 5.74 -29.35
CA PHE B 64 -25.76 4.60 -29.12
C PHE B 64 -25.98 4.41 -27.61
N ALA B 65 -24.88 4.26 -26.85
CA ALA B 65 -25.00 3.87 -25.46
C ALA B 65 -25.63 5.00 -24.65
N GLU B 66 -25.32 6.25 -25.01
CA GLU B 66 -25.93 7.41 -24.36
C GLU B 66 -27.46 7.38 -24.54
N ALA B 67 -27.92 7.22 -25.79
CA ALA B 67 -29.35 7.26 -26.03
C ALA B 67 -30.08 6.15 -25.25
N TRP B 68 -29.53 4.92 -25.27
CA TRP B 68 -30.20 3.77 -24.67
C TRP B 68 -30.05 3.75 -23.15
N GLY B 69 -28.88 4.19 -22.64
CA GLY B 69 -28.67 4.45 -21.22
C GLY B 69 -29.67 5.45 -20.62
N GLN B 70 -29.84 6.62 -21.28
CA GLN B 70 -30.81 7.63 -20.89
C GLN B 70 -32.24 7.09 -20.82
N LYS B 71 -32.59 6.27 -21.80
CA LYS B 71 -33.96 5.76 -21.83
C LYS B 71 -34.14 4.72 -20.73
N ALA B 72 -33.10 3.90 -20.49
CA ALA B 72 -33.20 2.86 -19.47
C ALA B 72 -33.44 3.49 -18.11
N LYS B 73 -32.69 4.55 -17.80
CA LYS B 73 -32.88 5.30 -16.58
C LYS B 73 -34.27 5.94 -16.54
N GLU B 74 -34.67 6.64 -17.61
CA GLU B 74 -35.97 7.29 -17.69
C GLU B 74 -37.11 6.38 -17.26
N LEU B 75 -37.05 5.10 -17.68
CA LEU B 75 -38.16 4.17 -17.56
C LEU B 75 -38.04 3.23 -16.35
N TYR B 76 -36.81 2.84 -15.98
CA TYR B 76 -36.62 1.71 -15.08
C TYR B 76 -35.73 2.05 -13.89
N GLU B 77 -35.36 3.33 -13.68
CA GLU B 77 -34.39 3.64 -12.65
C GLU B 77 -34.87 3.12 -11.30
N PRO B 78 -36.12 3.39 -10.87
CA PRO B 78 -36.55 2.99 -9.53
C PRO B 78 -36.85 1.51 -9.30
N ILE B 79 -37.12 0.72 -10.36
CA ILE B 79 -37.93 -0.49 -10.19
C ILE B 79 -37.18 -1.80 -10.47
N TRP B 80 -36.16 -1.80 -11.34
CA TRP B 80 -35.47 -3.04 -11.70
C TRP B 80 -34.75 -3.63 -10.48
N PHE B 83 -37.33 -6.46 -10.00
CA PHE B 83 -37.89 -7.49 -10.95
C PHE B 83 -37.52 -8.88 -10.44
N THR B 84 -38.48 -9.82 -10.48
CA THR B 84 -38.21 -11.18 -10.04
C THR B 84 -37.43 -11.94 -11.13
N ASP B 85 -37.36 -11.45 -12.37
CA ASP B 85 -36.57 -12.09 -13.42
C ASP B 85 -35.10 -11.67 -13.30
N PRO B 86 -34.20 -12.57 -12.85
CA PRO B 86 -32.79 -12.20 -12.63
C PRO B 86 -32.02 -11.92 -13.92
N GLN B 87 -32.35 -12.61 -15.03
CA GLN B 87 -31.64 -12.44 -16.28
C GLN B 87 -31.86 -11.01 -16.80
N LEU B 88 -33.12 -10.57 -16.75
CA LEU B 88 -33.51 -9.21 -17.13
C LEU B 88 -32.83 -8.15 -16.27
N ARG B 89 -32.75 -8.36 -14.95
CA ARG B 89 -32.06 -7.44 -14.07
C ARG B 89 -30.59 -7.27 -14.48
N ARG B 90 -29.94 -8.36 -14.92
CA ARG B 90 -28.55 -8.32 -15.38
C ARG B 90 -28.43 -7.44 -16.62
N ILE B 91 -29.38 -7.59 -17.54
CA ILE B 91 -29.39 -6.85 -18.78
C ILE B 91 -29.61 -5.36 -18.46
N ILE B 92 -30.59 -5.05 -17.61
CA ILE B 92 -30.94 -3.65 -17.38
C ILE B 92 -29.81 -2.95 -16.62
N GLY B 93 -29.23 -3.64 -15.63
CA GLY B 93 -28.03 -3.16 -14.95
C GLY B 93 -26.89 -2.78 -15.91
N ALA B 94 -26.65 -3.60 -16.94
CA ALA B 94 -25.59 -3.32 -17.91
C ALA B 94 -25.93 -2.10 -18.76
N VAL B 95 -27.15 -2.02 -19.30
CA VAL B 95 -27.48 -0.97 -20.26
C VAL B 95 -27.49 0.43 -19.62
N ARG B 96 -27.85 0.49 -18.32
CA ARG B 96 -27.88 1.70 -17.51
C ARG B 96 -26.48 2.29 -17.29
N THR B 97 -25.45 1.44 -17.25
CA THR B 97 -24.07 1.90 -17.25
C THR B 97 -23.66 2.12 -18.70
N LEU B 98 -23.11 3.26 -19.09
CA LEU B 98 -22.12 3.12 -20.16
C LEU B 98 -21.29 4.39 -20.20
N GLY B 99 -19.99 4.09 -20.06
CA GLY B 99 -19.00 4.81 -19.29
C GLY B 99 -18.50 6.01 -20.05
N SER B 100 -17.62 5.81 -21.06
CA SER B 100 -17.06 6.96 -21.76
C SER B 100 -18.15 7.76 -22.48
N ALA B 101 -19.37 7.21 -22.58
CA ALA B 101 -20.49 7.94 -23.17
C ALA B 101 -20.98 9.05 -22.24
N ASN B 102 -20.57 9.01 -20.96
CA ASN B 102 -20.90 10.09 -20.05
C ASN B 102 -20.01 11.29 -20.32
N LEU B 103 -18.91 11.11 -21.07
CA LEU B 103 -18.06 12.23 -21.38
C LEU B 103 -18.74 13.17 -22.36
N PRO B 104 -18.57 14.51 -22.21
CA PRO B 104 -18.96 15.44 -23.27
C PRO B 104 -18.16 15.15 -24.55
N LEU B 105 -18.63 15.68 -25.68
CA LEU B 105 -18.17 15.26 -27.00
C LEU B 105 -16.66 15.52 -27.16
N ALA B 106 -16.19 16.69 -26.75
CA ALA B 106 -14.78 17.02 -26.89
C ALA B 106 -13.91 16.01 -26.15
N LYS B 107 -14.38 15.55 -24.98
CA LYS B 107 -13.58 14.63 -24.19
C LYS B 107 -13.68 13.22 -24.77
N ARG B 108 -14.82 12.90 -25.40
CA ARG B 108 -14.95 11.66 -26.17
C ARG B 108 -13.85 11.59 -27.23
N GLN B 109 -13.68 12.67 -28.00
CA GLN B 109 -12.68 12.71 -29.05
C GLN B 109 -11.29 12.47 -28.47
N GLN B 110 -10.97 13.22 -27.41
CA GLN B 110 -9.65 13.17 -26.81
C GLN B 110 -9.34 11.75 -26.32
N TYR B 111 -10.34 11.10 -25.69
CA TYR B 111 -10.21 9.77 -25.14
C TYR B 111 -10.01 8.72 -26.24
N ASN B 112 -10.85 8.77 -27.29
CA ASN B 112 -10.74 7.88 -28.43
C ASN B 112 -9.34 8.01 -29.05
N ALA B 113 -8.81 9.26 -29.14
CA ALA B 113 -7.50 9.45 -29.76
C ALA B 113 -6.35 9.00 -28.85
N LEU B 114 -6.55 9.05 -27.52
CA LEU B 114 -5.49 8.59 -26.65
C LEU B 114 -5.34 7.07 -26.78
N LEU B 115 -6.44 6.34 -26.71
CA LEU B 115 -6.42 4.89 -26.93
C LEU B 115 -5.65 4.57 -28.20
N SER B 116 -5.94 5.32 -29.27
CA SER B 116 -5.37 5.09 -30.58
C SER B 116 -3.88 5.37 -30.59
N GLN B 117 -3.44 6.50 -30.00
CA GLN B 117 -2.02 6.86 -30.01
C GLN B 117 -1.22 5.94 -29.08
N MET B 118 -1.79 5.53 -27.95
CA MET B 118 -1.09 4.63 -27.03
C MET B 118 -0.88 3.25 -27.71
N SER B 119 -1.90 2.75 -28.43
CA SER B 119 -1.81 1.49 -29.15
C SER B 119 -0.67 1.55 -30.16
N ARG B 120 -0.61 2.66 -30.89
CA ARG B 120 0.38 2.86 -31.94
C ARG B 120 1.78 2.84 -31.32
N ILE B 121 1.98 3.54 -30.20
CA ILE B 121 3.34 3.69 -29.68
C ILE B 121 3.85 2.31 -29.26
N TYR B 122 2.98 1.53 -28.64
CA TYR B 122 3.35 0.22 -28.14
C TYR B 122 3.76 -0.69 -29.30
N SER B 123 2.89 -0.77 -30.31
CA SER B 123 3.02 -1.80 -31.34
C SER B 123 4.01 -1.39 -32.43
N THR B 124 4.41 -0.12 -32.48
CA THR B 124 5.40 0.28 -33.48
C THR B 124 6.77 0.58 -32.86
N ALA B 125 6.92 0.53 -31.53
CA ALA B 125 8.21 0.88 -30.94
C ALA B 125 9.27 -0.14 -31.35
N LYS B 126 10.52 0.32 -31.53
CA LYS B 126 11.65 -0.54 -31.89
C LYS B 126 12.88 -0.20 -31.06
N VAL B 127 13.87 -1.08 -31.13
CA VAL B 127 15.14 -0.95 -30.44
C VAL B 127 16.24 -0.92 -31.50
N CYS B 128 17.14 0.06 -31.41
CA CYS B 128 18.07 0.34 -32.50
C CYS B 128 19.51 0.25 -32.01
N LEU B 129 20.44 -0.01 -32.95
CA LEU B 129 21.89 -0.10 -32.72
C LEU B 129 22.19 -1.17 -31.65
N THR B 135 19.90 -1.72 -38.78
CA THR B 135 18.46 -2.08 -38.71
C THR B 135 18.03 -2.03 -37.24
N CYS B 136 16.75 -2.34 -36.98
CA CYS B 136 16.13 -2.11 -35.69
C CYS B 136 15.30 -3.32 -35.30
N TRP B 137 15.31 -3.70 -34.02
CA TRP B 137 14.57 -4.88 -33.57
C TRP B 137 13.15 -4.52 -33.15
N SER B 138 12.20 -5.37 -33.53
CA SER B 138 10.81 -5.25 -33.06
C SER B 138 10.62 -6.16 -31.85
N LEU B 139 9.52 -5.96 -31.12
CA LEU B 139 9.25 -6.78 -29.95
C LEU B 139 9.05 -8.22 -30.38
N ASP B 140 8.23 -8.40 -31.39
CA ASP B 140 7.79 -9.69 -31.89
C ASP B 140 8.12 -9.72 -33.37
N PRO B 141 9.08 -10.56 -33.86
CA PRO B 141 9.74 -11.57 -33.02
C PRO B 141 11.09 -11.32 -32.34
N ASP B 142 11.77 -10.23 -32.68
CA ASP B 142 13.20 -10.11 -32.44
C ASP B 142 13.55 -10.10 -30.96
N LEU B 143 12.93 -9.22 -30.18
CA LEU B 143 13.29 -9.10 -28.77
C LEU B 143 12.74 -10.30 -28.00
N THR B 144 11.54 -10.75 -28.35
CA THR B 144 10.96 -11.96 -27.78
C THR B 144 11.99 -13.08 -27.90
N ASN B 145 12.57 -13.27 -29.10
CA ASN B 145 13.45 -14.40 -29.36
C ASN B 145 14.72 -14.23 -28.53
N ILE B 146 15.25 -13.00 -28.45
CA ILE B 146 16.43 -12.73 -27.63
C ILE B 146 16.16 -13.05 -26.16
N LEU B 147 15.05 -12.57 -25.60
CA LEU B 147 14.74 -12.78 -24.20
C LEU B 147 14.57 -14.28 -23.93
N ALA B 148 14.05 -15.02 -24.94
CA ALA B 148 13.79 -16.46 -24.84
C ALA B 148 15.05 -17.31 -24.77
N SER B 149 16.07 -16.98 -25.57
CA SER B 149 17.11 -17.95 -25.87
C SER B 149 18.52 -17.38 -25.78
N SER B 150 18.73 -16.06 -25.66
CA SER B 150 20.06 -15.54 -25.40
C SER B 150 20.42 -15.79 -23.94
N ARG B 151 21.66 -16.24 -23.70
CA ARG B 151 22.16 -16.43 -22.34
C ARG B 151 23.39 -15.55 -22.15
N SER B 152 23.46 -14.47 -22.94
CA SER B 152 24.42 -13.41 -22.75
C SER B 152 23.81 -12.30 -21.89
N TYR B 153 24.38 -12.10 -20.69
CA TYR B 153 23.87 -11.11 -19.76
C TYR B 153 23.70 -9.77 -20.47
N ALA B 154 24.70 -9.33 -21.24
CA ALA B 154 24.74 -8.01 -21.85
C ALA B 154 23.72 -7.86 -22.97
N MET B 155 23.51 -8.94 -23.76
CA MET B 155 22.57 -8.90 -24.88
C MET B 155 21.15 -8.82 -24.35
N LEU B 156 20.88 -9.60 -23.29
CA LEU B 156 19.57 -9.60 -22.63
C LEU B 156 19.25 -8.23 -22.05
N LEU B 157 20.29 -7.56 -21.54
CA LEU B 157 20.11 -6.28 -20.88
C LEU B 157 19.83 -5.23 -21.94
N PHE B 158 20.59 -5.27 -23.02
CA PHE B 158 20.37 -4.34 -24.11
C PHE B 158 18.92 -4.45 -24.61
N ALA B 159 18.40 -5.65 -24.73
CA ALA B 159 17.03 -5.83 -25.20
C ALA B 159 16.00 -5.31 -24.18
N TRP B 160 16.19 -5.69 -22.92
CA TRP B 160 15.27 -5.31 -21.84
C TRP B 160 15.21 -3.79 -21.65
N GLU B 161 16.38 -3.14 -21.51
CA GLU B 161 16.47 -1.70 -21.36
C GLU B 161 15.93 -0.99 -22.60
N GLY B 162 16.37 -1.46 -23.79
CA GLY B 162 15.95 -0.88 -25.05
C GLY B 162 14.43 -0.85 -25.17
N TRP B 163 13.79 -1.98 -24.87
CA TRP B 163 12.36 -2.09 -25.00
C TRP B 163 11.66 -1.20 -23.96
N HIS B 164 12.06 -1.30 -22.67
CA HIS B 164 11.39 -0.55 -21.61
C HIS B 164 11.48 0.95 -21.89
N ASN B 165 12.65 1.41 -22.36
CA ASN B 165 12.84 2.81 -22.70
C ASN B 165 12.00 3.22 -23.92
N ALA B 166 12.00 2.40 -24.97
CA ALA B 166 11.40 2.79 -26.22
C ALA B 166 9.89 2.85 -26.08
N ALA B 167 9.27 1.90 -25.37
CA ALA B 167 7.82 1.84 -25.29
C ALA B 167 7.29 2.68 -24.15
N GLY B 168 7.96 2.66 -23.01
CA GLY B 168 7.43 3.24 -21.77
C GLY B 168 7.49 4.77 -21.74
N ILE B 169 8.66 5.33 -22.10
CA ILE B 169 8.90 6.75 -21.88
C ILE B 169 7.87 7.60 -22.64
N PRO B 170 7.64 7.41 -23.97
CA PRO B 170 6.63 8.21 -24.68
C PRO B 170 5.17 7.96 -24.28
N LEU B 171 4.89 6.83 -23.62
CA LEU B 171 3.52 6.53 -23.21
C LEU B 171 3.12 7.37 -22.01
N LYS B 172 4.09 7.80 -21.18
CA LYS B 172 3.74 8.30 -19.86
C LYS B 172 2.76 9.47 -19.94
N PRO B 173 3.04 10.55 -20.72
CA PRO B 173 2.11 11.69 -20.77
C PRO B 173 0.68 11.33 -21.19
N LEU B 174 0.57 10.39 -22.14
CA LEU B 174 -0.73 9.96 -22.64
C LEU B 174 -1.51 9.20 -21.58
N TYR B 175 -0.80 8.37 -20.81
CA TYR B 175 -1.49 7.49 -19.90
C TYR B 175 -2.08 8.31 -18.73
N GLU B 176 -1.39 9.37 -18.34
CA GLU B 176 -1.90 10.28 -17.33
C GLU B 176 -3.24 10.88 -17.77
N ASP B 177 -3.31 11.33 -19.03
CA ASP B 177 -4.52 11.93 -19.59
C ASP B 177 -5.65 10.91 -19.72
N PHE B 178 -5.27 9.69 -20.16
CA PHE B 178 -6.23 8.61 -20.27
C PHE B 178 -6.88 8.35 -18.90
N THR B 179 -6.06 8.22 -17.85
CA THR B 179 -6.56 7.87 -16.54
C THR B 179 -7.61 8.89 -16.05
N ALA B 180 -7.30 10.17 -16.21
CA ALA B 180 -8.18 11.23 -15.77
C ALA B 180 -9.52 11.20 -16.53
N LEU B 181 -9.49 10.97 -17.86
CA LEU B 181 -10.72 10.91 -18.64
C LEU B 181 -11.54 9.67 -18.26
N SER B 182 -10.85 8.56 -18.08
CA SER B 182 -11.55 7.32 -17.78
C SER B 182 -12.29 7.45 -16.45
N ASN B 183 -11.61 8.05 -15.45
CA ASN B 183 -12.17 8.19 -14.12
C ASN B 183 -13.38 9.12 -14.11
N GLU B 184 -13.27 10.21 -14.87
CA GLU B 184 -14.35 11.18 -14.98
C GLU B 184 -15.58 10.50 -15.59
N ALA B 185 -15.36 9.65 -16.59
CA ALA B 185 -16.45 8.94 -17.23
C ALA B 185 -17.21 8.06 -16.23
N TYR B 186 -16.47 7.19 -15.53
CA TYR B 186 -17.11 6.15 -14.74
C TYR B 186 -17.66 6.69 -13.43
N LYS B 187 -17.19 7.87 -13.01
CA LYS B 187 -17.69 8.46 -11.78
C LYS B 187 -19.16 8.84 -11.93
N GLN B 188 -19.61 9.12 -13.15
CA GLN B 188 -20.99 9.47 -13.42
C GLN B 188 -21.93 8.27 -13.31
N ASP B 189 -21.39 7.05 -13.43
CA ASP B 189 -22.21 5.87 -13.24
C ASP B 189 -22.22 5.45 -11.77
N GLY B 190 -21.57 6.24 -10.89
CA GLY B 190 -21.61 6.01 -9.46
C GLY B 190 -20.45 5.16 -8.94
N PHE B 191 -19.43 4.89 -9.77
CA PHE B 191 -18.22 4.24 -9.31
C PHE B 191 -17.23 5.27 -8.79
N THR B 192 -16.51 4.90 -7.73
CA THR B 192 -15.52 5.79 -7.13
C THR B 192 -14.39 6.05 -8.13
N ASP B 193 -14.08 5.06 -9.01
CA ASP B 193 -13.05 5.20 -10.03
C ASP B 193 -13.16 4.03 -11.01
N THR B 194 -12.44 4.12 -12.12
CA THR B 194 -12.49 3.09 -13.15
C THR B 194 -12.19 1.69 -12.62
N GLY B 195 -11.23 1.59 -11.68
CA GLY B 195 -10.84 0.32 -11.10
C GLY B 195 -12.02 -0.36 -10.41
N ALA B 196 -12.85 0.47 -9.74
CA ALA B 196 -14.02 -0.03 -9.03
C ALA B 196 -15.04 -0.57 -10.03
N TYR B 197 -15.12 0.03 -11.22
CA TYR B 197 -15.98 -0.50 -12.25
C TYR B 197 -15.46 -1.86 -12.75
N TRP B 198 -14.15 -1.93 -13.04
CA TRP B 198 -13.52 -3.15 -13.49
C TRP B 198 -13.78 -4.29 -12.51
N ARG B 199 -13.69 -4.02 -11.22
CA ARG B 199 -13.88 -5.02 -10.18
C ARG B 199 -15.34 -5.43 -10.08
N SER B 200 -16.28 -4.54 -10.44
CA SER B 200 -17.69 -4.85 -10.28
C SER B 200 -18.10 -6.04 -11.16
N TRP B 201 -17.35 -6.34 -12.22
CA TRP B 201 -17.61 -7.49 -13.07
C TRP B 201 -17.58 -8.83 -12.34
N TYR B 202 -16.95 -8.92 -11.17
CA TYR B 202 -16.84 -10.18 -10.45
C TYR B 202 -18.02 -10.36 -9.50
N ASN B 203 -18.81 -9.29 -9.34
CA ASN B 203 -20.08 -9.38 -8.64
C ASN B 203 -19.90 -9.98 -7.26
N SER B 204 -18.88 -9.52 -6.54
CA SER B 204 -18.50 -10.14 -5.28
C SER B 204 -18.07 -9.04 -4.32
N PRO B 205 -18.76 -8.86 -3.17
CA PRO B 205 -18.36 -7.79 -2.26
C PRO B 205 -16.94 -7.95 -1.74
N THR B 206 -16.47 -9.19 -1.51
CA THR B 206 -15.16 -9.37 -0.90
C THR B 206 -14.08 -9.81 -1.89
N PHE B 207 -14.17 -9.35 -3.15
CA PHE B 207 -13.26 -9.78 -4.21
C PHE B 207 -11.79 -9.61 -3.83
N GLU B 208 -11.42 -8.42 -3.34
CA GLU B 208 -10.03 -8.13 -3.08
C GLU B 208 -9.46 -8.98 -1.95
N ASP B 209 -10.23 -9.18 -0.88
CA ASP B 209 -9.87 -10.07 0.21
C ASP B 209 -9.76 -11.53 -0.26
N ASP B 210 -10.72 -11.98 -1.05
CA ASP B 210 -10.73 -13.34 -1.58
C ASP B 210 -9.45 -13.61 -2.36
N LEU B 211 -9.04 -12.66 -3.23
CA LEU B 211 -7.84 -12.77 -4.05
C LEU B 211 -6.59 -12.81 -3.17
N GLU B 212 -6.56 -11.94 -2.14
CA GLU B 212 -5.42 -11.89 -1.23
C GLU B 212 -5.31 -13.21 -0.49
N HIS B 213 -6.44 -13.88 -0.15
CA HIS B 213 -6.42 -15.12 0.60
C HIS B 213 -5.88 -16.26 -0.27
N LEU B 214 -6.22 -16.24 -1.57
CA LEU B 214 -5.72 -17.21 -2.53
C LEU B 214 -4.21 -17.03 -2.68
N TYR B 215 -3.76 -15.78 -2.87
CA TYR B 215 -2.34 -15.52 -3.04
C TYR B 215 -1.53 -16.04 -1.83
N GLN B 216 -2.07 -15.88 -0.61
CA GLN B 216 -1.40 -16.36 0.60
C GLN B 216 -1.12 -17.86 0.53
N GLN B 217 -2.08 -18.68 0.07
CA GLN B 217 -1.82 -20.12 -0.03
C GLN B 217 -0.84 -20.47 -1.15
N LEU B 218 -0.75 -19.62 -2.17
CA LEU B 218 0.04 -19.91 -3.35
C LEU B 218 1.49 -19.44 -3.19
N GLU B 219 1.68 -18.44 -2.32
CA GLU B 219 2.96 -17.75 -2.22
C GLU B 219 4.09 -18.72 -1.92
N PRO B 220 3.98 -19.66 -0.93
CA PRO B 220 5.07 -20.59 -0.65
C PRO B 220 5.58 -21.34 -1.88
N LEU B 221 4.67 -21.64 -2.83
CA LEU B 221 5.01 -22.39 -4.04
C LEU B 221 5.91 -21.53 -4.89
N TYR B 222 5.49 -20.27 -5.02
CA TYR B 222 6.28 -19.32 -5.77
C TYR B 222 7.65 -19.10 -5.10
N LEU B 223 7.68 -18.91 -3.77
CA LEU B 223 8.95 -18.63 -3.10
C LEU B 223 9.95 -19.76 -3.32
N ASN B 224 9.47 -21.00 -3.28
CA ASN B 224 10.33 -22.15 -3.50
C ASN B 224 10.81 -22.27 -4.93
N LEU B 225 9.92 -22.00 -5.88
CA LEU B 225 10.31 -22.04 -7.28
C LEU B 225 11.39 -20.99 -7.50
N HIS B 226 11.11 -19.76 -7.09
CA HIS B 226 12.02 -18.62 -7.21
C HIS B 226 13.40 -18.95 -6.68
N ALA B 227 13.48 -19.49 -5.47
CA ALA B 227 14.78 -19.83 -4.89
C ALA B 227 15.55 -20.84 -5.75
N PHE B 228 14.82 -21.84 -6.27
CA PHE B 228 15.42 -22.92 -7.04
C PHE B 228 15.99 -22.35 -8.33
N VAL B 229 15.19 -21.51 -8.99
CA VAL B 229 15.61 -20.89 -10.23
C VAL B 229 16.74 -19.90 -9.99
N ARG B 230 16.67 -19.14 -8.89
CA ARG B 230 17.73 -18.18 -8.60
C ARG B 230 19.08 -18.90 -8.48
N ARG B 231 19.07 -20.05 -7.83
CA ARG B 231 20.27 -20.86 -7.70
C ARG B 231 20.83 -21.25 -9.07
N ALA B 232 19.95 -21.65 -10.00
CA ALA B 232 20.40 -22.10 -11.32
C ALA B 232 21.03 -20.93 -12.05
N LEU B 233 20.43 -19.74 -11.91
CA LEU B 233 20.95 -18.55 -12.55
C LEU B 233 22.30 -18.18 -11.96
N HIS B 234 22.45 -18.43 -10.65
CA HIS B 234 23.71 -18.14 -9.97
C HIS B 234 24.83 -19.01 -10.57
N ARG B 235 24.55 -20.31 -10.72
N ARG B 235 24.63 -20.32 -10.65
CA ARG B 235 25.49 -21.26 -11.34
CA ARG B 235 25.59 -21.19 -11.33
C ARG B 235 25.89 -20.77 -12.74
C ARG B 235 25.97 -20.58 -12.70
N ARG B 236 24.95 -20.13 -13.45
CA ARG B 236 25.16 -19.72 -14.82
C ARG B 236 25.91 -18.39 -14.89
N TYR B 237 25.48 -17.41 -14.10
CA TYR B 237 25.86 -16.03 -14.37
C TYR B 237 26.88 -15.54 -13.37
N GLY B 238 27.00 -16.25 -12.24
CA GLY B 238 28.00 -15.88 -11.25
C GLY B 238 27.47 -14.93 -10.17
N ASP B 239 28.34 -14.72 -9.19
CA ASP B 239 28.04 -14.04 -7.95
C ASP B 239 27.98 -12.53 -8.18
N ARG B 240 28.58 -12.06 -9.28
CA ARG B 240 28.53 -10.65 -9.64
C ARG B 240 27.10 -10.23 -10.01
N TYR B 241 26.38 -11.10 -10.73
CA TYR B 241 25.14 -10.70 -11.36
C TYR B 241 23.93 -11.28 -10.66
N ILE B 242 24.16 -12.25 -9.76
CA ILE B 242 23.10 -12.93 -9.05
C ILE B 242 23.47 -12.93 -7.58
N ASN B 243 22.51 -12.45 -6.78
CA ASN B 243 22.57 -12.39 -5.34
C ASN B 243 21.62 -13.44 -4.80
N LEU B 244 22.18 -14.45 -4.13
CA LEU B 244 21.43 -15.56 -3.60
C LEU B 244 20.50 -15.14 -2.45
N ARG B 245 20.57 -13.90 -1.98
CA ARG B 245 19.63 -13.44 -0.95
C ARG B 245 18.86 -12.22 -1.43
N GLY B 246 18.97 -11.89 -2.71
CA GLY B 246 18.35 -10.71 -3.27
C GLY B 246 17.42 -11.05 -4.44
N PRO B 247 16.74 -10.03 -4.99
CA PRO B 247 15.87 -10.23 -6.15
C PRO B 247 16.66 -10.63 -7.37
N ILE B 248 15.97 -11.33 -8.27
CA ILE B 248 16.58 -11.78 -9.52
C ILE B 248 16.52 -10.64 -10.53
N PRO B 249 17.62 -10.29 -11.22
CA PRO B 249 17.56 -9.32 -12.32
C PRO B 249 16.48 -9.66 -13.36
N ALA B 250 15.65 -8.66 -13.74
CA ALA B 250 14.36 -8.88 -14.36
C ALA B 250 14.44 -9.39 -15.82
N HIS B 251 15.65 -9.43 -16.37
CA HIS B 251 15.85 -9.77 -17.76
C HIS B 251 16.34 -11.21 -17.97
N LEU B 252 16.40 -12.02 -16.91
CA LEU B 252 17.11 -13.30 -16.98
C LEU B 252 16.15 -14.50 -17.02
N LEU B 253 14.85 -14.28 -17.10
CA LEU B 253 13.92 -15.37 -16.83
C LEU B 253 13.17 -15.79 -18.10
N GLY B 254 13.58 -15.35 -19.28
CA GLY B 254 13.15 -15.98 -20.53
C GLY B 254 12.05 -15.19 -21.25
N ASP B 255 11.68 -14.05 -20.67
CA ASP B 255 10.50 -13.32 -21.05
C ASP B 255 10.70 -11.86 -20.65
N MET B 256 10.20 -10.96 -21.50
CA MET B 256 10.41 -9.54 -21.36
C MET B 256 9.89 -9.06 -20.00
N TRP B 257 8.82 -9.68 -19.49
CA TRP B 257 8.17 -9.20 -18.26
C TRP B 257 8.42 -10.12 -17.09
N ALA B 258 9.29 -11.09 -17.28
CA ALA B 258 9.60 -12.12 -16.30
C ALA B 258 8.33 -12.82 -15.85
N GLN B 259 7.35 -12.93 -16.75
CA GLN B 259 6.03 -13.34 -16.35
C GLN B 259 5.82 -14.84 -16.47
N SER B 260 6.53 -15.49 -17.37
CA SER B 260 6.60 -16.92 -17.27
C SER B 260 8.00 -17.35 -17.69
N TRP B 261 8.45 -18.43 -17.08
CA TRP B 261 9.86 -18.75 -17.04
C TRP B 261 10.16 -20.03 -17.84
N GLU B 262 9.21 -20.50 -18.65
CA GLU B 262 9.37 -21.74 -19.41
C GLU B 262 10.63 -21.72 -20.27
N ASN B 263 10.99 -20.57 -20.84
CA ASN B 263 12.13 -20.48 -21.74
C ASN B 263 13.49 -20.73 -21.08
N ILE B 264 13.60 -20.70 -19.75
CA ILE B 264 14.87 -21.05 -19.14
C ILE B 264 14.81 -22.48 -18.60
N TYR B 265 13.83 -23.27 -19.05
CA TYR B 265 13.68 -24.67 -18.63
C TYR B 265 14.99 -25.45 -18.80
N ASP B 266 15.70 -25.27 -19.93
CA ASP B 266 16.89 -26.07 -20.19
C ASP B 266 17.97 -25.80 -19.15
N MET B 267 17.92 -24.63 -18.48
CA MET B 267 18.94 -24.29 -17.50
C MET B 267 18.60 -24.82 -16.12
N VAL B 268 17.36 -25.26 -15.87
CA VAL B 268 16.93 -25.54 -14.51
C VAL B 268 16.40 -26.97 -14.40
N VAL B 269 16.39 -27.71 -15.51
CA VAL B 269 15.75 -29.02 -15.54
C VAL B 269 16.32 -29.93 -14.46
N PRO B 270 15.46 -30.41 -13.53
CA PRO B 270 15.86 -31.25 -12.40
C PRO B 270 16.69 -32.49 -12.66
N PHE B 271 16.28 -33.29 -13.69
CA PHE B 271 16.96 -34.50 -14.11
C PHE B 271 17.31 -34.39 -15.60
N PRO B 272 18.45 -33.72 -15.89
CA PRO B 272 18.76 -33.28 -17.25
C PRO B 272 18.97 -34.28 -18.37
N ASP B 273 19.10 -35.57 -18.04
CA ASP B 273 19.36 -36.61 -19.03
C ASP B 273 18.09 -37.12 -19.73
N LYS B 274 16.90 -36.96 -19.13
CA LYS B 274 15.70 -37.66 -19.60
C LYS B 274 15.26 -37.04 -20.93
N PRO B 275 14.14 -37.47 -21.56
CA PRO B 275 13.71 -36.84 -22.81
C PRO B 275 13.49 -35.34 -22.65
N ASN B 276 13.74 -34.61 -23.74
CA ASN B 276 13.54 -33.17 -23.72
C ASN B 276 12.05 -32.85 -23.87
N LEU B 277 11.42 -32.30 -22.81
CA LEU B 277 9.99 -32.06 -22.76
C LEU B 277 9.58 -30.76 -23.47
N ASP B 278 10.56 -29.97 -23.92
CA ASP B 278 10.29 -28.88 -24.83
C ASP B 278 10.48 -29.43 -26.24
N VAL B 279 9.36 -29.53 -26.96
CA VAL B 279 9.27 -30.17 -28.25
C VAL B 279 9.45 -29.18 -29.42
N THR B 280 9.88 -27.94 -29.12
CA THR B 280 10.08 -26.93 -30.15
C THR B 280 11.00 -27.48 -31.24
N SER B 281 12.15 -28.06 -30.87
CA SER B 281 13.10 -28.49 -31.90
C SER B 281 12.50 -29.60 -32.77
N THR B 282 11.62 -30.44 -32.18
CA THR B 282 10.90 -31.44 -32.96
C THR B 282 9.88 -30.79 -33.91
N MET B 283 9.19 -29.73 -33.45
CA MET B 283 8.21 -29.05 -34.30
C MET B 283 8.91 -28.45 -35.53
N LEU B 284 10.09 -27.84 -35.34
CA LEU B 284 10.86 -27.27 -36.43
C LEU B 284 11.38 -28.38 -37.33
N GLN B 285 12.04 -29.37 -36.71
CA GLN B 285 12.55 -30.56 -37.40
C GLN B 285 11.47 -31.13 -38.31
N GLN B 286 10.20 -31.14 -37.86
CA GLN B 286 9.10 -31.74 -38.62
C GLN B 286 8.40 -30.76 -39.58
N GLY B 287 8.73 -29.46 -39.56
CA GLY B 287 8.12 -28.55 -40.52
C GLY B 287 6.73 -28.04 -40.11
N TRP B 288 6.44 -27.94 -38.80
CA TRP B 288 5.20 -27.32 -38.36
C TRP B 288 5.18 -25.85 -38.78
N GLN B 289 3.99 -25.39 -39.18
CA GLN B 289 3.74 -24.00 -39.51
C GLN B 289 2.54 -23.54 -38.71
N ALA B 290 2.27 -22.23 -38.77
CA ALA B 290 1.17 -21.63 -38.06
C ALA B 290 -0.09 -22.44 -38.29
N THR B 291 -0.38 -22.74 -39.56
CA THR B 291 -1.69 -23.26 -39.90
C THR B 291 -1.89 -24.66 -39.28
N HIS B 292 -0.83 -25.49 -39.23
CA HIS B 292 -0.87 -26.79 -38.57
C HIS B 292 -1.19 -26.63 -37.08
N MET B 293 -0.55 -25.64 -36.47
CA MET B 293 -0.73 -25.42 -35.06
C MET B 293 -2.21 -25.15 -34.81
N PHE B 294 -2.86 -24.35 -35.67
CA PHE B 294 -4.27 -24.00 -35.44
C PHE B 294 -5.19 -25.21 -35.69
N ARG B 295 -4.82 -26.05 -36.66
CA ARG B 295 -5.59 -27.25 -37.01
C ARG B 295 -5.49 -28.29 -35.89
N VAL B 296 -4.31 -28.42 -35.30
CA VAL B 296 -4.14 -29.36 -34.21
C VAL B 296 -4.98 -28.91 -33.03
N ALA B 297 -4.97 -27.61 -32.72
CA ALA B 297 -5.82 -27.10 -31.66
C ALA B 297 -7.30 -27.35 -31.97
N GLU B 298 -7.72 -27.04 -33.18
CA GLU B 298 -9.11 -27.21 -33.55
C GLU B 298 -9.53 -28.66 -33.25
N GLU B 299 -8.69 -29.62 -33.65
CA GLU B 299 -9.07 -31.01 -33.61
C GLU B 299 -9.25 -31.46 -32.16
N PHE B 300 -8.51 -30.84 -31.22
CA PHE B 300 -8.76 -31.10 -29.81
C PHE B 300 -10.19 -30.69 -29.48
N PHE B 301 -10.60 -29.50 -29.93
CA PHE B 301 -11.95 -29.02 -29.65
C PHE B 301 -12.98 -29.99 -30.23
N THR B 302 -12.81 -30.40 -31.50
CA THR B 302 -13.80 -31.24 -32.14
C THR B 302 -13.77 -32.62 -31.50
N SER B 303 -12.63 -33.02 -30.89
CA SER B 303 -12.59 -34.33 -30.27
C SER B 303 -13.58 -34.39 -29.10
N LEU B 304 -13.87 -33.20 -28.52
CA LEU B 304 -14.76 -33.07 -27.37
C LEU B 304 -16.20 -32.83 -27.83
N GLU B 305 -16.43 -32.91 -29.14
CA GLU B 305 -17.69 -32.56 -29.76
C GLU B 305 -18.04 -31.10 -29.51
N LEU B 306 -17.04 -30.23 -29.41
CA LEU B 306 -17.25 -28.80 -29.51
C LEU B 306 -17.14 -28.41 -30.99
N SER B 307 -17.32 -27.14 -31.30
CA SER B 307 -17.46 -26.73 -32.69
C SER B 307 -16.10 -26.63 -33.36
N PRO B 308 -16.06 -26.94 -34.66
CA PRO B 308 -14.92 -26.57 -35.50
C PRO B 308 -14.93 -25.06 -35.70
N MET B 309 -13.77 -24.53 -36.08
CA MET B 309 -13.69 -23.20 -36.64
C MET B 309 -14.47 -23.13 -37.96
N PRO B 310 -15.39 -22.14 -38.10
CA PRO B 310 -16.11 -21.97 -39.35
C PRO B 310 -15.25 -21.41 -40.47
N PRO B 311 -15.73 -21.54 -41.73
CA PRO B 311 -15.04 -20.99 -42.91
C PRO B 311 -14.55 -19.58 -42.71
N GLU B 312 -15.44 -18.71 -42.19
CA GLU B 312 -15.13 -17.30 -41.97
C GLU B 312 -13.91 -17.10 -41.09
N PHE B 313 -13.65 -17.99 -40.13
CA PHE B 313 -12.45 -17.88 -39.32
C PHE B 313 -11.17 -18.08 -40.15
N TRP B 314 -11.14 -19.13 -41.01
CA TRP B 314 -9.94 -19.44 -41.78
C TRP B 314 -9.74 -18.38 -42.87
N GLU B 315 -10.81 -17.83 -43.41
CA GLU B 315 -10.67 -16.88 -44.50
C GLU B 315 -10.19 -15.53 -43.97
N GLY B 316 -10.63 -15.16 -42.77
CA GLY B 316 -10.46 -13.79 -42.26
C GLY B 316 -9.31 -13.60 -41.29
N SER B 317 -8.85 -14.68 -40.65
CA SER B 317 -7.91 -14.58 -39.57
C SER B 317 -6.55 -14.14 -40.09
N MET B 318 -5.70 -13.57 -39.21
CA MET B 318 -4.31 -13.29 -39.56
C MET B 318 -3.45 -14.13 -38.60
N LEU B 319 -2.79 -15.17 -39.14
CA LEU B 319 -2.16 -16.21 -38.32
C LEU B 319 -0.64 -16.13 -38.44
N GLU B 320 -0.12 -15.29 -39.35
CA GLU B 320 1.29 -15.01 -39.44
C GLU B 320 1.50 -13.50 -39.49
N LYS B 321 2.67 -13.04 -39.01
CA LYS B 321 3.09 -11.67 -39.26
C LYS B 321 3.24 -11.42 -40.77
N PRO B 322 2.51 -10.43 -41.35
CA PRO B 322 2.60 -10.09 -42.78
C PRO B 322 4.02 -9.79 -43.30
N ALA B 323 4.35 -10.35 -44.47
CA ALA B 323 5.70 -10.30 -45.03
C ALA B 323 5.93 -9.05 -45.89
N ASP B 324 4.94 -8.15 -45.96
CA ASP B 324 5.07 -6.92 -46.73
C ASP B 324 5.39 -5.72 -45.81
N GLY B 325 5.93 -5.98 -44.61
CA GLY B 325 6.45 -4.91 -43.76
C GLY B 325 5.38 -4.15 -42.95
N ARG B 326 4.23 -3.86 -43.58
CA ARG B 326 3.04 -3.25 -42.98
C ARG B 326 3.00 -3.43 -41.45
N GLU B 327 2.67 -2.36 -40.73
CA GLU B 327 2.65 -2.37 -39.28
C GLU B 327 1.36 -3.04 -38.80
N VAL B 328 1.51 -3.95 -37.83
CA VAL B 328 0.39 -4.64 -37.23
C VAL B 328 0.63 -4.67 -35.72
N VAL B 329 -0.46 -4.85 -34.97
CA VAL B 329 -0.44 -5.23 -33.57
C VAL B 329 -0.14 -6.72 -33.50
N CYS B 330 1.09 -7.08 -33.10
CA CYS B 330 1.46 -8.50 -33.07
C CYS B 330 0.82 -9.24 -31.92
N HIS B 331 0.54 -8.53 -30.80
CA HIS B 331 0.03 -9.20 -29.61
C HIS B 331 -1.20 -10.00 -29.97
N ALA B 332 -1.22 -11.28 -29.62
CA ALA B 332 -2.26 -12.21 -30.07
C ALA B 332 -3.62 -11.85 -29.46
N SER B 333 -4.68 -11.97 -30.25
CA SER B 333 -6.03 -11.69 -29.77
C SER B 333 -7.11 -12.38 -30.62
N ALA B 334 -8.27 -12.60 -29.97
CA ALA B 334 -9.43 -13.31 -30.46
C ALA B 334 -10.63 -12.38 -30.51
N TRP B 335 -11.32 -12.39 -31.65
CA TRP B 335 -12.24 -11.34 -32.05
C TRP B 335 -13.62 -11.89 -32.37
N ASP B 336 -14.61 -11.34 -31.64
CA ASP B 336 -16.02 -11.53 -31.91
C ASP B 336 -16.55 -10.30 -32.63
N PHE B 337 -17.11 -10.47 -33.85
CA PHE B 337 -17.60 -9.30 -34.58
C PHE B 337 -19.06 -8.97 -34.24
N TYR B 338 -19.71 -9.75 -33.37
CA TYR B 338 -21.08 -9.53 -32.93
C TYR B 338 -22.09 -9.62 -34.10
N ASN B 339 -21.77 -10.34 -35.18
CA ASN B 339 -22.74 -10.60 -36.24
C ASN B 339 -23.08 -12.09 -36.35
N ARG B 340 -22.55 -12.91 -35.45
CA ARG B 340 -22.92 -14.31 -35.33
C ARG B 340 -22.32 -15.17 -36.46
N ALA B 341 -21.40 -14.60 -37.25
CA ALA B 341 -20.84 -15.18 -38.46
C ALA B 341 -19.32 -15.05 -38.45
N ASP B 342 -18.81 -13.84 -38.13
CA ASP B 342 -17.39 -13.59 -38.17
C ASP B 342 -16.74 -13.65 -36.79
N PHE B 343 -15.72 -14.53 -36.71
CA PHE B 343 -14.86 -14.72 -35.57
C PHE B 343 -13.45 -14.96 -36.10
N ARG B 344 -12.43 -14.32 -35.53
CA ARG B 344 -11.10 -14.38 -36.07
C ARG B 344 -10.04 -14.29 -34.98
N ILE B 345 -8.85 -14.77 -35.32
CA ILE B 345 -7.70 -14.60 -34.48
C ILE B 345 -6.68 -13.82 -35.28
N LYS B 346 -6.02 -12.91 -34.56
CA LYS B 346 -4.92 -12.11 -35.06
C LYS B 346 -3.69 -12.48 -34.24
N GLN B 347 -2.74 -13.21 -34.85
CA GLN B 347 -1.58 -13.66 -34.10
C GLN B 347 -0.38 -13.73 -35.05
N CYS B 348 0.75 -13.16 -34.59
CA CYS B 348 2.00 -13.22 -35.32
C CYS B 348 2.69 -14.52 -34.92
N THR B 349 2.14 -15.65 -35.39
CA THR B 349 2.41 -16.95 -34.81
C THR B 349 3.84 -17.38 -35.10
N ARG B 350 4.53 -17.89 -34.09
CA ARG B 350 5.84 -18.51 -34.25
C ARG B 350 5.75 -19.99 -33.89
N VAL B 351 6.67 -20.77 -34.47
CA VAL B 351 6.67 -22.21 -34.29
C VAL B 351 7.52 -22.57 -33.06
N THR B 352 6.86 -22.56 -31.89
CA THR B 352 7.43 -22.96 -30.62
C THR B 352 6.34 -23.67 -29.80
N MET B 353 6.78 -24.43 -28.79
CA MET B 353 5.85 -25.05 -27.86
C MET B 353 5.00 -24.00 -27.11
N ASP B 354 5.59 -22.89 -26.62
CA ASP B 354 4.80 -21.89 -25.88
C ASP B 354 3.75 -21.21 -26.79
N GLN B 355 4.06 -21.00 -28.08
CA GLN B 355 3.10 -20.48 -29.04
C GLN B 355 1.96 -21.48 -29.28
N LEU B 356 2.27 -22.79 -29.26
CA LEU B 356 1.21 -23.77 -29.37
C LEU B 356 0.19 -23.62 -28.24
N SER B 357 0.67 -23.41 -27.00
CA SER B 357 -0.26 -23.12 -25.92
C SER B 357 -1.00 -21.78 -26.17
N THR B 358 -0.31 -20.75 -26.69
CA THR B 358 -0.98 -19.50 -26.96
C THR B 358 -2.07 -19.69 -28.02
N VAL B 359 -1.80 -20.53 -29.01
CA VAL B 359 -2.82 -20.83 -30.02
C VAL B 359 -4.06 -21.43 -29.36
N HIS B 360 -3.87 -22.34 -28.41
CA HIS B 360 -4.98 -22.96 -27.72
C HIS B 360 -5.74 -21.92 -26.90
N HIS B 361 -4.99 -21.01 -26.25
CA HIS B 361 -5.56 -19.95 -25.43
C HIS B 361 -6.52 -19.11 -26.28
N GLU B 362 -6.04 -18.65 -27.43
CA GLU B 362 -6.83 -17.83 -28.34
C GLU B 362 -8.02 -18.59 -28.92
N MET B 363 -7.82 -19.88 -29.26
CA MET B 363 -8.91 -20.66 -29.81
C MET B 363 -9.99 -20.88 -28.73
N GLY B 364 -9.59 -21.03 -27.45
CA GLY B 364 -10.51 -21.01 -26.32
C GLY B 364 -11.52 -19.85 -26.36
N HIS B 365 -11.04 -18.64 -26.68
CA HIS B 365 -11.88 -17.46 -26.79
C HIS B 365 -12.87 -17.67 -27.93
N ILE B 366 -12.36 -18.10 -29.09
CA ILE B 366 -13.21 -18.29 -30.24
C ILE B 366 -14.30 -19.31 -29.90
N GLN B 367 -13.94 -20.40 -29.25
CA GLN B 367 -14.90 -21.43 -28.93
C GLN B 367 -16.03 -20.85 -28.07
N TYR B 368 -15.67 -19.98 -27.12
CA TYR B 368 -16.67 -19.28 -26.30
C TYR B 368 -17.61 -18.48 -27.24
N TYR B 369 -17.03 -17.70 -28.13
CA TYR B 369 -17.81 -16.89 -29.04
C TYR B 369 -18.75 -17.77 -29.88
N LEU B 370 -18.31 -18.98 -30.31
CA LEU B 370 -19.16 -19.83 -31.14
C LEU B 370 -20.31 -20.39 -30.33
N GLN B 371 -20.08 -20.72 -29.06
CA GLN B 371 -21.15 -21.33 -28.27
C GLN B 371 -22.24 -20.33 -27.84
N TYR B 372 -21.92 -19.03 -27.70
CA TYR B 372 -22.89 -18.09 -27.15
C TYR B 372 -23.37 -17.06 -28.18
N LYS B 373 -23.05 -17.28 -29.46
CA LYS B 373 -23.37 -16.33 -30.51
C LYS B 373 -24.90 -16.10 -30.65
N ASP B 374 -25.73 -17.00 -30.12
CA ASP B 374 -27.18 -16.87 -30.28
C ASP B 374 -27.82 -16.13 -29.09
N LEU B 375 -27.00 -15.66 -28.16
CA LEU B 375 -27.52 -14.89 -27.05
C LEU B 375 -27.65 -13.42 -27.45
N PRO B 376 -28.53 -12.67 -26.73
CA PRO B 376 -28.53 -11.21 -26.80
C PRO B 376 -27.13 -10.66 -26.56
N VAL B 377 -26.74 -9.70 -27.39
CA VAL B 377 -25.38 -9.17 -27.43
C VAL B 377 -24.81 -8.93 -26.02
N SER B 378 -25.63 -8.44 -25.09
CA SER B 378 -25.17 -8.02 -23.77
C SER B 378 -24.70 -9.22 -22.97
N LEU B 379 -25.25 -10.40 -23.28
CA LEU B 379 -24.86 -11.61 -22.60
C LEU B 379 -23.73 -12.36 -23.33
N ARG B 380 -23.16 -11.81 -24.40
CA ARG B 380 -22.08 -12.48 -25.10
C ARG B 380 -20.75 -12.13 -24.46
N ARG B 381 -20.55 -12.71 -23.27
CA ARG B 381 -19.39 -12.48 -22.45
C ARG B 381 -19.21 -13.72 -21.60
N GLY B 382 -18.02 -13.90 -21.00
CA GLY B 382 -17.83 -15.05 -20.13
C GLY B 382 -18.66 -14.89 -18.87
N ALA B 383 -18.85 -15.94 -18.08
CA ALA B 383 -19.59 -15.77 -16.83
C ALA B 383 -18.90 -14.69 -15.97
N ASN B 384 -17.56 -14.71 -15.96
CA ASN B 384 -16.77 -13.53 -15.61
C ASN B 384 -15.57 -13.52 -16.55
N PRO B 385 -14.77 -12.44 -16.59
CA PRO B 385 -13.66 -12.38 -17.55
C PRO B 385 -12.58 -13.46 -17.37
N GLY B 386 -12.41 -13.95 -16.14
CA GLY B 386 -11.52 -15.05 -15.85
C GLY B 386 -11.93 -16.35 -16.55
N PHE B 387 -13.24 -16.57 -16.69
CA PHE B 387 -13.77 -17.74 -17.36
C PHE B 387 -13.30 -17.74 -18.81
N HIS B 388 -13.41 -16.59 -19.47
CA HIS B 388 -13.01 -16.51 -20.86
C HIS B 388 -11.53 -16.83 -21.01
N GLU B 389 -10.70 -16.34 -20.09
CA GLU B 389 -9.27 -16.58 -20.13
C GLU B 389 -8.87 -18.03 -19.83
N ALA B 390 -9.76 -18.84 -19.23
CA ALA B 390 -9.36 -20.14 -18.72
C ALA B 390 -9.61 -21.25 -19.72
N ILE B 391 -10.50 -21.04 -20.69
CA ILE B 391 -11.02 -22.13 -21.52
C ILE B 391 -9.90 -22.84 -22.29
N GLY B 392 -9.15 -22.08 -23.10
CA GLY B 392 -8.08 -22.63 -23.91
C GLY B 392 -6.91 -23.20 -23.09
N ASP B 393 -6.65 -22.58 -21.94
CA ASP B 393 -5.60 -22.98 -21.00
C ASP B 393 -5.91 -24.38 -20.43
N VAL B 394 -7.19 -24.65 -20.20
CA VAL B 394 -7.66 -25.93 -19.71
C VAL B 394 -7.30 -27.03 -20.71
N LEU B 395 -7.65 -26.82 -22.00
CA LEU B 395 -7.30 -27.80 -23.02
C LEU B 395 -5.78 -27.96 -23.10
N ALA B 396 -5.04 -26.84 -23.08
CA ALA B 396 -3.59 -26.89 -23.21
C ALA B 396 -2.94 -27.70 -22.09
N LEU B 397 -3.58 -27.76 -20.91
CA LEU B 397 -3.07 -28.59 -19.83
C LEU B 397 -3.03 -30.06 -20.26
N SER B 398 -4.03 -30.51 -21.03
CA SER B 398 -4.06 -31.89 -21.50
C SER B 398 -3.03 -32.10 -22.61
N VAL B 399 -2.93 -31.16 -23.55
CA VAL B 399 -2.05 -31.23 -24.69
C VAL B 399 -0.59 -31.35 -24.26
N SER B 400 -0.18 -30.63 -23.22
CA SER B 400 1.24 -30.57 -22.87
C SER B 400 1.67 -31.83 -22.10
N THR B 401 0.74 -32.70 -21.73
CA THR B 401 1.11 -33.96 -21.08
C THR B 401 2.03 -34.75 -22.02
N PRO B 402 3.12 -35.39 -21.51
CA PRO B 402 4.01 -36.17 -22.37
C PRO B 402 3.24 -37.25 -23.11
N GLU B 403 2.28 -37.88 -22.44
CA GLU B 403 1.44 -38.88 -23.08
C GLU B 403 0.75 -38.25 -24.32
N HIS B 404 0.16 -37.05 -24.19
CA HIS B 404 -0.57 -36.49 -25.32
C HIS B 404 0.40 -36.11 -26.44
N LEU B 405 1.55 -35.55 -26.07
CA LEU B 405 2.56 -35.13 -27.01
C LEU B 405 3.01 -36.34 -27.82
N HIS B 406 3.08 -37.48 -27.16
CA HIS B 406 3.45 -38.70 -27.87
C HIS B 406 2.38 -39.03 -28.90
N LYS B 407 1.11 -38.87 -28.56
CA LYS B 407 0.02 -39.21 -29.48
C LYS B 407 0.01 -38.32 -30.73
N ILE B 408 0.50 -37.10 -30.66
CA ILE B 408 0.46 -36.22 -31.82
C ILE B 408 1.85 -36.15 -32.44
N GLY B 409 2.72 -37.08 -32.06
CA GLY B 409 3.98 -37.27 -32.75
C GLY B 409 5.08 -36.27 -32.40
N LEU B 410 5.00 -35.59 -31.24
CA LEU B 410 6.00 -34.61 -30.83
C LEU B 410 6.96 -35.15 -29.75
N LEU B 411 6.78 -36.37 -29.24
CA LEU B 411 7.63 -36.86 -28.18
C LEU B 411 7.76 -38.37 -28.30
N ASP B 412 9.01 -38.83 -28.21
CA ASP B 412 9.43 -40.18 -28.59
C ASP B 412 8.72 -41.21 -27.73
N ARG B 413 8.73 -41.04 -26.40
CA ARG B 413 7.81 -41.69 -25.47
C ARG B 413 8.49 -41.80 -24.11
N VAL B 414 7.79 -41.41 -23.04
CA VAL B 414 8.41 -41.14 -21.75
C VAL B 414 8.33 -42.37 -20.85
N THR B 415 9.31 -42.56 -19.95
CA THR B 415 9.08 -43.55 -18.90
C THR B 415 8.26 -42.88 -17.81
N ASN B 416 7.32 -43.65 -17.24
CA ASN B 416 6.43 -43.18 -16.20
C ASN B 416 7.09 -43.40 -14.84
N ASP B 417 8.08 -42.57 -14.54
CA ASP B 417 8.81 -42.69 -13.29
C ASP B 417 8.83 -41.34 -12.59
N THR B 418 9.31 -41.36 -11.34
CA THR B 418 9.41 -40.19 -10.47
C THR B 418 10.19 -39.07 -11.14
N GLU B 419 11.32 -39.38 -11.81
CA GLU B 419 12.19 -38.33 -12.34
C GLU B 419 11.43 -37.56 -13.44
N SER B 420 10.80 -38.30 -14.37
CA SER B 420 10.08 -37.73 -15.49
C SER B 420 8.91 -36.87 -15.01
N ASP B 421 8.18 -37.34 -13.97
CA ASP B 421 7.10 -36.58 -13.36
C ASP B 421 7.62 -35.22 -12.84
N ILE B 422 8.74 -35.25 -12.11
CA ILE B 422 9.31 -34.03 -11.57
C ILE B 422 9.69 -33.05 -12.68
N ASN B 423 10.39 -33.55 -13.72
CA ASN B 423 10.73 -32.71 -14.87
C ASN B 423 9.48 -32.02 -15.42
N TYR B 424 8.41 -32.80 -15.67
CA TYR B 424 7.19 -32.29 -16.28
C TYR B 424 6.56 -31.24 -15.36
N LEU B 425 6.41 -31.56 -14.08
CA LEU B 425 5.76 -30.63 -13.16
C LEU B 425 6.60 -29.36 -12.99
N LEU B 426 7.92 -29.46 -13.10
CA LEU B 426 8.74 -28.28 -12.93
C LEU B 426 8.55 -27.38 -14.15
N LYS B 427 8.52 -27.98 -15.33
CA LYS B 427 8.27 -27.21 -16.53
C LYS B 427 6.93 -26.49 -16.42
N MET B 428 5.91 -27.19 -15.92
CA MET B 428 4.58 -26.61 -15.82
C MET B 428 4.57 -25.51 -14.75
N ALA B 429 5.37 -25.69 -13.70
CA ALA B 429 5.51 -24.65 -12.68
C ALA B 429 6.15 -23.39 -13.27
N LEU B 430 7.15 -23.54 -14.14
CA LEU B 430 7.77 -22.39 -14.80
C LEU B 430 6.74 -21.58 -15.57
N GLU B 431 5.70 -22.24 -16.10
CA GLU B 431 4.69 -21.58 -16.90
C GLU B 431 3.58 -21.01 -16.02
N LYS B 432 3.14 -21.75 -15.01
CA LYS B 432 1.94 -21.44 -14.28
C LYS B 432 2.23 -20.77 -12.94
N ILE B 433 3.15 -21.33 -12.13
CA ILE B 433 3.37 -20.78 -10.80
C ILE B 433 4.13 -19.46 -10.91
N ALA B 434 5.15 -19.41 -11.77
CA ALA B 434 5.91 -18.18 -11.93
C ALA B 434 5.03 -16.97 -12.29
N PHE B 435 3.95 -17.19 -13.04
CA PHE B 435 3.03 -16.18 -13.50
C PHE B 435 2.17 -15.58 -12.36
N LEU B 436 1.89 -16.35 -11.31
CA LEU B 436 0.90 -15.97 -10.30
C LEU B 436 1.17 -14.58 -9.72
N PRO B 437 2.40 -14.28 -9.21
CA PRO B 437 2.69 -12.95 -8.66
C PRO B 437 2.44 -11.84 -9.67
N PHE B 438 2.82 -12.08 -10.93
CA PHE B 438 2.67 -11.05 -11.95
C PHE B 438 1.20 -10.88 -12.28
N GLY B 439 0.44 -11.97 -12.40
CA GLY B 439 -0.97 -11.87 -12.67
C GLY B 439 -1.70 -11.06 -11.60
N TYR B 440 -1.26 -11.19 -10.34
CA TYR B 440 -1.89 -10.51 -9.21
C TYR B 440 -1.51 -9.02 -9.15
N LEU B 441 -0.24 -8.72 -9.45
CA LEU B 441 0.28 -7.39 -9.16
C LEU B 441 -0.11 -6.35 -10.24
N VAL B 442 -0.35 -6.75 -11.50
CA VAL B 442 -0.52 -5.75 -12.54
C VAL B 442 -1.69 -4.82 -12.20
N ASP B 443 -2.83 -5.41 -11.80
CA ASP B 443 -3.96 -4.57 -11.54
C ASP B 443 -3.93 -3.96 -10.14
N GLN B 444 -3.14 -4.51 -9.20
CA GLN B 444 -2.86 -3.78 -7.97
C GLN B 444 -2.25 -2.42 -8.31
N TRP B 445 -1.29 -2.44 -9.23
CA TRP B 445 -0.70 -1.22 -9.72
C TRP B 445 -1.77 -0.30 -10.32
N ARG B 446 -2.59 -0.84 -11.24
CA ARG B 446 -3.51 0.01 -11.97
C ARG B 446 -4.67 0.49 -11.10
N TRP B 447 -5.18 -0.34 -10.17
CA TRP B 447 -6.19 0.09 -9.24
C TRP B 447 -5.68 1.27 -8.43
N GLY B 448 -4.38 1.26 -8.04
CA GLY B 448 -3.80 2.39 -7.34
C GLY B 448 -3.72 3.64 -8.20
N VAL B 449 -3.40 3.49 -9.50
CA VAL B 449 -3.37 4.63 -10.39
C VAL B 449 -4.78 5.21 -10.47
N PHE B 450 -5.78 4.37 -10.71
CA PHE B 450 -7.14 4.90 -10.88
C PHE B 450 -7.67 5.54 -9.60
N SER B 451 -7.36 4.97 -8.43
CA SER B 451 -7.88 5.49 -7.19
C SER B 451 -7.20 6.82 -6.82
N GLY B 452 -6.03 7.08 -7.38
CA GLY B 452 -5.26 8.27 -7.04
C GLY B 452 -4.17 7.99 -6.00
N ARG B 453 -4.10 6.79 -5.43
CA ARG B 453 -3.01 6.46 -4.50
C ARG B 453 -1.65 6.55 -5.20
N THR B 454 -1.61 6.23 -6.51
CA THR B 454 -0.41 6.31 -7.33
C THR B 454 -0.59 7.42 -8.39
N PRO B 455 -0.09 8.63 -8.08
CA PRO B 455 -0.11 9.76 -9.02
C PRO B 455 1.03 9.57 -10.00
N PRO B 456 1.05 10.31 -11.11
CA PRO B 456 2.16 10.22 -12.09
C PRO B 456 3.55 10.22 -11.45
N SER B 457 3.70 10.95 -10.36
CA SER B 457 5.00 11.14 -9.75
C SER B 457 5.49 9.85 -9.08
N ARG B 458 4.62 8.82 -8.94
CA ARG B 458 5.04 7.57 -8.33
C ARG B 458 4.73 6.35 -9.19
N TYR B 459 4.46 6.55 -10.49
CA TYR B 459 4.11 5.45 -11.38
C TYR B 459 5.16 4.33 -11.40
N ASN B 460 6.45 4.71 -11.52
CA ASN B 460 7.52 3.74 -11.63
C ASN B 460 7.96 3.24 -10.25
N PHE B 461 8.02 4.17 -9.29
CA PHE B 461 8.27 3.79 -7.92
C PHE B 461 7.29 2.70 -7.46
N ASP B 462 5.99 2.87 -7.71
CA ASP B 462 5.02 1.92 -7.20
C ASP B 462 5.03 0.65 -8.02
N TRP B 463 5.37 0.76 -9.31
CA TRP B 463 5.48 -0.42 -10.16
C TRP B 463 6.56 -1.35 -9.61
N TRP B 464 7.73 -0.79 -9.36
CA TRP B 464 8.84 -1.61 -8.93
C TRP B 464 8.70 -2.10 -7.50
N TYR B 465 8.03 -1.29 -6.66
CA TYR B 465 7.65 -1.73 -5.33
C TYR B 465 6.92 -3.07 -5.46
N LEU B 466 5.94 -3.13 -6.39
CA LEU B 466 5.10 -4.30 -6.56
C LEU B 466 5.85 -5.47 -7.20
N ARG B 467 6.69 -5.15 -8.18
CA ARG B 467 7.46 -6.15 -8.87
C ARG B 467 8.39 -6.87 -7.88
N THR B 468 9.07 -6.09 -7.07
CA THR B 468 9.95 -6.65 -6.07
C THR B 468 9.13 -7.38 -5.01
N LYS B 469 8.09 -6.77 -4.50
CA LYS B 469 7.31 -7.37 -3.43
C LYS B 469 6.75 -8.74 -3.83
N TYR B 470 6.19 -8.85 -5.04
CA TYR B 470 5.52 -10.08 -5.46
C TYR B 470 6.43 -11.02 -6.26
N GLN B 471 7.14 -10.52 -7.27
CA GLN B 471 7.93 -11.40 -8.13
C GLN B 471 9.35 -11.56 -7.59
N GLY B 472 9.86 -10.67 -6.73
CA GLY B 472 11.24 -10.81 -6.28
C GLY B 472 12.23 -10.64 -7.42
N ILE B 473 11.96 -9.64 -8.26
CA ILE B 473 12.87 -9.19 -9.29
C ILE B 473 13.25 -7.72 -9.06
N CYS B 474 14.33 -7.33 -9.72
CA CYS B 474 14.81 -5.96 -9.68
C CYS B 474 15.16 -5.55 -11.09
N PRO B 475 15.13 -4.23 -11.39
CA PRO B 475 15.51 -3.75 -12.71
C PRO B 475 17.02 -3.86 -12.77
N PRO B 476 17.53 -4.35 -13.91
CA PRO B 476 18.97 -4.54 -14.08
C PRO B 476 19.76 -3.30 -14.45
N VAL B 477 19.04 -2.19 -14.70
CA VAL B 477 19.63 -0.85 -14.75
C VAL B 477 18.75 0.06 -13.90
N THR B 478 19.34 1.20 -13.47
CA THR B 478 18.63 2.21 -12.71
C THR B 478 17.43 2.73 -13.47
N ARG B 479 16.32 2.91 -12.77
CA ARG B 479 15.13 3.54 -13.30
C ARG B 479 14.77 4.73 -12.42
N ASN B 480 14.18 5.75 -13.05
CA ASN B 480 13.64 6.91 -12.38
C ASN B 480 12.26 7.18 -12.96
N GLU B 481 11.62 8.26 -12.50
CA GLU B 481 10.24 8.50 -12.87
C GLU B 481 10.10 9.04 -14.29
N THR B 482 11.19 9.23 -15.02
CA THR B 482 11.04 9.48 -16.45
C THR B 482 10.64 8.18 -17.13
N HIS B 483 11.03 7.04 -16.57
CA HIS B 483 10.68 5.74 -17.08
C HIS B 483 9.26 5.40 -16.65
N PHE B 484 8.57 4.61 -17.48
CA PHE B 484 7.22 4.19 -17.23
C PHE B 484 7.13 2.72 -17.63
N ASP B 485 7.67 1.88 -16.75
CA ASP B 485 7.93 0.49 -17.09
C ASP B 485 6.63 -0.30 -17.21
N ALA B 486 5.59 0.04 -16.44
CA ALA B 486 4.27 -0.54 -16.67
C ALA B 486 3.79 -0.35 -18.11
N GLY B 487 4.14 0.80 -18.72
CA GLY B 487 3.69 1.10 -20.05
C GLY B 487 4.32 0.20 -21.11
N ALA B 488 5.35 -0.57 -20.75
CA ALA B 488 6.01 -1.44 -21.71
C ALA B 488 5.40 -2.84 -21.74
N LYS B 489 4.29 -3.04 -21.03
CA LYS B 489 3.50 -4.26 -21.03
C LYS B 489 2.20 -3.99 -21.78
N PHE B 490 1.85 -4.83 -22.78
CA PHE B 490 0.79 -4.54 -23.76
C PHE B 490 -0.50 -4.04 -23.12
N HIS B 491 -0.93 -4.72 -22.06
CA HIS B 491 -2.26 -4.51 -21.52
C HIS B 491 -2.45 -3.12 -20.90
N VAL B 492 -1.37 -2.41 -20.61
CA VAL B 492 -1.50 -1.11 -19.97
C VAL B 492 -1.93 -0.06 -20.99
N PRO B 493 -1.15 0.22 -22.05
CA PRO B 493 -1.60 1.09 -23.13
C PRO B 493 -2.87 0.63 -23.86
N ASN B 494 -3.10 -0.69 -23.95
CA ASN B 494 -4.28 -1.20 -24.63
C ASN B 494 -5.43 -1.32 -23.65
N VAL B 495 -5.28 -0.81 -22.43
CA VAL B 495 -6.36 -0.78 -21.46
C VAL B 495 -7.14 -2.11 -21.43
N THR B 496 -6.42 -3.22 -21.27
CA THR B 496 -7.03 -4.51 -21.07
C THR B 496 -6.80 -4.86 -19.63
N PRO B 497 -7.85 -5.09 -18.83
CA PRO B 497 -7.64 -5.52 -17.45
C PRO B 497 -6.83 -6.82 -17.34
N TYR B 498 -6.24 -7.03 -16.11
CA TYR B 498 -5.26 -8.06 -15.93
C TYR B 498 -5.66 -9.11 -14.88
N ILE B 499 -6.51 -8.74 -13.91
CA ILE B 499 -6.75 -9.62 -12.79
C ILE B 499 -7.41 -10.92 -13.27
N ARG B 500 -8.12 -10.85 -14.40
CA ARG B 500 -8.69 -12.02 -15.06
C ARG B 500 -7.67 -13.15 -15.24
N TYR B 501 -6.40 -12.83 -15.50
CA TYR B 501 -5.41 -13.87 -15.73
C TYR B 501 -5.06 -14.56 -14.42
N PHE B 502 -4.91 -13.80 -13.34
CA PHE B 502 -4.74 -14.44 -12.05
C PHE B 502 -5.92 -15.37 -11.74
N VAL B 503 -7.15 -14.91 -11.96
CA VAL B 503 -8.34 -15.68 -11.65
C VAL B 503 -8.33 -16.93 -12.54
N SER B 504 -7.99 -16.73 -13.81
CA SER B 504 -7.90 -17.82 -14.78
C SER B 504 -6.90 -18.88 -14.33
N PHE B 505 -5.78 -18.46 -13.79
CA PHE B 505 -4.69 -19.40 -13.51
C PHE B 505 -5.05 -20.28 -12.32
N VAL B 506 -5.96 -19.82 -11.45
CA VAL B 506 -6.49 -20.68 -10.43
C VAL B 506 -7.66 -21.53 -10.98
N LEU B 507 -8.59 -20.88 -11.67
CA LEU B 507 -9.80 -21.49 -12.19
C LEU B 507 -9.50 -22.65 -13.13
N GLN B 508 -8.50 -22.51 -13.99
CA GLN B 508 -8.22 -23.55 -14.98
C GLN B 508 -7.96 -24.90 -14.33
N PHE B 509 -7.40 -24.90 -13.10
CA PHE B 509 -7.11 -26.14 -12.42
C PHE B 509 -8.38 -26.71 -11.80
N GLN B 510 -9.29 -25.83 -11.36
CA GLN B 510 -10.58 -26.30 -10.89
C GLN B 510 -11.35 -26.97 -12.03
N PHE B 511 -11.32 -26.34 -13.22
CA PHE B 511 -11.97 -26.90 -14.41
C PHE B 511 -11.36 -28.25 -14.79
N HIS B 512 -10.04 -28.30 -14.79
CA HIS B 512 -9.28 -29.46 -15.17
C HIS B 512 -9.70 -30.65 -14.31
N GLU B 513 -9.68 -30.44 -12.98
CA GLU B 513 -10.07 -31.50 -12.07
C GLU B 513 -11.50 -31.98 -12.37
N ALA B 514 -12.43 -31.05 -12.58
CA ALA B 514 -13.81 -31.44 -12.83
C ALA B 514 -13.93 -32.19 -14.16
N LEU B 515 -13.20 -31.73 -15.19
CA LEU B 515 -13.31 -32.35 -16.50
C LEU B 515 -12.71 -33.74 -16.47
N CYS B 516 -11.57 -33.90 -15.79
CA CYS B 516 -10.92 -35.19 -15.68
C CYS B 516 -11.84 -36.18 -14.97
N LYS B 517 -12.50 -35.73 -13.90
CA LYS B 517 -13.39 -36.60 -13.15
C LYS B 517 -14.58 -36.98 -14.03
N GLU B 518 -15.12 -36.01 -14.77
CA GLU B 518 -16.23 -36.26 -15.65
C GLU B 518 -15.81 -37.21 -16.78
N ALA B 519 -14.54 -37.14 -17.20
CA ALA B 519 -14.02 -38.00 -18.26
C ALA B 519 -13.94 -39.45 -17.80
N GLY B 520 -14.01 -39.70 -16.49
CA GLY B 520 -13.79 -41.01 -15.92
C GLY B 520 -12.32 -41.33 -15.65
N TYR B 521 -11.45 -40.34 -15.74
CA TYR B 521 -10.04 -40.58 -15.49
C TYR B 521 -9.79 -40.75 -13.99
N GLU B 522 -8.81 -41.59 -13.64
CA GLU B 522 -8.63 -41.97 -12.25
C GLU B 522 -7.19 -41.85 -11.76
N GLY B 523 -6.22 -41.57 -12.63
CA GLY B 523 -4.83 -41.48 -12.19
C GLY B 523 -4.48 -40.09 -11.66
N PRO B 524 -3.18 -39.76 -11.54
CA PRO B 524 -2.73 -38.44 -11.11
C PRO B 524 -3.34 -37.33 -11.93
N LEU B 525 -3.68 -36.23 -11.25
CA LEU B 525 -4.39 -35.14 -11.91
C LEU B 525 -3.51 -34.55 -13.01
N HIS B 526 -2.19 -34.52 -12.80
CA HIS B 526 -1.28 -33.89 -13.75
C HIS B 526 -0.99 -34.76 -14.98
N GLN B 527 -1.50 -36.00 -15.02
CA GLN B 527 -1.25 -36.91 -16.13
C GLN B 527 -2.53 -37.10 -16.94
N CYS B 528 -3.60 -36.43 -16.54
CA CYS B 528 -4.88 -36.52 -17.22
C CYS B 528 -4.81 -35.82 -18.57
N ASP B 529 -5.41 -36.50 -19.56
CA ASP B 529 -5.67 -35.94 -20.87
C ASP B 529 -7.16 -36.14 -21.17
N ILE B 530 -7.94 -35.06 -21.35
CA ILE B 530 -9.37 -35.18 -21.62
C ILE B 530 -9.67 -35.39 -23.12
N TYR B 531 -8.61 -35.45 -23.95
CA TYR B 531 -8.74 -35.66 -25.40
C TYR B 531 -9.76 -36.74 -25.69
N ARG B 532 -10.72 -36.44 -26.56
CA ARG B 532 -11.73 -37.38 -27.00
C ARG B 532 -12.83 -37.68 -25.98
N SER B 533 -12.86 -37.02 -24.81
CA SER B 533 -13.93 -37.29 -23.86
C SER B 533 -15.15 -36.45 -24.23
N THR B 534 -16.18 -37.07 -24.82
CA THR B 534 -17.40 -36.39 -25.18
C THR B 534 -18.16 -35.96 -23.92
N LYS B 535 -18.02 -36.67 -22.80
CA LYS B 535 -18.66 -36.27 -21.55
C LYS B 535 -18.01 -35.02 -20.97
N ALA B 536 -16.67 -34.97 -20.90
CA ALA B 536 -15.99 -33.71 -20.55
C ALA B 536 -16.43 -32.57 -21.45
N GLY B 537 -16.59 -32.86 -22.75
CA GLY B 537 -17.03 -31.89 -23.73
C GLY B 537 -18.42 -31.32 -23.43
N ALA B 538 -19.38 -32.18 -23.04
CA ALA B 538 -20.73 -31.75 -22.69
C ALA B 538 -20.70 -30.82 -21.48
N LYS B 539 -19.92 -31.17 -20.45
CA LYS B 539 -19.86 -30.33 -19.26
C LYS B 539 -19.31 -28.95 -19.58
N LEU B 540 -18.22 -28.89 -20.35
CA LEU B 540 -17.65 -27.63 -20.82
C LEU B 540 -18.64 -26.88 -21.70
N ARG B 541 -19.41 -27.56 -22.56
CA ARG B 541 -20.33 -26.88 -23.44
C ARG B 541 -21.37 -26.08 -22.63
N LYS B 542 -21.83 -26.59 -21.48
CA LYS B 542 -22.90 -25.92 -20.73
C LYS B 542 -22.37 -24.59 -20.19
N VAL B 543 -21.10 -24.56 -19.78
CA VAL B 543 -20.48 -23.31 -19.35
C VAL B 543 -20.49 -22.33 -20.51
N LEU B 544 -19.95 -22.75 -21.66
CA LEU B 544 -19.70 -21.81 -22.75
C LEU B 544 -21.01 -21.23 -23.26
N ARG B 545 -22.08 -22.05 -23.30
CA ARG B 545 -23.36 -21.61 -23.82
C ARG B 545 -24.07 -20.59 -22.91
N ALA B 546 -23.82 -20.65 -21.58
CA ALA B 546 -24.45 -19.79 -20.60
C ALA B 546 -24.04 -18.31 -20.75
N GLY B 547 -22.90 -18.03 -21.39
CA GLY B 547 -22.36 -16.68 -21.42
C GLY B 547 -22.42 -16.04 -20.03
N SER B 548 -22.86 -14.78 -19.99
CA SER B 548 -23.01 -14.03 -18.75
C SER B 548 -24.48 -14.00 -18.31
N SER B 549 -25.27 -15.01 -18.69
CA SER B 549 -26.70 -14.95 -18.48
C SER B 549 -27.02 -15.25 -17.02
N ARG B 550 -26.11 -15.98 -16.37
CA ARG B 550 -26.26 -16.39 -14.99
C ARG B 550 -25.04 -16.00 -14.16
N PRO B 551 -25.20 -15.87 -12.82
CA PRO B 551 -24.07 -15.54 -11.93
C PRO B 551 -22.97 -16.59 -12.07
N TRP B 552 -21.71 -16.11 -12.14
CA TRP B 552 -20.56 -17.00 -12.35
C TRP B 552 -20.44 -18.00 -11.20
N GLN B 553 -20.85 -17.60 -9.99
CA GLN B 553 -20.83 -18.47 -8.81
C GLN B 553 -21.67 -19.74 -9.00
N GLU B 554 -22.85 -19.57 -9.62
CA GLU B 554 -23.76 -20.66 -9.87
C GLU B 554 -23.25 -21.54 -11.02
N VAL B 555 -22.75 -20.91 -12.08
CA VAL B 555 -22.18 -21.63 -13.21
C VAL B 555 -21.03 -22.53 -12.74
N LEU B 556 -20.17 -21.97 -11.88
CA LEU B 556 -19.03 -22.67 -11.31
C LEU B 556 -19.52 -23.84 -10.48
N LYS B 557 -20.58 -23.64 -9.69
CA LYS B 557 -21.12 -24.69 -8.83
C LYS B 557 -21.61 -25.89 -9.66
N ASP B 558 -22.42 -25.63 -10.70
CA ASP B 558 -22.88 -26.71 -11.55
C ASP B 558 -21.69 -27.47 -12.12
N MET B 559 -20.64 -26.75 -12.52
CA MET B 559 -19.55 -27.38 -13.26
C MET B 559 -18.62 -28.16 -12.34
N VAL B 560 -18.13 -27.52 -11.27
CA VAL B 560 -17.06 -28.11 -10.48
C VAL B 560 -17.56 -28.53 -9.11
N GLY B 561 -18.75 -28.08 -8.69
CA GLY B 561 -19.32 -28.48 -7.41
C GLY B 561 -19.07 -27.49 -6.26
N LEU B 562 -18.52 -26.31 -6.56
CA LEU B 562 -18.17 -25.33 -5.54
C LEU B 562 -18.48 -23.94 -6.10
N ASP B 563 -18.84 -22.98 -5.24
CA ASP B 563 -19.34 -21.72 -5.74
C ASP B 563 -18.29 -20.62 -5.61
N ALA B 564 -17.02 -20.99 -5.37
CA ALA B 564 -15.97 -19.99 -5.18
C ALA B 564 -14.68 -20.48 -5.82
N LEU B 565 -13.80 -19.53 -6.16
CA LEU B 565 -12.41 -19.79 -6.49
C LEU B 565 -11.75 -20.51 -5.34
N ASP B 566 -10.87 -21.45 -5.69
CA ASP B 566 -10.28 -22.40 -4.77
C ASP B 566 -8.95 -22.87 -5.36
N ALA B 567 -7.89 -22.76 -4.55
CA ALA B 567 -6.55 -23.11 -4.95
C ALA B 567 -6.23 -24.58 -4.76
N GLN B 568 -7.12 -25.35 -4.10
CA GLN B 568 -6.83 -26.74 -3.81
C GLN B 568 -6.50 -27.55 -5.08
N PRO B 569 -7.28 -27.46 -6.16
CA PRO B 569 -6.92 -28.18 -7.39
C PRO B 569 -5.51 -27.84 -7.89
N LEU B 570 -5.14 -26.55 -7.88
CA LEU B 570 -3.82 -26.15 -8.32
C LEU B 570 -2.77 -26.81 -7.43
N LEU B 571 -3.03 -26.82 -6.13
CA LEU B 571 -2.05 -27.33 -5.17
C LEU B 571 -1.86 -28.83 -5.39
N LYS B 572 -2.97 -29.51 -5.64
CA LYS B 572 -2.97 -30.96 -5.79
C LYS B 572 -2.24 -31.33 -7.09
N TYR B 573 -2.52 -30.61 -8.18
CA TYR B 573 -1.80 -30.81 -9.44
C TYR B 573 -0.29 -30.76 -9.19
N PHE B 574 0.20 -29.74 -8.45
CA PHE B 574 1.64 -29.51 -8.34
C PHE B 574 2.28 -30.20 -7.12
N GLN B 575 1.46 -30.79 -6.25
CA GLN B 575 1.87 -31.48 -5.03
C GLN B 575 3.26 -32.13 -5.05
N LEU B 576 3.57 -32.96 -6.05
CA LEU B 576 4.85 -33.65 -6.07
C LEU B 576 6.03 -32.70 -6.23
N VAL B 577 5.91 -31.67 -7.06
CA VAL B 577 7.06 -30.82 -7.30
C VAL B 577 7.15 -29.76 -6.20
N THR B 578 6.00 -29.40 -5.59
CA THR B 578 5.99 -28.51 -4.43
C THR B 578 6.89 -29.13 -3.35
N GLN B 579 6.60 -30.41 -3.02
CA GLN B 579 7.35 -31.18 -2.05
C GLN B 579 8.82 -31.28 -2.48
N TRP B 580 9.06 -31.63 -3.72
CA TRP B 580 10.42 -31.82 -4.17
C TRP B 580 11.22 -30.53 -4.01
N LEU B 581 10.64 -29.40 -4.44
CA LEU B 581 11.37 -28.15 -4.51
C LEU B 581 11.81 -27.71 -3.11
N GLN B 582 10.93 -27.90 -2.11
CA GLN B 582 11.23 -27.57 -0.73
C GLN B 582 12.49 -28.29 -0.28
N GLU B 583 12.50 -29.61 -0.51
CA GLU B 583 13.65 -30.45 -0.21
C GLU B 583 14.89 -29.97 -0.94
N GLN B 584 14.85 -29.72 -2.24
CA GLN B 584 16.06 -29.24 -2.89
C GLN B 584 16.59 -27.95 -2.20
N ASN B 585 15.65 -27.08 -1.81
CA ASN B 585 16.01 -25.77 -1.31
C ASN B 585 16.67 -25.92 0.06
N GLN B 586 16.11 -26.75 0.95
CA GLN B 586 16.71 -26.99 2.26
C GLN B 586 18.12 -27.56 2.12
N GLN B 587 18.30 -28.59 1.30
CA GLN B 587 19.61 -29.20 1.11
C GLN B 587 20.61 -28.23 0.50
N ASN B 588 20.17 -27.23 -0.26
CA ASN B 588 21.14 -26.25 -0.76
C ASN B 588 21.32 -25.11 0.23
N GLY B 589 20.61 -25.14 1.37
CA GLY B 589 20.62 -24.04 2.33
C GLY B 589 20.05 -22.72 1.79
N GLU B 590 19.02 -22.79 0.94
CA GLU B 590 18.58 -21.57 0.28
C GLU B 590 17.88 -20.68 1.29
N VAL B 591 17.93 -19.37 1.03
CA VAL B 591 17.04 -18.44 1.69
C VAL B 591 15.79 -18.27 0.82
N LEU B 592 14.64 -18.54 1.42
CA LEU B 592 13.35 -18.28 0.80
C LEU B 592 13.08 -16.77 0.87
N GLY B 593 12.86 -16.15 -0.28
CA GLY B 593 12.63 -14.73 -0.32
C GLY B 593 13.90 -13.99 -0.73
N TRP B 594 13.81 -12.65 -0.61
CA TRP B 594 14.86 -11.77 -1.08
C TRP B 594 15.09 -10.68 -0.04
N PRO B 595 15.64 -11.01 1.13
CA PRO B 595 15.86 -10.04 2.19
C PRO B 595 16.80 -8.87 1.86
N GLU B 596 17.68 -9.04 0.87
CA GLU B 596 18.46 -7.92 0.38
C GLU B 596 17.63 -7.19 -0.69
N TYR B 597 16.55 -6.52 -0.23
CA TYR B 597 15.54 -5.97 -1.10
C TYR B 597 16.10 -4.78 -1.89
N GLN B 598 17.19 -4.19 -1.40
CA GLN B 598 17.77 -3.02 -2.05
C GLN B 598 18.74 -3.42 -3.17
N TRP B 599 19.07 -4.70 -3.30
CA TRP B 599 20.14 -5.06 -4.20
C TRP B 599 19.74 -4.91 -5.68
N HIS B 600 20.68 -4.36 -6.47
CA HIS B 600 20.61 -4.34 -7.92
C HIS B 600 21.94 -4.81 -8.51
N PRO B 601 21.95 -5.49 -9.67
CA PRO B 601 23.23 -5.94 -10.23
C PRO B 601 24.03 -4.75 -10.77
N PRO B 602 25.36 -4.88 -10.91
CA PRO B 602 26.14 -3.82 -11.54
C PRO B 602 25.91 -3.84 -13.05
N LEU B 603 26.43 -2.83 -13.75
CA LEU B 603 26.45 -2.86 -15.20
C LEU B 603 27.56 -3.81 -15.65
N PRO B 604 27.37 -4.53 -16.79
CA PRO B 604 28.48 -5.17 -17.50
C PRO B 604 29.51 -4.15 -17.98
N ASP B 605 30.72 -4.65 -18.28
CA ASP B 605 31.83 -3.76 -18.57
C ASP B 605 31.64 -3.07 -19.91
N ASN B 606 31.73 -1.74 -19.89
CA ASN B 606 31.63 -0.84 -21.05
C ASN B 606 30.36 -1.12 -21.86
N TYR B 607 29.19 -0.78 -21.32
CA TYR B 607 27.94 -1.26 -21.91
C TYR B 607 27.28 -0.20 -22.83
C1 NAG C . 3.48 44.18 12.39
C2 NAG C . 2.48 44.15 13.55
C3 NAG C . 1.07 43.76 13.08
C4 NAG C . 0.62 44.52 11.85
C5 NAG C . 1.73 44.32 10.79
C6 NAG C . 1.55 44.99 9.44
C7 NAG C . 3.62 43.32 15.57
C8 NAG C . 4.18 42.06 16.22
N2 NAG C . 2.87 43.13 14.50
O3 NAG C . 0.14 43.94 14.13
O4 NAG C . -0.68 43.99 11.53
O5 NAG C . 2.94 44.91 11.30
O6 NAG C . 0.47 45.92 9.38
O7 NAG C . 3.83 44.45 15.98
C1 NAG C . -1.83 44.80 11.44
C2 NAG C . -2.74 44.09 10.43
C3 NAG C . -4.08 44.83 10.29
C4 NAG C . -4.72 45.01 11.66
C5 NAG C . -3.76 45.78 12.56
C6 NAG C . -4.32 45.95 13.95
C7 NAG C . -2.37 42.97 8.24
C8 NAG C . -3.19 43.40 7.07
N2 NAG C . -2.09 43.91 9.15
O3 NAG C . -4.88 44.05 9.43
O4 NAG C . -6.00 45.66 11.62
O5 NAG C . -2.52 45.03 12.67
O6 NAG C . -3.52 45.30 14.95
O7 NAG C . -1.91 41.82 8.34
C1 FUC C . 0.71 47.30 9.48
C2 FUC C . 1.55 47.81 8.35
C3 FUC C . 1.57 49.30 8.35
C4 FUC C . 0.84 49.92 9.56
C5 FUC C . -0.50 49.27 9.89
C6 FUC C . -0.78 49.11 11.38
O2 FUC C . 1.01 47.34 7.12
O3 FUC C . 2.95 49.64 8.37
O4 FUC C . 1.69 49.83 10.68
O5 FUC C . -0.56 47.93 9.36
C1 NAG D . 2.00 -43.68 -14.09
C2 NAG D . 0.59 -44.10 -14.48
C3 NAG D . -0.33 -43.84 -13.28
C4 NAG D . 0.14 -44.64 -12.07
C5 NAG D . 1.56 -44.23 -11.71
C6 NAG D . 2.17 -45.14 -10.65
C7 NAG D . 0.56 -43.12 -16.81
C8 NAG D . 0.03 -41.87 -17.46
N2 NAG D . -0.05 -43.51 -15.66
O3 NAG D . -1.68 -44.13 -13.60
O4 NAG D . -0.73 -44.33 -10.96
O5 NAG D . 2.42 -44.31 -12.88
O6 NAG D . 3.11 -44.46 -9.79
O7 NAG D . 1.47 -43.78 -17.31
C1 NAG D . -1.84 -45.11 -10.65
C2 NAG D . -2.61 -44.42 -9.53
C3 NAG D . -3.85 -45.26 -9.20
C4 NAG D . -4.68 -45.58 -10.44
C5 NAG D . -3.80 -46.16 -11.55
C6 NAG D . -4.51 -46.33 -12.89
C7 NAG D . -0.91 -43.18 -8.20
C8 NAG D . 0.53 -43.59 -8.37
N2 NAG D . -1.83 -44.16 -8.34
O3 NAG D . -4.68 -44.62 -8.23
O4 NAG D . -5.65 -46.53 -10.01
O5 NAG D . -2.68 -45.29 -11.79
O6 NAG D . -5.35 -45.23 -13.23
O7 NAG D . -1.21 -42.02 -7.91
ZN ZN E . 3.02 14.18 24.16
C1 NAG F . 17.68 1.66 41.81
C2 NAG F . 17.81 2.42 43.13
C3 NAG F . 18.42 1.53 44.22
C4 NAG F . 17.78 0.16 44.29
C5 NAG F . 17.89 -0.47 42.89
C6 NAG F . 17.35 -1.90 42.77
C7 NAG F . 18.13 4.86 43.35
C8 NAG F . 19.13 5.81 43.94
N2 NAG F . 18.58 3.65 43.00
O3 NAG F . 18.25 2.21 45.45
O4 NAG F . 18.38 -0.61 45.36
O5 NAG F . 17.11 0.36 42.00
O6 NAG F . 16.93 -2.27 41.45
O7 NAG F . 16.96 5.17 43.20
C1 NAG G . 22.57 -7.34 5.70
C2 NAG G . 23.18 -8.57 5.09
C3 NAG G . 24.26 -9.11 6.05
C4 NAG G . 25.34 -8.03 6.26
C5 NAG G . 24.74 -6.68 6.66
C6 NAG G . 25.76 -5.53 6.55
C7 NAG G . 21.52 -10.38 5.41
C8 NAG G . 20.92 -11.58 4.74
N2 NAG G . 22.29 -9.61 4.64
O3 NAG G . 24.80 -10.32 5.55
O4 NAG G . 26.26 -8.50 7.26
O5 NAG G . 23.58 -6.35 5.84
O6 NAG G . 25.50 -4.51 5.53
O7 NAG G . 21.25 -10.06 6.56
O1 PG4 H . -4.48 6.30 28.08
C1 PG4 H . -5.08 7.60 27.97
C2 PG4 H . -4.50 8.65 28.94
O2 PG4 H . -3.21 9.09 28.50
C3 PG4 H . -3.07 10.49 28.22
C4 PG4 H . -1.61 10.90 28.30
O3 PG4 H . -0.93 10.63 27.07
C5 PG4 H . 0.43 11.04 27.00
C6 PG4 H . 1.37 9.85 27.08
O4 PG4 H . 1.98 9.79 28.38
C7 PG4 H . 2.49 8.50 28.77
C8 PG4 H . 2.72 8.40 30.30
O5 PG4 H . 3.59 7.34 30.74
C1 EDO I . -15.83 -4.07 17.76
O1 EDO I . -15.32 -3.38 16.65
C2 EDO I . -15.58 -3.30 19.00
O2 EDO I . -16.62 -3.33 19.94
C1 PGE J . 1.66 -1.45 3.69
O1 PGE J . 1.09 -0.71 4.78
C2 PGE J . 2.90 -0.76 3.14
O2 PGE J . 2.55 0.15 2.10
C3 PGE J . 3.15 -0.12 0.82
C4 PGE J . 2.09 -0.42 -0.20
O4 PGE J . -0.28 -1.59 -2.02
C6 PGE J . 1.03 -1.32 -2.52
C5 PGE J . 1.45 0.14 -2.46
O3 PGE J . 2.21 0.48 -1.29
C1 PEG K . 7.89 8.00 44.73
O1 PEG K . 7.72 7.38 43.46
C2 PEG K . 6.57 8.28 45.41
O2 PEG K . 5.47 7.86 44.61
C3 PEG K . 4.23 8.53 44.90
C4 PEG K . 3.80 8.23 46.31
O4 PEG K . 2.71 9.02 46.70
CAA X94 L . 5.17 8.24 25.74
CAH X94 L . 5.02 9.53 24.90
CAK X94 L . 6.14 10.54 25.16
CAU X94 L . 6.17 11.73 24.16
CAP X94 L . 4.99 12.67 24.47
OAF X94 L . 4.95 13.36 25.60
OAC X94 L . 4.14 12.63 23.61
N X94 L . 7.47 12.46 24.14
CA X94 L . 7.69 13.49 23.11
CB X94 L . 9.09 14.02 23.28
C X94 L . 7.54 12.92 21.69
O X94 L . 7.89 11.76 21.46
NAX X94 L . 7.12 13.71 20.68
CAW X94 L . 6.77 15.15 20.71
CAL X94 L . 5.83 16.74 18.91
CAI X94 L . 6.48 17.86 19.72
CAJ X94 L . 7.71 17.50 20.55
CAM X94 L . 8.05 16.01 20.68
CAT X94 L . 5.98 15.32 19.43
CAN X94 L . 6.74 14.42 18.45
CAV X94 L . 7.12 13.21 19.30
CAQ X94 L . 8.49 12.69 18.92
OAD X94 L . 8.50 11.73 18.12
OAG X94 L . 9.46 13.16 19.52
CL CL M . -3.45 7.77 18.72
ZN ZN N . -7.11 -14.38 -23.45
C1 NAG O . 16.65 9.20 -15.42
C2 NAG O . 17.37 10.49 -15.11
C3 NAG O . 17.90 11.00 -16.44
C4 NAG O . 18.96 10.02 -16.95
C5 NAG O . 18.43 8.58 -17.08
C6 NAG O . 19.55 7.49 -17.18
C7 NAG O . 15.52 12.09 -14.73
C8 NAG O . 15.04 13.24 -13.91
N2 NAG O . 16.68 11.54 -14.37
O3 NAG O . 18.39 12.31 -16.21
O4 NAG O . 19.40 10.56 -18.20
O5 NAG O . 17.53 8.21 -15.98
O6 NAG O . 19.99 6.83 -15.92
O7 NAG O . 14.89 11.63 -15.68
C1 PEG P . -2.55 -34.81 -35.54
O1 PEG P . -1.33 -34.45 -34.89
C2 PEG P . -3.80 -34.42 -34.75
O2 PEG P . -4.76 -33.65 -35.50
C3 PEG P . -4.35 -33.17 -36.77
C4 PEG P . -5.42 -32.34 -37.38
O4 PEG P . -5.00 -31.74 -38.58
C1 PGE Q . -6.41 -30.08 -41.98
O1 PGE Q . -5.30 -30.65 -41.33
C2 PGE Q . -6.10 -29.69 -43.37
O2 PGE Q . -7.03 -28.70 -43.77
C3 PGE Q . -7.10 -28.55 -45.18
C4 PGE Q . -6.36 -27.34 -45.62
O4 PGE Q . -2.52 -27.63 -46.17
C6 PGE Q . -2.90 -26.35 -45.71
C5 PGE Q . -4.26 -26.35 -45.09
O3 PGE Q . -4.96 -27.54 -45.49
O1 PG4 R . 0.09 -32.02 -37.82
C1 PG4 R . 0.93 -33.10 -38.17
C2 PG4 R . 2.34 -32.65 -38.48
O2 PG4 R . 2.33 -31.31 -39.00
C3 PG4 R . 3.62 -30.83 -39.38
C4 PG4 R . 4.07 -31.20 -40.81
O3 PG4 R . 3.40 -30.43 -41.83
C5 PG4 R . 3.97 -30.48 -43.13
C6 PG4 R . 2.92 -30.98 -44.12
O4 PG4 R . 2.46 -30.01 -45.06
C7 PG4 R . 1.21 -29.36 -44.76
C8 PG4 R . 0.01 -30.30 -44.72
O5 PG4 R . -1.17 -29.66 -44.26
C1 PEG S . -11.61 -10.80 -24.26
O1 PEG S . -12.92 -11.24 -24.60
C2 PEG S . -10.63 -10.97 -25.40
O2 PEG S . -10.20 -9.71 -25.94
C3 PEG S . -10.72 -9.41 -27.26
C4 PEG S . -9.79 -8.47 -28.02
O4 PEG S . -10.35 -8.04 -29.26
C1 EDO T . -24.00 0.32 -9.62
O1 EDO T . -25.38 0.64 -9.59
C2 EDO T . -23.12 1.51 -9.44
O2 EDO T . -22.10 1.42 -8.44
C1 PEG U . -11.08 0.35 -2.07
O1 PEG U . -12.28 -0.40 -2.27
C2 PEG U . -9.83 -0.50 -2.14
O2 PEG U . -9.83 -1.28 -3.33
C3 PEG U . -8.81 -0.95 -4.30
C4 PEG U . -9.11 0.39 -4.95
O4 PEG U . -8.06 0.88 -5.78
CAA X94 V . -6.48 -8.39 -25.80
CAH X94 V . -5.38 -9.45 -25.88
CAK X94 V . -5.78 -10.62 -25.01
CAU X94 V . -4.69 -11.62 -24.64
CAP X94 V . -5.67 -12.75 -24.38
OAF X94 V . -6.02 -13.54 -25.32
OAC X94 V . -6.08 -12.71 -23.26
N X94 V . -3.52 -12.00 -25.47
CA X94 V . -2.72 -13.03 -24.77
CB X94 V . -1.60 -13.47 -25.69
C X94 V . -2.16 -12.52 -23.42
O X94 V . -1.86 -11.34 -23.25
NAX X94 V . -1.95 -13.36 -22.39
CAW X94 V . -2.17 -14.83 -22.31
CAL X94 V . -1.88 -16.49 -20.35
CAI X94 V . -1.84 -17.45 -21.52
CAJ X94 V . -0.94 -17.01 -22.66
CAM X94 V . -1.08 -15.56 -23.09
CAT X94 V . -2.18 -15.06 -20.78
CAN X94 V . -1.18 -14.03 -20.25
CAV X94 V . -1.37 -12.81 -21.15
CAQ X94 V . -0.07 -12.13 -21.40
OAD X94 V . 0.60 -12.54 -22.31
OAG X94 V . 0.24 -11.19 -20.65
CL CL W . -10.87 -8.53 -15.48
C1 NAG X . -3.85 -0.66 -45.40
C2 NAG X . -4.79 -1.25 -46.46
C3 NAG X . -5.39 -0.29 -47.51
C4 NAG X . -4.83 1.12 -47.46
C5 NAG X . -3.36 1.02 -47.06
C6 NAG X . -2.55 2.29 -47.23
C7 NAG X . -4.14 -3.61 -46.61
C8 NAG X . -2.89 -4.44 -46.65
N2 NAG X . -4.01 -2.35 -47.02
O3 NAG X . -6.80 -0.25 -47.38
O4 NAG X . -5.01 1.77 -48.73
O5 NAG X . -3.39 0.68 -45.65
O6 NAG X . -2.01 2.77 -45.99
O7 NAG X . -5.22 -4.08 -46.24
#